data_1XI6
# 
_entry.id   1XI6 
# 
_audit_conform.dict_name       mmcif_pdbx.dic 
_audit_conform.dict_version    5.380 
_audit_conform.dict_location   http://mmcif.pdb.org/dictionaries/ascii/mmcif_pdbx.dic 
# 
loop_
_database_2.database_id 
_database_2.database_code 
_database_2.pdbx_database_accession 
_database_2.pdbx_DOI 
PDB   1XI6         pdb_00001xi6 10.2210/pdb1xi6/pdb 
RCSB  RCSB030391   ?            ?                   
WWPDB D_1000030391 ?            ?                   
# 
_pdbx_database_related.db_name        TargetDB 
_pdbx_database_related.db_id          Pfu-1862794-001 
_pdbx_database_related.details        . 
_pdbx_database_related.content_type   unspecified 
# 
_pdbx_database_status.entry_id                        1XI6 
_pdbx_database_status.deposit_site                    RCSB 
_pdbx_database_status.process_site                    PDBJ 
_pdbx_database_status.recvd_initial_deposition_date   2004-09-21 
_pdbx_database_status.status_code                     REL 
_pdbx_database_status.SG_entry                        Y 
_pdbx_database_status.status_code_sf                  REL 
_pdbx_database_status.status_code_mr                  ? 
_pdbx_database_status.pdb_format_compatible           Y 
_pdbx_database_status.status_code_cs                  ? 
_pdbx_database_status.methods_development_category    ? 
_pdbx_database_status.status_code_nmr_data            ? 
# 
loop_
_audit_author.name 
_audit_author.pdbx_ordinal 
'Zhao, M.'                                                1  
'Chang, J.C.'                                             2  
'Zhou, W.'                                                3  
'Chen, L.'                                                4  
'Horanyi, P.'                                             5  
'Xu, H.'                                                  6  
'Yang, H.'                                                7  
'Liu, Z.-J.'                                              8  
'Habel, J.E.'                                             9  
'Lee, D.'                                                 10 
'Chang, S.-H.'                                            11 
'Rose, J.P.'                                              12 
'Wang, B.-C.'                                             13 
'Southeast Collaboratory for Structural Genomics (SECSG)' 14 
# 
_citation.id                        primary 
_citation.title                     'Extragenic suppressor from Pyrococcus furiosus Pfu-1862794-001' 
_citation.journal_abbrev            'To be published' 
_citation.journal_volume            ? 
_citation.page_first                ? 
_citation.page_last                 ? 
_citation.year                      ? 
_citation.journal_id_ASTM           ? 
_citation.country                   ? 
_citation.journal_id_ISSN           ? 
_citation.journal_id_CSD            0353 
_citation.book_publisher            ? 
_citation.pdbx_database_id_PubMed   ? 
_citation.pdbx_database_id_DOI      ? 
# 
loop_
_citation_author.citation_id 
_citation_author.name 
_citation_author.ordinal 
_citation_author.identifier_ORCID 
primary 'Zhao, M.'                                        1  ? 
primary 'Chang, J.C.'                                     2  ? 
primary 'Zhou, W.'                                        3  ? 
primary 'Chen, L.'                                        4  ? 
primary 'Horanyi, P.'                                     5  ? 
primary 'Xu, H.'                                          6  ? 
primary 'Yang, H.'                                        7  ? 
primary 'Liu, Z.-J.'                                      8  ? 
primary 'Habel, J.E.'                                     9  ? 
primary 'Lee, D.'                                         10 ? 
primary 'Chang, S.-H.'                                    11 ? 
primary 'Rose, J.P.'                                      12 ? 
primary 'Wang, B.-C.'                                     13 ? 
primary 'Southeast Collaboratory for Structural Genomics' 14 ? 
# 
_cell.entry_id           1XI6 
_cell.length_a           81.613 
_cell.length_b           81.613 
_cell.length_c           293.871 
_cell.angle_alpha        90.00 
_cell.angle_beta         90.00 
_cell.angle_gamma        90.00 
_cell.Z_PDB              16 
_cell.pdbx_unique_axis   ? 
# 
_symmetry.entry_id                         1XI6 
_symmetry.space_group_name_H-M             'I 41 2 2' 
_symmetry.pdbx_full_space_group_name_H-M   ? 
_symmetry.cell_setting                     ? 
_symmetry.Int_Tables_number                98 
_symmetry.space_group_name_Hall            ? 
# 
_entity.id                         1 
_entity.type                       polymer 
_entity.src_method                 man 
_entity.pdbx_description           'extragenic suppressor' 
_entity.formula_weight             28875.158 
_entity.pdbx_number_of_molecules   1 
_entity.pdbx_ec                    ? 
_entity.pdbx_mutation              ? 
_entity.pdbx_fragment              ? 
_entity.details                    ? 
# 
_entity_poly.entity_id                      1 
_entity_poly.type                           'polypeptide(L)' 
_entity_poly.nstd_linkage                   no 
_entity_poly.nstd_monomer                   no 
_entity_poly.pdbx_seq_one_letter_code       
;AHHHHHHGSKLKFWREVAIDIISDFETTIMPFFGNPDGGKLVKISPSGDETKLVDKLAEDLILSRITELGVNVVSEEVGV
IDNESEYTVIVDPLDGSYNFIAGIPFFALSLAVFKKDKPIYAIIYEPMTERFFEGIPGEGAFLNGKRIKVRKTPDEKPSI
SFYSRGKGHEIVKHVKRTRTLGAIALELAYLAMGALDGVVDVRKYVRPTDIAAGTIIAKEAGALIKDSAGKDIDISFNAT
DRLDVIAVNSEELLKTILSLLE
;
_entity_poly.pdbx_seq_one_letter_code_can   
;AHHHHHHGSKLKFWREVAIDIISDFETTIMPFFGNPDGGKLVKISPSGDETKLVDKLAEDLILSRITELGVNVVSEEVGV
IDNESEYTVIVDPLDGSYNFIAGIPFFALSLAVFKKDKPIYAIIYEPMTERFFEGIPGEGAFLNGKRIKVRKTPDEKPSI
SFYSRGKGHEIVKHVKRTRTLGAIALELAYLAMGALDGVVDVRKYVRPTDIAAGTIIAKEAGALIKDSAGKDIDISFNAT
DRLDVIAVNSEELLKTILSLLE
;
_entity_poly.pdbx_strand_id                 A 
_entity_poly.pdbx_target_identifier         Pfu-1862794-001 
# 
loop_
_entity_poly_seq.entity_id 
_entity_poly_seq.num 
_entity_poly_seq.mon_id 
_entity_poly_seq.hetero 
1 1   ALA n 
1 2   HIS n 
1 3   HIS n 
1 4   HIS n 
1 5   HIS n 
1 6   HIS n 
1 7   HIS n 
1 8   GLY n 
1 9   SER n 
1 10  LYS n 
1 11  LEU n 
1 12  LYS n 
1 13  PHE n 
1 14  TRP n 
1 15  ARG n 
1 16  GLU n 
1 17  VAL n 
1 18  ALA n 
1 19  ILE n 
1 20  ASP n 
1 21  ILE n 
1 22  ILE n 
1 23  SER n 
1 24  ASP n 
1 25  PHE n 
1 26  GLU n 
1 27  THR n 
1 28  THR n 
1 29  ILE n 
1 30  MET n 
1 31  PRO n 
1 32  PHE n 
1 33  PHE n 
1 34  GLY n 
1 35  ASN n 
1 36  PRO n 
1 37  ASP n 
1 38  GLY n 
1 39  GLY n 
1 40  LYS n 
1 41  LEU n 
1 42  VAL n 
1 43  LYS n 
1 44  ILE n 
1 45  SER n 
1 46  PRO n 
1 47  SER n 
1 48  GLY n 
1 49  ASP n 
1 50  GLU n 
1 51  THR n 
1 52  LYS n 
1 53  LEU n 
1 54  VAL n 
1 55  ASP n 
1 56  LYS n 
1 57  LEU n 
1 58  ALA n 
1 59  GLU n 
1 60  ASP n 
1 61  LEU n 
1 62  ILE n 
1 63  LEU n 
1 64  SER n 
1 65  ARG n 
1 66  ILE n 
1 67  THR n 
1 68  GLU n 
1 69  LEU n 
1 70  GLY n 
1 71  VAL n 
1 72  ASN n 
1 73  VAL n 
1 74  VAL n 
1 75  SER n 
1 76  GLU n 
1 77  GLU n 
1 78  VAL n 
1 79  GLY n 
1 80  VAL n 
1 81  ILE n 
1 82  ASP n 
1 83  ASN n 
1 84  GLU n 
1 85  SER n 
1 86  GLU n 
1 87  TYR n 
1 88  THR n 
1 89  VAL n 
1 90  ILE n 
1 91  VAL n 
1 92  ASP n 
1 93  PRO n 
1 94  LEU n 
1 95  ASP n 
1 96  GLY n 
1 97  SER n 
1 98  TYR n 
1 99  ASN n 
1 100 PHE n 
1 101 ILE n 
1 102 ALA n 
1 103 GLY n 
1 104 ILE n 
1 105 PRO n 
1 106 PHE n 
1 107 PHE n 
1 108 ALA n 
1 109 LEU n 
1 110 SER n 
1 111 LEU n 
1 112 ALA n 
1 113 VAL n 
1 114 PHE n 
1 115 LYS n 
1 116 LYS n 
1 117 ASP n 
1 118 LYS n 
1 119 PRO n 
1 120 ILE n 
1 121 TYR n 
1 122 ALA n 
1 123 ILE n 
1 124 ILE n 
1 125 TYR n 
1 126 GLU n 
1 127 PRO n 
1 128 MET n 
1 129 THR n 
1 130 GLU n 
1 131 ARG n 
1 132 PHE n 
1 133 PHE n 
1 134 GLU n 
1 135 GLY n 
1 136 ILE n 
1 137 PRO n 
1 138 GLY n 
1 139 GLU n 
1 140 GLY n 
1 141 ALA n 
1 142 PHE n 
1 143 LEU n 
1 144 ASN n 
1 145 GLY n 
1 146 LYS n 
1 147 ARG n 
1 148 ILE n 
1 149 LYS n 
1 150 VAL n 
1 151 ARG n 
1 152 LYS n 
1 153 THR n 
1 154 PRO n 
1 155 ASP n 
1 156 GLU n 
1 157 LYS n 
1 158 PRO n 
1 159 SER n 
1 160 ILE n 
1 161 SER n 
1 162 PHE n 
1 163 TYR n 
1 164 SER n 
1 165 ARG n 
1 166 GLY n 
1 167 LYS n 
1 168 GLY n 
1 169 HIS n 
1 170 GLU n 
1 171 ILE n 
1 172 VAL n 
1 173 LYS n 
1 174 HIS n 
1 175 VAL n 
1 176 LYS n 
1 177 ARG n 
1 178 THR n 
1 179 ARG n 
1 180 THR n 
1 181 LEU n 
1 182 GLY n 
1 183 ALA n 
1 184 ILE n 
1 185 ALA n 
1 186 LEU n 
1 187 GLU n 
1 188 LEU n 
1 189 ALA n 
1 190 TYR n 
1 191 LEU n 
1 192 ALA n 
1 193 MET n 
1 194 GLY n 
1 195 ALA n 
1 196 LEU n 
1 197 ASP n 
1 198 GLY n 
1 199 VAL n 
1 200 VAL n 
1 201 ASP n 
1 202 VAL n 
1 203 ARG n 
1 204 LYS n 
1 205 TYR n 
1 206 VAL n 
1 207 ARG n 
1 208 PRO n 
1 209 THR n 
1 210 ASP n 
1 211 ILE n 
1 212 ALA n 
1 213 ALA n 
1 214 GLY n 
1 215 THR n 
1 216 ILE n 
1 217 ILE n 
1 218 ALA n 
1 219 LYS n 
1 220 GLU n 
1 221 ALA n 
1 222 GLY n 
1 223 ALA n 
1 224 LEU n 
1 225 ILE n 
1 226 LYS n 
1 227 ASP n 
1 228 SER n 
1 229 ALA n 
1 230 GLY n 
1 231 LYS n 
1 232 ASP n 
1 233 ILE n 
1 234 ASP n 
1 235 ILE n 
1 236 SER n 
1 237 PHE n 
1 238 ASN n 
1 239 ALA n 
1 240 THR n 
1 241 ASP n 
1 242 ARG n 
1 243 LEU n 
1 244 ASP n 
1 245 VAL n 
1 246 ILE n 
1 247 ALA n 
1 248 VAL n 
1 249 ASN n 
1 250 SER n 
1 251 GLU n 
1 252 GLU n 
1 253 LEU n 
1 254 LEU n 
1 255 LYS n 
1 256 THR n 
1 257 ILE n 
1 258 LEU n 
1 259 SER n 
1 260 LEU n 
1 261 LEU n 
1 262 GLU n 
# 
_entity_src_gen.entity_id                          1 
_entity_src_gen.pdbx_src_id                        1 
_entity_src_gen.pdbx_alt_source_flag               sample 
_entity_src_gen.pdbx_seq_type                      ? 
_entity_src_gen.pdbx_beg_seq_num                   ? 
_entity_src_gen.pdbx_end_seq_num                   ? 
_entity_src_gen.gene_src_common_name               ? 
_entity_src_gen.gene_src_genus                     Pyrococcus 
_entity_src_gen.pdbx_gene_src_gene                 ? 
_entity_src_gen.gene_src_species                   ? 
_entity_src_gen.gene_src_strain                    ? 
_entity_src_gen.gene_src_tissue                    ? 
_entity_src_gen.gene_src_tissue_fraction           ? 
_entity_src_gen.gene_src_details                   ? 
_entity_src_gen.pdbx_gene_src_fragment             ? 
_entity_src_gen.pdbx_gene_src_scientific_name      'Pyrococcus furiosus' 
_entity_src_gen.pdbx_gene_src_ncbi_taxonomy_id     2261 
_entity_src_gen.pdbx_gene_src_variant              ? 
_entity_src_gen.pdbx_gene_src_cell_line            ? 
_entity_src_gen.pdbx_gene_src_atcc                 ? 
_entity_src_gen.pdbx_gene_src_organ                ? 
_entity_src_gen.pdbx_gene_src_organelle            ? 
_entity_src_gen.pdbx_gene_src_cell                 ? 
_entity_src_gen.pdbx_gene_src_cellular_location    ? 
_entity_src_gen.host_org_common_name               ? 
_entity_src_gen.pdbx_host_org_scientific_name      'Escherichia coli' 
_entity_src_gen.pdbx_host_org_ncbi_taxonomy_id     562 
_entity_src_gen.host_org_genus                     Escherichia 
_entity_src_gen.pdbx_host_org_gene                 ? 
_entity_src_gen.pdbx_host_org_organ                ? 
_entity_src_gen.host_org_species                   ? 
_entity_src_gen.pdbx_host_org_tissue               ? 
_entity_src_gen.pdbx_host_org_tissue_fraction      ? 
_entity_src_gen.pdbx_host_org_strain               'BL21 Star DE3 pRIL' 
_entity_src_gen.pdbx_host_org_variant              ? 
_entity_src_gen.pdbx_host_org_cell_line            ? 
_entity_src_gen.pdbx_host_org_atcc                 ? 
_entity_src_gen.pdbx_host_org_culture_collection   ? 
_entity_src_gen.pdbx_host_org_cell                 ? 
_entity_src_gen.pdbx_host_org_organelle            ? 
_entity_src_gen.pdbx_host_org_cellular_location    ? 
_entity_src_gen.pdbx_host_org_vector_type          plasmid 
_entity_src_gen.pdbx_host_org_vector               ? 
_entity_src_gen.host_org_details                   ? 
_entity_src_gen.expression_system_id               ? 
_entity_src_gen.plasmid_name                       'pET24d Bam' 
_entity_src_gen.plasmid_details                    ? 
_entity_src_gen.pdbx_description                   ? 
# 
_struct_ref.id                         1 
_struct_ref.db_name                    UNP 
_struct_ref.db_code                    Q8TZH9_PYRFU 
_struct_ref.pdbx_db_accession          Q8TZH9 
_struct_ref.entity_id                  1 
_struct_ref.pdbx_seq_one_letter_code   
;KLKFWREVAIDIISDFETTIMPFFGNPDGGKLVKISPSGDETKLVDKLAEDLILSRITELGVNVVSEEVGVIDNESEYTV
IVDPLDGSYNFIAGIPFFALSLAVFKKDKPIYAIIYEPMTERFFEGIPGEGAFLNGKRIKVRKTPDEKPSISFYSRGKGH
EIVKHVKRTRTLGAIALELAYLAMGALDGVVDVRKYVRPTDIAAGTIIAKEAGALIKDSAGKDIDISFNATDRLDVIAVN
SEELLKTILSLLE
;
_struct_ref.pdbx_align_begin           2 
_struct_ref.pdbx_db_isoform            ? 
# 
_struct_ref_seq.align_id                      1 
_struct_ref_seq.ref_id                        1 
_struct_ref_seq.pdbx_PDB_id_code              1XI6 
_struct_ref_seq.pdbx_strand_id                A 
_struct_ref_seq.seq_align_beg                 10 
_struct_ref_seq.pdbx_seq_align_beg_ins_code   ? 
_struct_ref_seq.seq_align_end                 262 
_struct_ref_seq.pdbx_seq_align_end_ins_code   ? 
_struct_ref_seq.pdbx_db_accession             Q8TZH9 
_struct_ref_seq.db_align_beg                  2 
_struct_ref_seq.pdbx_db_align_beg_ins_code    ? 
_struct_ref_seq.db_align_end                  254 
_struct_ref_seq.pdbx_db_align_end_ins_code    ? 
_struct_ref_seq.pdbx_auth_seq_align_beg       2 
_struct_ref_seq.pdbx_auth_seq_align_end       254 
# 
loop_
_struct_ref_seq_dif.align_id 
_struct_ref_seq_dif.pdbx_pdb_id_code 
_struct_ref_seq_dif.mon_id 
_struct_ref_seq_dif.pdbx_pdb_strand_id 
_struct_ref_seq_dif.seq_num 
_struct_ref_seq_dif.pdbx_pdb_ins_code 
_struct_ref_seq_dif.pdbx_seq_db_name 
_struct_ref_seq_dif.pdbx_seq_db_accession_code 
_struct_ref_seq_dif.db_mon_id 
_struct_ref_seq_dif.pdbx_seq_db_seq_num 
_struct_ref_seq_dif.details 
_struct_ref_seq_dif.pdbx_auth_seq_num 
_struct_ref_seq_dif.pdbx_ordinal 
1 1XI6 ALA A 1 ? UNP Q8TZH9 ? ? 'expression tag' -7 1 
1 1XI6 HIS A 2 ? UNP Q8TZH9 ? ? 'expression tag' -6 2 
1 1XI6 HIS A 3 ? UNP Q8TZH9 ? ? 'expression tag' -5 3 
1 1XI6 HIS A 4 ? UNP Q8TZH9 ? ? 'expression tag' -4 4 
1 1XI6 HIS A 5 ? UNP Q8TZH9 ? ? 'expression tag' -3 5 
1 1XI6 HIS A 6 ? UNP Q8TZH9 ? ? 'expression tag' -2 6 
1 1XI6 HIS A 7 ? UNP Q8TZH9 ? ? 'expression tag' -1 7 
1 1XI6 GLY A 8 ? UNP Q8TZH9 ? ? 'expression tag' 0  8 
1 1XI6 SER A 9 ? UNP Q8TZH9 ? ? 'expression tag' 1  9 
# 
loop_
_chem_comp.id 
_chem_comp.type 
_chem_comp.mon_nstd_flag 
_chem_comp.name 
_chem_comp.pdbx_synonyms 
_chem_comp.formula 
_chem_comp.formula_weight 
ALA 'L-peptide linking' y ALANINE         ? 'C3 H7 N O2'     89.093  
ARG 'L-peptide linking' y ARGININE        ? 'C6 H15 N4 O2 1' 175.209 
ASN 'L-peptide linking' y ASPARAGINE      ? 'C4 H8 N2 O3'    132.118 
ASP 'L-peptide linking' y 'ASPARTIC ACID' ? 'C4 H7 N O4'     133.103 
GLU 'L-peptide linking' y 'GLUTAMIC ACID' ? 'C5 H9 N O4'     147.129 
GLY 'peptide linking'   y GLYCINE         ? 'C2 H5 N O2'     75.067  
HIS 'L-peptide linking' y HISTIDINE       ? 'C6 H10 N3 O2 1' 156.162 
ILE 'L-peptide linking' y ISOLEUCINE      ? 'C6 H13 N O2'    131.173 
LEU 'L-peptide linking' y LEUCINE         ? 'C6 H13 N O2'    131.173 
LYS 'L-peptide linking' y LYSINE          ? 'C6 H15 N2 O2 1' 147.195 
MET 'L-peptide linking' y METHIONINE      ? 'C5 H11 N O2 S'  149.211 
PHE 'L-peptide linking' y PHENYLALANINE   ? 'C9 H11 N O2'    165.189 
PRO 'L-peptide linking' y PROLINE         ? 'C5 H9 N O2'     115.130 
SER 'L-peptide linking' y SERINE          ? 'C3 H7 N O3'     105.093 
THR 'L-peptide linking' y THREONINE       ? 'C4 H9 N O3'     119.119 
TRP 'L-peptide linking' y TRYPTOPHAN      ? 'C11 H12 N2 O2'  204.225 
TYR 'L-peptide linking' y TYROSINE        ? 'C9 H11 N O3'    181.189 
VAL 'L-peptide linking' y VALINE          ? 'C5 H11 N O2'    117.146 
# 
_exptl.crystals_number   3 
_exptl.method            'X-RAY DIFFRACTION' 
_exptl.entry_id          1XI6 
# 
_exptl_crystal.id                    1 
_exptl_crystal.density_meas          ? 
_exptl_crystal.density_percent_sol   70.97 
_exptl_crystal.density_Matthews      4.24 
_exptl_crystal.description           ? 
_exptl_crystal.F_000                 ? 
_exptl_crystal.preparation           ? 
# 
_exptl_crystal_grow.crystal_id      1 
_exptl_crystal_grow.method          'modified microbatch' 
_exptl_crystal_grow.pH              6.2 
_exptl_crystal_grow.temp            291 
_exptl_crystal_grow.pdbx_details    
'0.3-0.9M ammonium dihydrogen phosphate, 30%v/v glycerol, 0.07M MES, pH 6.2, modified microbatch, temperature 291K' 
_exptl_crystal_grow.temp_details    ? 
_exptl_crystal_grow.pdbx_pH_range   . 
# 
loop_
_diffrn.id 
_diffrn.ambient_temp 
_diffrn.ambient_temp_details 
_diffrn.crystal_id 
1 100 ? 1 
2 ?   ? 1 
3 ?   ? 1 
# 
_diffrn_detector.diffrn_id              1 
_diffrn_detector.detector               CCD 
_diffrn_detector.type                   'MAR CCD 165 mm' 
_diffrn_detector.pdbx_collection_date   2003-07-13 
_diffrn_detector.details                ? 
# 
_diffrn_radiation.diffrn_id                        1 
_diffrn_radiation.pdbx_diffrn_protocol             'SINGLE WAVELENGTH' 
_diffrn_radiation.monochromator                    ? 
_diffrn_radiation.wavelength_id                    1 
_diffrn_radiation.pdbx_monochromatic_or_laue_m_l   M 
_diffrn_radiation.pdbx_scattering_type             x-ray 
# 
_diffrn_radiation_wavelength.id           1 
_diffrn_radiation_wavelength.wavelength   0.9700 
_diffrn_radiation_wavelength.wt           1.0 
# 
_diffrn_source.diffrn_id                   1 
_diffrn_source.source                      SYNCHROTRON 
_diffrn_source.type                        'APS BEAMLINE 22-ID' 
_diffrn_source.pdbx_wavelength_list        0.9700 
_diffrn_source.pdbx_wavelength             ? 
_diffrn_source.pdbx_synchrotron_site       APS 
_diffrn_source.pdbx_synchrotron_beamline   22-ID 
# 
_reflns.d_resolution_low             50.00 
_reflns.d_resolution_high            2.40 
_reflns.number_obs                   16734 
_reflns.percent_possible_obs         83.400 
_reflns.pdbx_Rmerge_I_obs            0.136 
_reflns.pdbx_chi_squared             1.545 
_reflns.entry_id                     1XI6 
_reflns.observed_criterion_sigma_F   ? 
_reflns.observed_criterion_sigma_I   ? 
_reflns.number_all                   ? 
_reflns.pdbx_Rsym_value              ? 
_reflns.pdbx_netI_over_sigmaI        ? 
_reflns.B_iso_Wilson_estimate        ? 
_reflns.pdbx_redundancy              ? 
_reflns.R_free_details               ? 
_reflns.limit_h_max                  ? 
_reflns.limit_h_min                  ? 
_reflns.limit_k_max                  ? 
_reflns.limit_k_min                  ? 
_reflns.limit_l_max                  ? 
_reflns.limit_l_min                  ? 
_reflns.observed_criterion_F_max     ? 
_reflns.observed_criterion_F_min     ? 
_reflns.pdbx_scaling_rejects         ? 
_reflns.pdbx_diffrn_id               1 
_reflns.pdbx_ordinal                 1 
# 
loop_
_reflns_shell.d_res_low 
_reflns_shell.d_res_high 
_reflns_shell.number_measured_all 
_reflns_shell.percent_possible_all 
_reflns_shell.Rmerge_I_obs 
_reflns_shell.pdbx_chi_squared 
_reflns_shell.number_unique_all 
_reflns_shell.meanI_over_sigI_obs 
_reflns_shell.pdbx_Rsym_value 
_reflns_shell.percent_possible_obs 
_reflns_shell.pdbx_redundancy 
_reflns_shell.number_measured_obs 
_reflns_shell.number_unique_obs 
_reflns_shell.pdbx_diffrn_id 
_reflns_shell.pdbx_ordinal 
2.49  2.40 640  33.100  0.254 0.594 ? ? ? ? ? ? ? ? 1  
2.59  2.49 1051 53.400  0.342 0.771 ? ? ? ? ? ? ? ? 2  
2.70  2.59 1337 68.400  0.355 1.011 ? ? ? ? ? ? ? ? 3  
2.85  2.70 1610 81.400  0.304 1.024 ? ? ? ? ? ? ? ? 4  
3.02  2.85 1862 93.500  0.344 0.991 ? ? ? ? ? ? ? ? 5  
3.26  3.02 1995 99.900  0.345 1.028 ? ? ? ? ? ? ? ? 6  
3.58  3.26 1994 100.000 0.246 1.375 ? ? ? ? ? ? ? ? 7  
4.10  3.58 2012 100.000 0.162 1.790 ? ? ? ? ? ? ? ? 8  
5.17  4.10 2053 100.000 0.115 2.054 ? ? ? ? ? ? ? ? 9  
50.00 5.17 2180 99.500  0.093 1.925 ? ? ? ? ? ? ? ? 10 
# 
_refine.ls_number_reflns_obs                     11906 
_refine.ls_number_reflns_all                     ? 
_refine.pdbx_ls_sigma_I                          ? 
_refine.pdbx_ls_sigma_F                          ? 
_refine.pdbx_data_cutoff_high_absF               ? 
_refine.pdbx_data_cutoff_low_absF                ? 
_refine.pdbx_data_cutoff_high_rms_absF           ? 
_refine.ls_d_res_low                             26.86 
_refine.ls_d_res_high                            2.80 
_refine.ls_percent_reflns_obs                    98.26 
_refine.ls_R_factor_obs                          0.27224 
_refine.ls_R_factor_all                          ? 
_refine.ls_R_factor_R_work                       0.27094 
_refine.ls_R_factor_R_free                       0.29828 
_refine.ls_R_factor_R_free_error                 ? 
_refine.ls_R_factor_R_free_error_details         ? 
_refine.ls_percent_reflns_R_free                 4.9 
_refine.ls_number_reflns_R_free                  612 
_refine.ls_number_parameters                     ? 
_refine.ls_number_restraints                     ? 
_refine.occupancy_min                            ? 
_refine.occupancy_max                            ? 
_refine.correlation_coeff_Fo_to_Fc               0.908 
_refine.correlation_coeff_Fo_to_Fc_free          0.871 
_refine.B_iso_mean                               46.619 
_refine.aniso_B[1][1]                            -0.08 
_refine.aniso_B[2][2]                            -0.08 
_refine.aniso_B[3][3]                            0.17 
_refine.aniso_B[1][2]                            0.00 
_refine.aniso_B[1][3]                            0.00 
_refine.aniso_B[2][3]                            0.00 
_refine.solvent_model_details                    'BABINET MODEL WITH MASK' 
_refine.solvent_model_param_ksol                 ? 
_refine.solvent_model_param_bsol                 ? 
_refine.pdbx_solvent_vdw_probe_radii             1.20 
_refine.pdbx_solvent_ion_probe_radii             0.80 
_refine.pdbx_solvent_shrinkage_radii             0.80 
_refine.pdbx_ls_cross_valid_method               THROUGHOUT 
_refine.details                                  ? 
_refine.pdbx_starting_model                      'PDB entry 1DK4' 
_refine.pdbx_method_to_determine_struct          'MOLECULAR REPLACEMENT' 
_refine.pdbx_isotropic_thermal_model             ? 
_refine.pdbx_stereochemistry_target_values       'MAXIMUM LIKELIHOOD' 
_refine.pdbx_stereochem_target_val_spec_case     ? 
_refine.pdbx_R_Free_selection_details            RANDOM 
_refine.pdbx_overall_ESU_R                       0.447 
_refine.pdbx_overall_ESU_R_Free                  0.323 
_refine.overall_SU_ML                            0.272 
_refine.overall_SU_B                             13.979 
_refine.ls_redundancy_reflns_obs                 ? 
_refine.B_iso_min                                ? 
_refine.B_iso_max                                ? 
_refine.overall_SU_R_Cruickshank_DPI             ? 
_refine.overall_SU_R_free                        ? 
_refine.ls_wR_factor_R_free                      ? 
_refine.ls_wR_factor_R_work                      ? 
_refine.overall_FOM_free_R_set                   ? 
_refine.overall_FOM_work_R_set                   ? 
_refine.entry_id                                 1XI6 
_refine.pdbx_refine_id                           'X-RAY DIFFRACTION' 
_refine.pdbx_diffrn_id                           1 
_refine.pdbx_TLS_residual_ADP_flag               ? 
_refine.pdbx_overall_phase_error                 ? 
_refine.pdbx_overall_SU_R_free_Cruickshank_DPI   ? 
_refine.pdbx_overall_SU_R_Blow_DPI               ? 
_refine.pdbx_overall_SU_R_free_Blow_DPI          ? 
# 
_refine_hist.pdbx_refine_id                   'X-RAY DIFFRACTION' 
_refine_hist.cycle_id                         LAST 
_refine_hist.pdbx_number_atoms_protein        1696 
_refine_hist.pdbx_number_atoms_nucleic_acid   0 
_refine_hist.pdbx_number_atoms_ligand         0 
_refine_hist.number_atoms_solvent             0 
_refine_hist.number_atoms_total               1696 
_refine_hist.d_res_high                       2.80 
_refine_hist.d_res_low                        26.86 
# 
loop_
_refine_ls_restr.type 
_refine_ls_restr.dev_ideal 
_refine_ls_restr.dev_ideal_target 
_refine_ls_restr.weight 
_refine_ls_restr.number 
_refine_ls_restr.pdbx_refine_id 
_refine_ls_restr.pdbx_restraint_function 
r_bond_refined_d         0.011  0.022  ? 1722 'X-RAY DIFFRACTION' ? 
r_bond_other_d           ?      ?      ? ?    'X-RAY DIFFRACTION' ? 
r_angle_refined_deg      1.334  1.974  ? 2343 'X-RAY DIFFRACTION' ? 
r_angle_other_deg        ?      ?      ? ?    'X-RAY DIFFRACTION' ? 
r_dihedral_angle_1_deg   7.318  5.000  ? 231  'X-RAY DIFFRACTION' ? 
r_dihedral_angle_2_deg   35.137 24.375 ? 64   'X-RAY DIFFRACTION' ? 
r_dihedral_angle_3_deg   15.609 15.000 ? 253  'X-RAY DIFFRACTION' ? 
r_dihedral_angle_4_deg   16.642 15.000 ? 8    'X-RAY DIFFRACTION' ? 
r_chiral_restr           0.076  0.200  ? 286  'X-RAY DIFFRACTION' ? 
r_gen_planes_refined     0.003  0.020  ? 1281 'X-RAY DIFFRACTION' ? 
r_gen_planes_other       ?      ?      ? ?    'X-RAY DIFFRACTION' ? 
r_nbd_refined            0.195  0.200  ? 755  'X-RAY DIFFRACTION' ? 
r_nbd_other              ?      ?      ? ?    'X-RAY DIFFRACTION' ? 
r_nbtor_refined          0.298  0.200  ? 1205 'X-RAY DIFFRACTION' ? 
r_nbtor_other            ?      ?      ? ?    'X-RAY DIFFRACTION' ? 
r_xyhbond_nbd_refined    0.084  0.200  ? 48   'X-RAY DIFFRACTION' ? 
r_xyhbond_nbd_other      ?      ?      ? ?    'X-RAY DIFFRACTION' ? 
r_metal_ion_refined      ?      ?      ? ?    'X-RAY DIFFRACTION' ? 
r_metal_ion_other        ?      ?      ? ?    'X-RAY DIFFRACTION' ? 
r_symmetry_vdw_refined   0.221  0.200  ? 31   'X-RAY DIFFRACTION' ? 
r_symmetry_vdw_other     ?      ?      ? ?    'X-RAY DIFFRACTION' ? 
r_symmetry_hbond_refined 0.112  0.200  ? 3    'X-RAY DIFFRACTION' ? 
r_symmetry_hbond_other   ?      ?      ? ?    'X-RAY DIFFRACTION' ? 
r_mcbond_it              0.000  1.500  ? 1179 'X-RAY DIFFRACTION' ? 
r_mcbond_other           ?      ?      ? ?    'X-RAY DIFFRACTION' ? 
r_mcangle_it             0.000  2.000  ? 1836 'X-RAY DIFFRACTION' ? 
r_scbond_it              0.000  3.000  ? 609  'X-RAY DIFFRACTION' ? 
r_scangle_it             0.000  4.500  ? 507  'X-RAY DIFFRACTION' ? 
r_rigid_bond_restr       ?      ?      ? ?    'X-RAY DIFFRACTION' ? 
r_sphericity_free        ?      ?      ? ?    'X-RAY DIFFRACTION' ? 
r_sphericity_bonded      ?      ?      ? ?    'X-RAY DIFFRACTION' ? 
# 
loop_
_refine_ls_shell.pdbx_total_number_of_bins_used 
_refine_ls_shell.d_res_low 
_refine_ls_shell.d_res_high 
_refine_ls_shell.number_reflns_all 
_refine_ls_shell.percent_reflns_obs 
_refine_ls_shell.number_reflns_R_work 
_refine_ls_shell.R_factor_R_work 
_refine_ls_shell.number_reflns_R_free 
_refine_ls_shell.R_factor_R_free 
_refine_ls_shell.number_reflns_obs 
_refine_ls_shell.R_factor_R_free_error 
_refine_ls_shell.percent_reflns_R_free 
_refine_ls_shell.redundancy_reflns_obs 
_refine_ls_shell.pdbx_refine_id 
_refine_ls_shell.R_factor_all 
20 2.873  2.801  906 86.55   745 0.436 40 0.329 . . . . 'X-RAY DIFFRACTION' . 
20 2.950  2.873  881 92.054  769 0.367 42 0.364 . . . . 'X-RAY DIFFRACTION' . 
20 3.035  2.950  876 96.918  798 0.349 51 0.405 . . . . 'X-RAY DIFFRACTION' . 
20 3.127  3.035  822 100.000 796 0.337 26 0.469 . . . . 'X-RAY DIFFRACTION' . 
20 3.228  3.127  826 100.000 784 0.322 42 0.325 . . . . 'X-RAY DIFFRACTION' . 
20 3.340  3.228  790 100.000 749 0.314 41 0.406 . . . . 'X-RAY DIFFRACTION' . 
20 3.464  3.340  761 100.000 719 0.303 42 0.272 . . . . 'X-RAY DIFFRACTION' . 
20 3.603  3.464  752 100.000 720 0.275 32 0.249 . . . . 'X-RAY DIFFRACTION' . 
20 3.760  3.603  715 100.000 685 0.276 30 0.315 . . . . 'X-RAY DIFFRACTION' . 
20 3.939  3.760  684 99.854  643 0.244 40 0.312 . . . . 'X-RAY DIFFRACTION' . 
20 4.147  3.939  657 99.848  626 0.249 30 0.25  . . . . 'X-RAY DIFFRACTION' . 
20 4.392  4.147  618 100.000 587 0.236 31 0.263 . . . . 'X-RAY DIFFRACTION' . 
20 4.687  4.392  587 100.000 557 0.238 30 0.35  . . . . 'X-RAY DIFFRACTION' . 
20 5.049  4.687  557 100.000 531 0.225 26 0.299 . . . . 'X-RAY DIFFRACTION' . 
20 5.512  5.049  514 100.000 482 0.239 32 0.238 . . . . 'X-RAY DIFFRACTION' . 
20 6.130  5.512  476 100.000 457 0.28  19 0.267 . . . . 'X-RAY DIFFRACTION' . 
20 7.018  6.130  422 100.000 397 0.289 25 0.327 . . . . 'X-RAY DIFFRACTION' . 
20 8.452  7.018  373 100.000 361 0.239 12 0.249 . . . . 'X-RAY DIFFRACTION' . 
20 11.402 8.452  309 100.000 296 0.188 13 0.205 . . . . 'X-RAY DIFFRACTION' . 
20 26.861 11.402 215 99.535  206 0.343 8  0.237 . . . . 'X-RAY DIFFRACTION' . 
# 
_struct.entry_id                  1XI6 
_struct.title                     'Extragenic suppressor from Pyrococcus furiosus Pfu-1862794-001' 
_struct.pdbx_model_details        ? 
_struct.pdbx_CASP_flag            ? 
_struct.pdbx_model_type_details   ? 
# 
_struct_keywords.text            
;Structural genomics, Pyrococcus furiosus, extragenic suppressor, Southeast Collaboratory for Structural Genomics, hyperthermophile, PSI, Protein Structure Initiative, SECSG, unknown function
;
_struct_keywords.entry_id        1XI6 
_struct_keywords.pdbx_keywords   'Structural genomics, unknown function' 
# 
_struct_asym.id                            A 
_struct_asym.pdbx_blank_PDB_chainid_flag   N 
_struct_asym.pdbx_modified                 N 
_struct_asym.entity_id                     1 
_struct_asym.details                       ? 
# 
loop_
_struct_conf.conf_type_id 
_struct_conf.id 
_struct_conf.pdbx_PDB_helix_id 
_struct_conf.beg_label_comp_id 
_struct_conf.beg_label_asym_id 
_struct_conf.beg_label_seq_id 
_struct_conf.pdbx_beg_PDB_ins_code 
_struct_conf.end_label_comp_id 
_struct_conf.end_label_asym_id 
_struct_conf.end_label_seq_id 
_struct_conf.pdbx_end_PDB_ins_code 
_struct_conf.beg_auth_comp_id 
_struct_conf.beg_auth_asym_id 
_struct_conf.beg_auth_seq_id 
_struct_conf.end_auth_comp_id 
_struct_conf.end_auth_asym_id 
_struct_conf.end_auth_seq_id 
_struct_conf.pdbx_PDB_helix_class 
_struct_conf.details 
_struct_conf.pdbx_PDB_helix_length 
HELX_P HELX_P1  1  LYS A 10  ? ILE A 29  ? LYS A 2   ILE A 21  1 ? 20 
HELX_P HELX_P2  2  MET A 30  ? PHE A 33  ? MET A 22  PHE A 25  5 ? 4  
HELX_P HELX_P3  3  ASN A 35  ? LYS A 40  ? ASN A 27  LYS A 32  5 ? 6  
HELX_P HELX_P4  4  LYS A 52  ? THR A 67  ? LYS A 44  THR A 59  1 ? 16 
HELX_P HELX_P5  5  GLU A 68  ? GLY A 70  ? GLU A 60  GLY A 62  5 ? 3  
HELX_P HELX_P6  6  GLY A 96  ? GLY A 103 ? GLY A 88  GLY A 95  1 ? 8  
HELX_P HELX_P7  7  ILE A 171 ? VAL A 175 ? ILE A 163 VAL A 167 5 ? 5  
HELX_P HELX_P8  8  ALA A 183 ? GLY A 194 ? ALA A 175 GLY A 186 1 ? 12 
HELX_P HELX_P9  9  ARG A 207 ? GLU A 220 ? ARG A 199 GLU A 212 1 ? 14 
HELX_P HELX_P10 10 SER A 250 ? LEU A 258 ? SER A 242 LEU A 250 1 ? 9  
# 
_struct_conf_type.id          HELX_P 
_struct_conf_type.criteria    ? 
_struct_conf_type.reference   ? 
# 
loop_
_struct_sheet.id 
_struct_sheet.type 
_struct_sheet.number_strands 
_struct_sheet.details 
A ? 8 ? 
B ? 5 ? 
# 
loop_
_struct_sheet_order.sheet_id 
_struct_sheet_order.range_id_1 
_struct_sheet_order.range_id_2 
_struct_sheet_order.offset 
_struct_sheet_order.sense 
A 1 2 ? anti-parallel 
A 2 3 ? parallel      
A 3 4 ? anti-parallel 
A 4 5 ? anti-parallel 
A 5 6 ? anti-parallel 
A 6 7 ? anti-parallel 
A 7 8 ? anti-parallel 
B 1 2 ? parallel      
B 2 3 ? parallel      
B 3 4 ? anti-parallel 
B 4 5 ? anti-parallel 
# 
loop_
_struct_sheet_range.sheet_id 
_struct_sheet_range.id 
_struct_sheet_range.beg_label_comp_id 
_struct_sheet_range.beg_label_asym_id 
_struct_sheet_range.beg_label_seq_id 
_struct_sheet_range.pdbx_beg_PDB_ins_code 
_struct_sheet_range.end_label_comp_id 
_struct_sheet_range.end_label_asym_id 
_struct_sheet_range.end_label_seq_id 
_struct_sheet_range.pdbx_end_PDB_ins_code 
_struct_sheet_range.beg_auth_comp_id 
_struct_sheet_range.beg_auth_asym_id 
_struct_sheet_range.beg_auth_seq_id 
_struct_sheet_range.end_auth_comp_id 
_struct_sheet_range.end_auth_asym_id 
_struct_sheet_range.end_auth_seq_id 
A 1 GLY A 79  ? ILE A 81  ? GLY A 71  ILE A 73  
A 2 ASN A 72  ? SER A 75  ? ASN A 64  SER A 67  
A 3 TYR A 87  ? ASP A 95  ? TYR A 79  ASP A 87  
A 4 ALA A 108 ? LYS A 115 ? ALA A 100 LYS A 107 
A 5 LYS A 118 ? GLU A 126 ? LYS A 110 GLU A 118 
A 6 ARG A 131 ? ILE A 136 ? ARG A 123 ILE A 128 
A 7 GLY A 140 ? LEU A 143 ? GLY A 132 LEU A 135 
A 8 LYS A 146 ? ARG A 147 ? LYS A 138 ARG A 139 
B 1 THR A 178 ? ARG A 179 ? THR A 170 ARG A 171 
B 2 ILE A 160 ? TYR A 163 ? ILE A 152 TYR A 155 
B 3 GLY A 198 ? VAL A 206 ? GLY A 190 VAL A 198 
B 4 LEU A 243 ? VAL A 248 ? LEU A 235 VAL A 240 
B 5 LEU A 224 ? LYS A 226 ? LEU A 216 LYS A 218 
# 
loop_
_pdbx_struct_sheet_hbond.sheet_id 
_pdbx_struct_sheet_hbond.range_id_1 
_pdbx_struct_sheet_hbond.range_id_2 
_pdbx_struct_sheet_hbond.range_1_label_atom_id 
_pdbx_struct_sheet_hbond.range_1_label_comp_id 
_pdbx_struct_sheet_hbond.range_1_label_asym_id 
_pdbx_struct_sheet_hbond.range_1_label_seq_id 
_pdbx_struct_sheet_hbond.range_1_PDB_ins_code 
_pdbx_struct_sheet_hbond.range_1_auth_atom_id 
_pdbx_struct_sheet_hbond.range_1_auth_comp_id 
_pdbx_struct_sheet_hbond.range_1_auth_asym_id 
_pdbx_struct_sheet_hbond.range_1_auth_seq_id 
_pdbx_struct_sheet_hbond.range_2_label_atom_id 
_pdbx_struct_sheet_hbond.range_2_label_comp_id 
_pdbx_struct_sheet_hbond.range_2_label_asym_id 
_pdbx_struct_sheet_hbond.range_2_label_seq_id 
_pdbx_struct_sheet_hbond.range_2_PDB_ins_code 
_pdbx_struct_sheet_hbond.range_2_auth_atom_id 
_pdbx_struct_sheet_hbond.range_2_auth_comp_id 
_pdbx_struct_sheet_hbond.range_2_auth_asym_id 
_pdbx_struct_sheet_hbond.range_2_auth_seq_id 
A 1 2 O ILE A 81  ? O ILE A 73  N VAL A 73  ? N VAL A 65  
A 2 3 N ASN A 72  ? N ASN A 64  O VAL A 89  ? O VAL A 81  
A 3 4 N THR A 88  ? N THR A 80  O PHE A 114 ? O PHE A 106 
A 4 5 N VAL A 113 ? N VAL A 105 O TYR A 121 ? O TYR A 113 
A 5 6 N ILE A 124 ? N ILE A 116 O PHE A 133 ? O PHE A 125 
A 6 7 N GLU A 134 ? N GLU A 126 O PHE A 142 ? O PHE A 134 
A 7 8 N LEU A 143 ? N LEU A 135 O LYS A 146 ? O LYS A 138 
B 1 2 O ARG A 179 ? O ARG A 171 N ILE A 160 ? N ILE A 152 
B 2 3 N TYR A 163 ? N TYR A 155 O VAL A 202 ? O VAL A 194 
B 3 4 N VAL A 199 ? N VAL A 191 O ALA A 247 ? O ALA A 239 
B 4 5 O ILE A 246 ? O ILE A 238 N LYS A 226 ? N LYS A 218 
# 
_atom_sites.entry_id                    1XI6 
_atom_sites.fract_transf_matrix[1][1]   0.00504891 
_atom_sites.fract_transf_matrix[1][2]   0.00780838 
_atom_sites.fract_transf_matrix[1][3]   -0.00797958 
_atom_sites.fract_transf_matrix[2][1]   -0.00865269 
_atom_sites.fract_transf_matrix[2][2]   0.00827099 
_atom_sites.fract_transf_matrix[2][3]   0.00261873 
_atom_sites.fract_transf_matrix[3][1]   0.00195942 
_atom_sites.fract_transf_matrix[3][2]   0.00126529 
_atom_sites.fract_transf_matrix[3][3]   0.00247793 
_atom_sites.fract_transf_vector[1]      0.351374 
_atom_sites.fract_transf_vector[2]      0.293340 
_atom_sites.fract_transf_vector[3]      0.574351 
# 
loop_
_atom_type.symbol 
C 
N 
O 
S 
# 
loop_
_atom_site.group_PDB 
_atom_site.id 
_atom_site.type_symbol 
_atom_site.label_atom_id 
_atom_site.label_alt_id 
_atom_site.label_comp_id 
_atom_site.label_asym_id 
_atom_site.label_entity_id 
_atom_site.label_seq_id 
_atom_site.pdbx_PDB_ins_code 
_atom_site.Cartn_x 
_atom_site.Cartn_y 
_atom_site.Cartn_z 
_atom_site.occupancy 
_atom_site.B_iso_or_equiv 
_atom_site.pdbx_formal_charge 
_atom_site.auth_seq_id 
_atom_site.auth_comp_id 
_atom_site.auth_asym_id 
_atom_site.auth_atom_id 
_atom_site.pdbx_PDB_model_num 
ATOM 1    N N   . LYS A 1 10  ? -3.716  0.776   -21.884 1.00 50.00 ? 2   LYS A N   1 
ATOM 2    C CA  . LYS A 1 10  ? -2.242  0.985   -21.833 1.00 50.00 ? 2   LYS A CA  1 
ATOM 3    C C   . LYS A 1 10  ? -1.740  1.176   -20.394 1.00 50.00 ? 2   LYS A C   1 
ATOM 4    O O   . LYS A 1 10  ? -2.343  1.927   -19.604 1.00 50.00 ? 2   LYS A O   1 
ATOM 5    C CB  . LYS A 1 10  ? -1.827  2.182   -22.710 1.00 50.00 ? 2   LYS A CB  1 
ATOM 6    C CG  . LYS A 1 10  ? -1.792  1.879   -24.214 1.00 50.00 ? 2   LYS A CG  1 
ATOM 7    N N   . LEU A 1 11  ? -0.645  0.480   -20.066 1.00 50.00 ? 3   LEU A N   1 
ATOM 8    C CA  . LEU A 1 11  ? 0.151   0.763   -18.866 1.00 50.00 ? 3   LEU A CA  1 
ATOM 9    C C   . LEU A 1 11  ? 0.834   2.119   -19.019 1.00 50.00 ? 3   LEU A C   1 
ATOM 10   O O   . LEU A 1 11  ? 0.786   2.941   -18.108 1.00 50.00 ? 3   LEU A O   1 
ATOM 11   C CB  . LEU A 1 11  ? 1.190   -0.331  -18.620 1.00 50.00 ? 3   LEU A CB  1 
ATOM 12   C CG  . LEU A 1 11  ? 0.673   -1.771  -18.489 1.00 50.00 ? 3   LEU A CG  1 
ATOM 13   C CD1 . LEU A 1 11  ? 1.752   -2.789  -18.915 1.00 50.00 ? 3   LEU A CD1 1 
ATOM 14   C CD2 . LEU A 1 11  ? 0.137   -2.057  -17.078 1.00 50.00 ? 3   LEU A CD2 1 
ATOM 15   N N   . LYS A 1 12  ? 1.446   2.343   -20.185 1.00 50.00 ? 4   LYS A N   1 
ATOM 16   C CA  . LYS A 1 12  ? 2.053   3.626   -20.568 1.00 50.00 ? 4   LYS A CA  1 
ATOM 17   C C   . LYS A 1 12  ? 1.211   4.823   -20.131 1.00 50.00 ? 4   LYS A C   1 
ATOM 18   O O   . LYS A 1 12  ? 1.759   5.844   -19.699 1.00 50.00 ? 4   LYS A O   1 
ATOM 19   C CB  . LYS A 1 12  ? 2.295   3.669   -22.086 1.00 50.00 ? 4   LYS A CB  1 
ATOM 20   C CG  . LYS A 1 12  ? 2.971   4.938   -22.614 1.00 50.00 ? 4   LYS A CG  1 
ATOM 21   N N   . PHE A 1 13  ? -0.113  4.688   -20.235 1.00 50.00 ? 5   PHE A N   1 
ATOM 22   C CA  . PHE A 1 13  ? -1.026  5.740   -19.801 1.00 50.00 ? 5   PHE A CA  1 
ATOM 23   C C   . PHE A 1 13  ? -1.025  5.887   -18.280 1.00 50.00 ? 5   PHE A C   1 
ATOM 24   O O   . PHE A 1 13  ? -0.893  7.003   -17.771 1.00 50.00 ? 5   PHE A O   1 
ATOM 25   C CB  . PHE A 1 13  ? -2.452  5.509   -20.332 1.00 50.00 ? 5   PHE A CB  1 
ATOM 26   C CG  . PHE A 1 13  ? -3.461  6.511   -19.826 1.00 50.00 ? 5   PHE A CG  1 
ATOM 27   C CD1 . PHE A 1 13  ? -4.363  6.161   -18.814 1.00 50.00 ? 5   PHE A CD1 1 
ATOM 28   C CD2 . PHE A 1 13  ? -3.504  7.800   -20.344 1.00 50.00 ? 5   PHE A CD2 1 
ATOM 29   C CE1 . PHE A 1 13  ? -5.304  7.087   -18.330 1.00 50.00 ? 5   PHE A CE1 1 
ATOM 30   C CE2 . PHE A 1 13  ? -4.434  8.735   -19.869 1.00 50.00 ? 5   PHE A CE2 1 
ATOM 31   C CZ  . PHE A 1 13  ? -5.340  8.375   -18.858 1.00 50.00 ? 5   PHE A CZ  1 
ATOM 32   N N   . TRP A 1 14  ? -1.165  4.768   -17.568 1.00 50.00 ? 6   TRP A N   1 
ATOM 33   C CA  . TRP A 1 14  ? -1.261  4.803   -16.107 1.00 50.00 ? 6   TRP A CA  1 
ATOM 34   C C   . TRP A 1 14  ? 0.053   5.171   -15.438 1.00 50.00 ? 6   TRP A C   1 
ATOM 35   O O   . TRP A 1 14  ? 0.056   5.920   -14.457 1.00 50.00 ? 6   TRP A O   1 
ATOM 36   C CB  . TRP A 1 14  ? -1.819  3.491   -15.552 1.00 50.00 ? 6   TRP A CB  1 
ATOM 37   C CG  . TRP A 1 14  ? -3.248  3.305   -15.919 1.00 50.00 ? 6   TRP A CG  1 
ATOM 38   C CD1 . TRP A 1 14  ? -3.758  2.384   -16.791 1.00 50.00 ? 6   TRP A CD1 1 
ATOM 39   C CD2 . TRP A 1 14  ? -4.362  4.081   -15.454 1.00 50.00 ? 6   TRP A CD2 1 
ATOM 40   N NE1 . TRP A 1 14  ? -5.122  2.532   -16.888 1.00 50.00 ? 6   TRP A NE1 1 
ATOM 41   C CE2 . TRP A 1 14  ? -5.520  3.566   -16.082 1.00 50.00 ? 6   TRP A CE2 1 
ATOM 42   C CE3 . TRP A 1 14  ? -4.495  5.161   -14.562 1.00 50.00 ? 6   TRP A CE3 1 
ATOM 43   C CZ2 . TRP A 1 14  ? -6.800  4.093   -15.852 1.00 50.00 ? 6   TRP A CZ2 1 
ATOM 44   C CZ3 . TRP A 1 14  ? -5.772  5.691   -14.330 1.00 50.00 ? 6   TRP A CZ3 1 
ATOM 45   C CH2 . TRP A 1 14  ? -6.907  5.153   -14.976 1.00 50.00 ? 6   TRP A CH2 1 
ATOM 46   N N   . ARG A 1 15  ? 1.159   4.659   -15.976 1.00 50.00 ? 7   ARG A N   1 
ATOM 47   C CA  . ARG A 1 15  ? 2.485   5.055   -15.522 1.00 50.00 ? 7   ARG A CA  1 
ATOM 48   C C   . ARG A 1 15  ? 2.600   6.587   -15.556 1.00 50.00 ? 7   ARG A C   1 
ATOM 49   O O   . ARG A 1 15  ? 2.998   7.191   -14.564 1.00 50.00 ? 7   ARG A O   1 
ATOM 50   C CB  . ARG A 1 15  ? 3.580   4.376   -16.353 1.00 50.00 ? 7   ARG A CB  1 
ATOM 51   C CG  . ARG A 1 15  ? 4.988   4.533   -15.786 1.00 50.00 ? 7   ARG A CG  1 
ATOM 52   C CD  . ARG A 1 15  ? 6.054   3.763   -16.579 1.00 50.00 ? 7   ARG A CD  1 
ATOM 53   N NE  . ARG A 1 15  ? 5.946   2.313   -16.390 1.00 50.00 ? 7   ARG A NE  1 
ATOM 54   C CZ  . ARG A 1 15  ? 5.469   1.450   -17.292 1.00 50.00 ? 7   ARG A CZ  1 
ATOM 55   N NH1 . ARG A 1 15  ? 5.048   1.859   -18.488 1.00 50.00 ? 7   ARG A NH1 1 
ATOM 56   N NH2 . ARG A 1 15  ? 5.416   0.159   -16.994 1.00 50.00 ? 7   ARG A NH2 1 
ATOM 57   N N   . GLU A 1 16  ? 2.209   7.200   -16.676 1.00 50.00 ? 8   GLU A N   1 
ATOM 58   C CA  . GLU A 1 16  ? 2.339   8.647   -16.873 1.00 50.00 ? 8   GLU A CA  1 
ATOM 59   C C   . GLU A 1 16  ? 1.538   9.450   -15.842 1.00 50.00 ? 8   GLU A C   1 
ATOM 60   O O   . GLU A 1 16  ? 2.007   10.488  -15.350 1.00 50.00 ? 8   GLU A O   1 
ATOM 61   C CB  . GLU A 1 16  ? 1.950   9.042   -18.307 1.00 50.00 ? 8   GLU A CB  1 
ATOM 62   N N   . VAL A 1 17  ? 0.346   8.954   -15.516 1.00 50.00 ? 9   VAL A N   1 
ATOM 63   C CA  . VAL A 1 17  ? -0.542  9.587   -14.536 1.00 50.00 ? 9   VAL A CA  1 
ATOM 64   C C   . VAL A 1 17  ? 0.084   9.530   -13.134 1.00 50.00 ? 9   VAL A C   1 
ATOM 65   O O   . VAL A 1 17  ? 0.072   10.528  -12.391 1.00 50.00 ? 9   VAL A O   1 
ATOM 66   C CB  . VAL A 1 17  ? -1.977  8.954   -14.585 1.00 50.00 ? 9   VAL A CB  1 
ATOM 67   C CG1 . VAL A 1 17  ? -2.750  9.147   -13.285 1.00 50.00 ? 9   VAL A CG1 1 
ATOM 68   C CG2 . VAL A 1 17  ? -2.764  9.531   -15.751 1.00 50.00 ? 9   VAL A CG2 1 
ATOM 69   N N   . ALA A 1 18  ? 0.635   8.363   -12.799 1.00 50.00 ? 10  ALA A N   1 
ATOM 70   C CA  . ALA A 1 18  ? 1.340   8.146   -11.537 1.00 50.00 ? 10  ALA A CA  1 
ATOM 71   C C   . ALA A 1 18  ? 2.538   9.097   -11.376 1.00 50.00 ? 10  ALA A C   1 
ATOM 72   O O   . ALA A 1 18  ? 2.675   9.750   -10.344 1.00 50.00 ? 10  ALA A O   1 
ATOM 73   C CB  . ALA A 1 18  ? 1.772   6.692   -11.413 1.00 50.00 ? 10  ALA A CB  1 
ATOM 74   N N   . ILE A 1 19  ? 3.381   9.185   -12.403 1.00 50.00 ? 11  ILE A N   1 
ATOM 75   C CA  . ILE A 1 19  ? 4.540   10.086  -12.405 1.00 50.00 ? 11  ILE A CA  1 
ATOM 76   C C   . ILE A 1 19  ? 4.120   11.543  -12.191 1.00 50.00 ? 11  ILE A C   1 
ATOM 77   O O   . ILE A 1 19  ? 4.814   12.300  -11.511 1.00 50.00 ? 11  ILE A O   1 
ATOM 78   C CB  . ILE A 1 19  ? 5.378   9.915   -13.701 1.00 50.00 ? 11  ILE A CB  1 
ATOM 79   C CG1 . ILE A 1 19  ? 6.172   8.606   -13.642 1.00 50.00 ? 11  ILE A CG1 1 
ATOM 80   C CG2 . ILE A 1 19  ? 6.320   11.097  -13.930 1.00 50.00 ? 11  ILE A CG2 1 
ATOM 81   C CD1 . ILE A 1 19  ? 6.827   8.211   -14.953 1.00 50.00 ? 11  ILE A CD1 1 
ATOM 82   N N   . ASP A 1 20  ? 2.977   11.913  -12.770 1.00 50.00 ? 12  ASP A N   1 
ATOM 83   C CA  . ASP A 1 20  ? 2.392   13.239  -12.618 1.00 50.00 ? 12  ASP A CA  1 
ATOM 84   C C   . ASP A 1 20  ? 1.966   13.509  -11.181 1.00 50.00 ? 12  ASP A C   1 
ATOM 85   O O   . ASP A 1 20  ? 2.179   14.607  -10.654 1.00 50.00 ? 12  ASP A O   1 
ATOM 86   C CB  . ASP A 1 20  ? 1.183   13.383  -13.543 1.00 50.00 ? 12  ASP A CB  1 
ATOM 87   C CG  . ASP A 1 20  ? 1.575   13.619  -14.992 1.00 50.00 ? 12  ASP A CG  1 
ATOM 88   O OD1 . ASP A 1 20  ? 0.735   13.341  -15.880 1.00 50.00 ? 12  ASP A OD1 1 
ATOM 89   O OD2 . ASP A 1 20  ? 2.710   14.087  -15.244 1.00 50.00 ? 12  ASP A OD2 1 
ATOM 90   N N   . ILE A 1 21  ? 1.363   12.499  -10.562 1.00 50.00 ? 13  ILE A N   1 
ATOM 91   C CA  . ILE A 1 21  ? 0.944   12.570  -9.169  1.00 50.00 ? 13  ILE A CA  1 
ATOM 92   C C   . ILE A 1 21  ? 2.150   12.650  -8.231  1.00 50.00 ? 13  ILE A C   1 
ATOM 93   O O   . ILE A 1 21  ? 2.161   13.479  -7.320  1.00 50.00 ? 13  ILE A O   1 
ATOM 94   C CB  . ILE A 1 21  ? 0.006   11.390  -8.812  1.00 50.00 ? 13  ILE A CB  1 
ATOM 95   C CG1 . ILE A 1 21  ? -1.360  11.617  -9.466  1.00 50.00 ? 13  ILE A CG1 1 
ATOM 96   C CG2 . ILE A 1 21  ? -0.105  11.193  -7.287  1.00 50.00 ? 13  ILE A CG2 1 
ATOM 97   C CD1 . ILE A 1 21  ? -2.183  10.364  -9.636  1.00 50.00 ? 13  ILE A CD1 1 
ATOM 98   N N   . ILE A 1 22  ? 3.148   11.795  -8.467  1.00 50.00 ? 14  ILE A N   1 
ATOM 99   C CA  . ILE A 1 22  ? 4.394   11.775  -7.698  1.00 50.00 ? 14  ILE A CA  1 
ATOM 100  C C   . ILE A 1 22  ? 5.048   13.162  -7.742  1.00 50.00 ? 14  ILE A C   1 
ATOM 101  O O   . ILE A 1 22  ? 5.380   13.743  -6.704  1.00 50.00 ? 14  ILE A O   1 
ATOM 102  C CB  . ILE A 1 22  ? 5.356   10.663  -8.222  1.00 50.00 ? 14  ILE A CB  1 
ATOM 103  C CG1 . ILE A 1 22  ? 4.833   9.277   -7.831  1.00 50.00 ? 14  ILE A CG1 1 
ATOM 104  C CG2 . ILE A 1 22  ? 6.808   10.870  -7.734  1.00 50.00 ? 14  ILE A CG2 1 
ATOM 105  C CD1 . ILE A 1 22  ? 5.171   8.174   -8.820  1.00 50.00 ? 14  ILE A CD1 1 
ATOM 106  N N   . SER A 1 23  ? 5.200   13.676  -8.959  1.00 50.00 ? 15  SER A N   1 
ATOM 107  C CA  . SER A 1 23  ? 5.755   14.985  -9.222  1.00 50.00 ? 15  SER A CA  1 
ATOM 108  C C   . SER A 1 23  ? 5.038   16.096  -8.434  1.00 50.00 ? 15  SER A C   1 
ATOM 109  O O   . SER A 1 23  ? 5.689   16.938  -7.811  1.00 50.00 ? 15  SER A O   1 
ATOM 110  C CB  . SER A 1 23  ? 5.679   15.245  -10.719 1.00 50.00 ? 15  SER A CB  1 
ATOM 111  O OG  . SER A 1 23  ? 6.709   16.109  -11.129 1.00 50.00 ? 15  SER A OG  1 
ATOM 112  N N   . ASP A 1 24  ? 3.702   16.076  -8.475  1.00 50.00 ? 16  ASP A N   1 
ATOM 113  C CA  . ASP A 1 24  ? 2.835   16.951  -7.684  1.00 50.00 ? 16  ASP A CA  1 
ATOM 114  C C   . ASP A 1 24  ? 3.040   16.800  -6.180  1.00 50.00 ? 16  ASP A C   1 
ATOM 115  O O   . ASP A 1 24  ? 3.077   17.787  -5.452  1.00 50.00 ? 16  ASP A O   1 
ATOM 116  C CB  . ASP A 1 24  ? 1.375   16.624  -7.979  1.00 50.00 ? 16  ASP A CB  1 
ATOM 117  C CG  . ASP A 1 24  ? 0.747   17.530  -9.013  1.00 50.00 ? 16  ASP A CG  1 
ATOM 118  O OD1 . ASP A 1 24  ? 1.419   18.435  -9.568  1.00 50.00 ? 16  ASP A OD1 1 
ATOM 119  O OD2 . ASP A 1 24  ? -0.459  17.324  -9.267  1.00 50.00 ? 16  ASP A OD2 1 
ATOM 120  N N   . PHE A 1 25  ? 3.153   15.556  -5.724  1.00 50.00 ? 17  PHE A N   1 
ATOM 121  C CA  . PHE A 1 25  ? 3.333   15.254  -4.321  1.00 50.00 ? 17  PHE A CA  1 
ATOM 122  C C   . PHE A 1 25  ? 4.675   15.768  -3.826  1.00 50.00 ? 17  PHE A C   1 
ATOM 123  O O   . PHE A 1 25  ? 4.792   16.186  -2.674  1.00 50.00 ? 17  PHE A O   1 
ATOM 124  C CB  . PHE A 1 25  ? 3.243   13.749  -4.105  1.00 50.00 ? 17  PHE A CB  1 
ATOM 125  C CG  . PHE A 1 25  ? 3.273   13.332  -2.662  1.00 50.00 ? 17  PHE A CG  1 
ATOM 126  C CD1 . PHE A 1 25  ? 2.099   12.979  -2.011  1.00 50.00 ? 17  PHE A CD1 1 
ATOM 127  C CD2 . PHE A 1 25  ? 4.475   13.277  -1.953  1.00 50.00 ? 17  PHE A CD2 1 
ATOM 128  C CE1 . PHE A 1 25  ? 2.120   12.578  -0.677  1.00 50.00 ? 17  PHE A CE1 1 
ATOM 129  C CE2 . PHE A 1 25  ? 4.506   12.887  -0.619  1.00 50.00 ? 17  PHE A CE2 1 
ATOM 130  C CZ  . PHE A 1 25  ? 3.333   12.534  0.019   1.00 50.00 ? 17  PHE A CZ  1 
ATOM 131  N N   . GLU A 1 26  ? 5.682   15.729  -4.695  1.00 50.00 ? 18  GLU A N   1 
ATOM 132  C CA  . GLU A 1 26  ? 7.030   16.128  -4.317  1.00 50.00 ? 18  GLU A CA  1 
ATOM 133  C C   . GLU A 1 26  ? 7.098   17.627  -4.059  1.00 50.00 ? 18  GLU A C   1 
ATOM 134  O O   . GLU A 1 26  ? 7.785   18.074  -3.139  1.00 50.00 ? 18  GLU A O   1 
ATOM 135  C CB  . GLU A 1 26  ? 8.055   15.698  -5.374  1.00 50.00 ? 18  GLU A CB  1 
ATOM 136  C CG  . GLU A 1 26  ? 8.468   14.217  -5.313  1.00 50.00 ? 18  GLU A CG  1 
ATOM 137  C CD  . GLU A 1 26  ? 9.559   13.898  -4.272  0.50 50.00 ? 18  GLU A CD  1 
ATOM 138  O OE1 . GLU A 1 26  ? 10.039  12.740  -4.264  0.50 50.00 ? 18  GLU A OE1 1 
ATOM 139  O OE2 . GLU A 1 26  ? 9.945   14.783  -3.469  0.50 50.00 ? 18  GLU A OE2 1 
ATOM 140  N N   . THR A 1 27  ? 6.364   18.392  -4.862  1.00 50.00 ? 19  THR A N   1 
ATOM 141  C CA  . THR A 1 27  ? 6.395   19.854  -4.781  1.00 50.00 ? 19  THR A CA  1 
ATOM 142  C C   . THR A 1 27  ? 5.400   20.419  -3.774  1.00 50.00 ? 19  THR A C   1 
ATOM 143  O O   . THR A 1 27  ? 5.677   21.431  -3.137  1.00 50.00 ? 19  THR A O   1 
ATOM 144  C CB  . THR A 1 27  ? 6.147   20.514  -6.157  1.00 50.00 ? 19  THR A CB  1 
ATOM 145  O OG1 . THR A 1 27  ? 4.958   19.973  -6.742  1.00 50.00 ? 19  THR A OG1 1 
ATOM 146  C CG2 . THR A 1 27  ? 7.329   20.281  -7.086  1.00 50.00 ? 19  THR A CG2 1 
ATOM 147  N N   . THR A 1 28  ? 4.259   19.749  -3.634  1.00 50.00 ? 20  THR A N   1 
ATOM 148  C CA  . THR A 1 28  ? 3.103   20.264  -2.899  1.00 50.00 ? 20  THR A CA  1 
ATOM 149  C C   . THR A 1 28  ? 2.933   19.660  -1.496  1.00 50.00 ? 20  THR A C   1 
ATOM 150  O O   . THR A 1 28  ? 2.582   20.379  -0.562  1.00 50.00 ? 20  THR A O   1 
ATOM 151  C CB  . THR A 1 28  ? 1.815   20.090  -3.746  1.00 50.00 ? 20  THR A CB  1 
ATOM 152  O OG1 . THR A 1 28  ? 1.977   20.795  -4.979  1.00 50.00 ? 20  THR A OG1 1 
ATOM 153  C CG2 . THR A 1 28  ? 0.583   20.623  -3.051  1.00 50.00 ? 20  THR A CG2 1 
ATOM 154  N N   . ILE A 1 29  ? 3.179   18.362  -1.334  1.00 50.00 ? 21  ILE A N   1 
ATOM 155  C CA  . ILE A 1 29  ? 2.995   17.744  -0.013  1.00 50.00 ? 21  ILE A CA  1 
ATOM 156  C C   . ILE A 1 29  ? 4.301   17.560  0.788   1.00 50.00 ? 21  ILE A C   1 
ATOM 157  O O   . ILE A 1 29  ? 4.292   17.647  2.008   1.00 50.00 ? 21  ILE A O   1 
ATOM 158  C CB  . ILE A 1 29  ? 2.097   16.457  -0.073  1.00 50.00 ? 21  ILE A CB  1 
ATOM 159  C CG1 . ILE A 1 29  ? 0.633   16.842  -0.271  1.00 50.00 ? 21  ILE A CG1 1 
ATOM 160  C CG2 . ILE A 1 29  ? 2.159   15.653  1.218   1.00 50.00 ? 21  ILE A CG2 1 
ATOM 161  C CD1 . ILE A 1 29  ? 0.206   16.979  -1.678  1.00 50.00 ? 21  ILE A CD1 1 
ATOM 162  N N   . MET A 1 30  ? 5.413   17.335  0.098   1.00 50.00 ? 22  MET A N   1 
ATOM 163  C CA  . MET A 1 30  ? 6.712   17.147  0.761   1.00 50.00 ? 22  MET A CA  1 
ATOM 164  C C   . MET A 1 30  ? 7.183   18.301  1.661   1.00 50.00 ? 22  MET A C   1 
ATOM 165  O O   . MET A 1 30  ? 7.792   18.035  2.701   1.00 50.00 ? 22  MET A O   1 
ATOM 166  C CB  . MET A 1 30  ? 7.805   16.782  -0.251  1.00 50.00 ? 22  MET A CB  1 
ATOM 167  C CG  . MET A 1 30  ? 7.898   15.307  -0.580  1.00 50.00 ? 22  MET A CG  1 
ATOM 168  S SD  . MET A 1 30  ? 8.017   14.271  0.884   1.00 50.00 ? 22  MET A SD  1 
ATOM 169  C CE  . MET A 1 30  ? 9.618   14.714  1.550   1.00 50.00 ? 22  MET A CE  1 
ATOM 170  N N   . PRO A 1 31  ? 6.911   19.580  1.270   1.00 50.00 ? 23  PRO A N   1 
ATOM 171  C CA  . PRO A 1 31  ? 7.113   20.708  2.192   1.00 50.00 ? 23  PRO A CA  1 
ATOM 172  C C   . PRO A 1 31  ? 6.551   20.507  3.597   1.00 50.00 ? 23  PRO A C   1 
ATOM 173  O O   . PRO A 1 31  ? 7.074   21.086  4.537   1.00 50.00 ? 23  PRO A O   1 
ATOM 174  C CB  . PRO A 1 31  ? 6.352   21.844  1.517   1.00 50.00 ? 23  PRO A CB  1 
ATOM 175  C CG  . PRO A 1 31  ? 6.421   21.548  0.097   1.00 50.00 ? 23  PRO A CG  1 
ATOM 176  C CD  . PRO A 1 31  ? 6.447   20.062  -0.050  1.00 50.00 ? 23  PRO A CD  1 
ATOM 177  N N   . PHE A 1 32  ? 5.509   19.696  3.734   1.00 50.00 ? 24  PHE A N   1 
ATOM 178  C CA  . PHE A 1 32  ? 4.843   19.503  5.024   1.00 50.00 ? 24  PHE A CA  1 
ATOM 179  C C   . PHE A 1 32  ? 5.404   18.384  5.887   1.00 50.00 ? 24  PHE A C   1 
ATOM 180  O O   . PHE A 1 32  ? 4.883   18.133  6.959   1.00 50.00 ? 24  PHE A O   1 
ATOM 181  C CB  . PHE A 1 32  ? 3.335   19.303  4.826   1.00 50.00 ? 24  PHE A CB  1 
ATOM 182  C CG  . PHE A 1 32  ? 2.646   20.499  4.246   1.00 50.00 ? 24  PHE A CG  1 
ATOM 183  C CD1 . PHE A 1 32  ? 2.273   21.562  5.064   1.00 50.00 ? 24  PHE A CD1 1 
ATOM 184  C CD2 . PHE A 1 32  ? 2.385   20.576  2.881   1.00 50.00 ? 24  PHE A CD2 1 
ATOM 185  C CE1 . PHE A 1 32  ? 1.650   22.683  4.532   1.00 50.00 ? 24  PHE A CE1 1 
ATOM 186  C CE2 . PHE A 1 32  ? 1.759   21.696  2.339   1.00 50.00 ? 24  PHE A CE2 1 
ATOM 187  C CZ  . PHE A 1 32  ? 1.391   22.751  3.168   1.00 50.00 ? 24  PHE A CZ  1 
ATOM 188  N N   . PHE A 1 33  ? 6.463   17.722  5.425   1.00 50.00 ? 25  PHE A N   1 
ATOM 189  C CA  . PHE A 1 33  ? 7.089   16.635  6.176   1.00 50.00 ? 25  PHE A CA  1 
ATOM 190  C C   . PHE A 1 33  ? 7.641   17.119  7.510   1.00 50.00 ? 25  PHE A C   1 
ATOM 191  O O   . PHE A 1 33  ? 8.469   18.025  7.557   1.00 50.00 ? 25  PHE A O   1 
ATOM 192  C CB  . PHE A 1 33  ? 8.183   15.948  5.343   1.00 50.00 ? 25  PHE A CB  1 
ATOM 193  C CG  . PHE A 1 33  ? 8.948   14.891  6.095   1.00 50.00 ? 25  PHE A CG  1 
ATOM 194  C CD1 . PHE A 1 33  ? 8.329   13.699  6.483   1.00 50.00 ? 25  PHE A CD1 1 
ATOM 195  C CD2 . PHE A 1 33  ? 10.284  15.088  6.422   1.00 50.00 ? 25  PHE A CD2 1 
ATOM 196  C CE1 . PHE A 1 33  ? 9.040   12.727  7.188   1.00 50.00 ? 25  PHE A CE1 1 
ATOM 197  C CE2 . PHE A 1 33  ? 10.993  14.126  7.123   1.00 50.00 ? 25  PHE A CE2 1 
ATOM 198  C CZ  . PHE A 1 33  ? 10.375  12.942  7.503   1.00 50.00 ? 25  PHE A CZ  1 
ATOM 199  N N   . GLY A 1 34  ? 7.165   16.522  8.594   1.00 50.00 ? 26  GLY A N   1 
ATOM 200  C CA  . GLY A 1 34  ? 7.613   16.902  9.928   1.00 50.00 ? 26  GLY A CA  1 
ATOM 201  C C   . GLY A 1 34  ? 6.904   18.081  10.572  1.00 50.00 ? 26  GLY A C   1 
ATOM 202  O O   . GLY A 1 34  ? 7.088   18.333  11.756  1.00 50.00 ? 26  GLY A O   1 
ATOM 203  N N   . ASN A 1 35  ? 6.097   18.802  9.794   1.00 50.00 ? 27  ASN A N   1 
ATOM 204  C CA  . ASN A 1 35  ? 5.305   19.935  10.280  1.00 50.00 ? 27  ASN A CA  1 
ATOM 205  C C   . ASN A 1 35  ? 4.114   19.487  11.139  1.00 50.00 ? 27  ASN A C   1 
ATOM 206  O O   . ASN A 1 35  ? 3.317   18.666  10.680  1.00 50.00 ? 27  ASN A O   1 
ATOM 207  C CB  . ASN A 1 35  ? 4.819   20.759  9.091   1.00 50.00 ? 27  ASN A CB  1 
ATOM 208  C CG  . ASN A 1 35  ? 4.343   22.139  9.486   1.00 50.00 ? 27  ASN A CG  1 
ATOM 209  O OD1 . ASN A 1 35  ? 3.612   22.306  10.466  1.00 50.00 ? 27  ASN A OD1 1 
ATOM 210  N ND2 . ASN A 1 35  ? 4.751   23.145  8.714   1.00 50.00 ? 27  ASN A ND2 1 
ATOM 211  N N   . PRO A 1 36  ? 3.992   20.013  12.388  1.00 50.00 ? 28  PRO A N   1 
ATOM 212  C CA  . PRO A 1 36  ? 2.863   19.611  13.258  1.00 50.00 ? 28  PRO A CA  1 
ATOM 213  C C   . PRO A 1 36  ? 1.491   20.108  12.772  1.00 50.00 ? 28  PRO A C   1 
ATOM 214  O O   . PRO A 1 36  ? 0.481   19.454  13.044  1.00 50.00 ? 28  PRO A O   1 
ATOM 215  C CB  . PRO A 1 36  ? 3.210   20.232  14.622  1.00 50.00 ? 28  PRO A CB  1 
ATOM 216  C CG  . PRO A 1 36  ? 4.626   20.693  14.518  1.00 50.00 ? 28  PRO A CG  1 
ATOM 217  C CD  . PRO A 1 36  ? 4.877   20.979  13.074  1.00 50.00 ? 28  PRO A CD  1 
ATOM 218  N N   . ASP A 1 37  ? 1.466   21.230  12.051  1.00 50.00 ? 29  ASP A N   1 
ATOM 219  C CA  . ASP A 1 37  ? 0.217   21.832  11.556  1.00 50.00 ? 29  ASP A CA  1 
ATOM 220  C C   . ASP A 1 37  ? -0.547  20.950  10.579  1.00 50.00 ? 29  ASP A C   1 
ATOM 221  O O   . ASP A 1 37  ? -1.768  21.090  10.444  1.00 50.00 ? 29  ASP A O   1 
ATOM 222  C CB  . ASP A 1 37  ? 0.471   23.192  10.893  1.00 50.00 ? 29  ASP A CB  1 
ATOM 223  C CG  . ASP A 1 37  ? 1.170   24.185  11.823  1.00 50.00 ? 29  ASP A CG  1 
ATOM 224  O OD1 . ASP A 1 37  ? 1.122   24.014  13.074  1.00 50.00 ? 29  ASP A OD1 1 
ATOM 225  O OD2 . ASP A 1 37  ? 1.775   25.143  11.283  1.00 50.00 ? 29  ASP A OD2 1 
ATOM 226  N N   . GLY A 1 38  ? 0.173   20.054  9.902   1.00 50.00 ? 30  GLY A N   1 
ATOM 227  C CA  . GLY A 1 38  ? -0.435  19.039  9.043   1.00 50.00 ? 30  GLY A CA  1 
ATOM 228  C C   . GLY A 1 38  ? -1.276  18.022  9.795   1.00 50.00 ? 30  GLY A C   1 
ATOM 229  O O   . GLY A 1 38  ? -1.984  17.231  9.173   1.00 50.00 ? 30  GLY A O   1 
ATOM 230  N N   . GLY A 1 39  ? -1.189  18.046  11.126  1.00 50.00 ? 31  GLY A N   1 
ATOM 231  C CA  . GLY A 1 39  ? -1.962  17.161  12.000  1.00 50.00 ? 31  GLY A CA  1 
ATOM 232  C C   . GLY A 1 39  ? -3.248  17.776  12.544  1.00 50.00 ? 31  GLY A C   1 
ATOM 233  O O   . GLY A 1 39  ? -3.982  17.120  13.281  1.00 50.00 ? 31  GLY A O   1 
ATOM 234  N N   . LYS A 1 40  ? -3.514  19.035  12.189  1.00 50.00 ? 32  LYS A N   1 
ATOM 235  C CA  . LYS A 1 40  ? -4.794  19.704  12.485  1.00 50.00 ? 32  LYS A CA  1 
ATOM 236  C C   . LYS A 1 40  ? -5.985  18.866  11.970  1.00 50.00 ? 32  LYS A C   1 
ATOM 237  O O   . LYS A 1 40  ? -5.955  18.356  10.840  1.00 50.00 ? 32  LYS A O   1 
ATOM 238  C CB  . LYS A 1 40  ? -4.796  21.133  11.900  1.00 50.00 ? 32  LYS A CB  1 
ATOM 239  C CG  . LYS A 1 40  ? -6.114  21.910  12.019  1.00 50.00 ? 32  LYS A CG  1 
ATOM 240  C CD  . LYS A 1 40  ? -5.936  23.411  11.714  1.00 50.00 ? 32  LYS A CD  1 
ATOM 241  N N   . LEU A 1 41  ? -7.009  18.718  12.816  1.00 50.00 ? 33  LEU A N   1 
ATOM 242  C CA  . LEU A 1 41  ? -8.218  17.944  12.484  1.00 50.00 ? 33  LEU A CA  1 
ATOM 243  C C   . LEU A 1 41  ? -9.139  18.751  11.587  1.00 50.00 ? 33  LEU A C   1 
ATOM 244  O O   . LEU A 1 41  ? -9.290  19.950  11.792  1.00 50.00 ? 33  LEU A O   1 
ATOM 245  C CB  . LEU A 1 41  ? -8.963  17.507  13.756  1.00 50.00 ? 33  LEU A CB  1 
ATOM 246  C CG  . LEU A 1 41  ? -8.424  16.278  14.510  1.00 50.00 ? 33  LEU A CG  1 
ATOM 247  C CD1 . LEU A 1 41  ? -8.704  16.370  16.012  1.00 50.00 ? 33  LEU A CD1 1 
ATOM 248  C CD2 . LEU A 1 41  ? -8.977  14.971  13.938  1.00 50.00 ? 33  LEU A CD2 1 
ATOM 249  N N   . VAL A 1 42  ? -9.722  18.091  10.585  1.00 50.00 ? 34  VAL A N   1 
ATOM 250  C CA  . VAL A 1 42  ? -10.720 18.696  9.690   1.00 50.00 ? 34  VAL A CA  1 
ATOM 251  C C   . VAL A 1 42  ? -11.883 17.725  9.445   1.00 50.00 ? 34  VAL A C   1 
ATOM 252  O O   . VAL A 1 42  ? -12.989 18.138  9.077   1.00 50.00 ? 34  VAL A O   1 
ATOM 253  C CB  . VAL A 1 42  ? -10.118 19.144  8.318   1.00 50.00 ? 34  VAL A CB  1 
ATOM 254  C CG1 . VAL A 1 42  ? -8.900  20.044  8.502   1.00 50.00 ? 34  VAL A CG1 1 
ATOM 255  C CG2 . VAL A 1 42  ? -9.774  17.946  7.440   1.00 50.00 ? 34  VAL A CG2 1 
ATOM 256  N N   . LYS A 1 52  ? -7.508  14.462  9.258   1.00 50.00 ? 44  LYS A N   1 
ATOM 257  C CA  . LYS A 1 52  ? -6.197  15.116  9.371   1.00 50.00 ? 44  LYS A CA  1 
ATOM 258  C C   . LYS A 1 52  ? -5.805  15.900  8.116   1.00 50.00 ? 44  LYS A C   1 
ATOM 259  O O   . LYS A 1 52  ? -5.916  15.391  7.001   1.00 50.00 ? 44  LYS A O   1 
ATOM 260  C CB  . LYS A 1 52  ? -5.107  14.111  9.756   1.00 50.00 ? 44  LYS A CB  1 
ATOM 261  C CG  . LYS A 1 52  ? -4.664  14.229  11.207  1.00 50.00 ? 44  LYS A CG  1 
ATOM 262  C CD  . LYS A 1 52  ? -4.210  12.897  11.780  1.00 50.00 ? 44  LYS A CD  1 
ATOM 263  N N   . LEU A 1 53  ? -5.340  17.134  8.321   1.00 50.00 ? 45  LEU A N   1 
ATOM 264  C CA  . LEU A 1 53  ? -5.243  18.139  7.244   1.00 50.00 ? 45  LEU A CA  1 
ATOM 265  C C   . LEU A 1 53  ? -4.402  17.706  6.060   1.00 50.00 ? 45  LEU A C   1 
ATOM 266  O O   . LEU A 1 53  ? -4.810  17.865  4.922   1.00 50.00 ? 45  LEU A O   1 
ATOM 267  C CB  . LEU A 1 53  ? -4.734  19.495  7.768   1.00 50.00 ? 45  LEU A CB  1 
ATOM 268  C CG  . LEU A 1 53  ? -4.443  20.594  6.728   1.00 50.00 ? 45  LEU A CG  1 
ATOM 269  C CD1 . LEU A 1 53  ? -5.725  21.089  6.080   1.00 50.00 ? 45  LEU A CD1 1 
ATOM 270  C CD2 . LEU A 1 53  ? -3.668  21.763  7.326   1.00 50.00 ? 45  LEU A CD2 1 
ATOM 271  N N   . VAL A 1 54  ? -3.229  17.164  6.348   1.00 50.00 ? 46  VAL A N   1 
ATOM 272  C CA  . VAL A 1 54  ? -2.267  16.798  5.323   1.00 50.00 ? 46  VAL A CA  1 
ATOM 273  C C   . VAL A 1 54  ? -2.773  15.620  4.470   1.00 50.00 ? 46  VAL A C   1 
ATOM 274  O O   . VAL A 1 54  ? -2.435  15.531  3.292   1.00 50.00 ? 46  VAL A O   1 
ATOM 275  C CB  . VAL A 1 54  ? -0.847  16.594  5.943   1.00 50.00 ? 46  VAL A CB  1 
ATOM 276  C CG1 . VAL A 1 54  ? -0.728  15.269  6.724   1.00 50.00 ? 46  VAL A CG1 1 
ATOM 277  C CG2 . VAL A 1 54  ? 0.225   16.744  4.886   1.00 50.00 ? 46  VAL A CG2 1 
ATOM 278  N N   . ASP A 1 55  ? -3.592  14.746  5.067   1.00 50.00 ? 47  ASP A N   1 
ATOM 279  C CA  . ASP A 1 55  ? -4.325  13.716  4.333   1.00 50.00 ? 47  ASP A CA  1 
ATOM 280  C C   . ASP A 1 55  ? -5.304  14.334  3.342   1.00 50.00 ? 47  ASP A C   1 
ATOM 281  O O   . ASP A 1 55  ? -5.370  13.899  2.191   1.00 50.00 ? 47  ASP A O   1 
ATOM 282  C CB  . ASP A 1 55  ? -5.110  12.829  5.284   1.00 50.00 ? 47  ASP A CB  1 
ATOM 283  C CG  . ASP A 1 55  ? -4.223  12.015  6.186   1.00 50.00 ? 47  ASP A CG  1 
ATOM 284  O OD1 . ASP A 1 55  ? -4.066  12.427  7.350   1.00 50.00 ? 47  ASP A OD1 1 
ATOM 285  O OD2 . ASP A 1 55  ? -3.686  10.968  5.743   1.00 50.00 ? 47  ASP A OD2 1 
ATOM 286  N N   . LYS A 1 56  ? -6.056  15.342  3.791   1.00 50.00 ? 48  LYS A N   1 
ATOM 287  C CA  . LYS A 1 56  ? -7.014  16.046  2.947   1.00 50.00 ? 48  LYS A CA  1 
ATOM 288  C C   . LYS A 1 56  ? -6.323  16.756  1.796   1.00 50.00 ? 48  LYS A C   1 
ATOM 289  O O   . LYS A 1 56  ? -6.813  16.737  0.669   1.00 50.00 ? 48  LYS A O   1 
ATOM 290  C CB  . LYS A 1 56  ? -7.848  17.031  3.770   1.00 50.00 ? 48  LYS A CB  1 
ATOM 291  C CG  . LYS A 1 56  ? -8.732  17.994  2.964   1.00 50.00 ? 48  LYS A CG  1 
ATOM 292  C CD  . LYS A 1 56  ? -9.969  17.317  2.362   1.00 50.00 ? 48  LYS A CD  1 
ATOM 293  C CE  . LYS A 1 56  ? -10.908 18.336  1.717   1.00 50.00 ? 48  LYS A CE  1 
ATOM 294  N N   . LEU A 1 57  ? -5.186  17.380  2.082   1.00 50.00 ? 49  LEU A N   1 
ATOM 295  C CA  . LEU A 1 57  ? -4.396  18.050  1.063   1.00 50.00 ? 49  LEU A CA  1 
ATOM 296  C C   . LEU A 1 57  ? -3.919  17.068  0.006   1.00 50.00 ? 49  LEU A C   1 
ATOM 297  O O   . LEU A 1 57  ? -3.962  17.368  -1.185  1.00 50.00 ? 49  LEU A O   1 
ATOM 298  C CB  . LEU A 1 57  ? -3.200  18.757  1.687   1.00 50.00 ? 49  LEU A CB  1 
ATOM 299  C CG  . LEU A 1 57  ? -3.449  19.958  2.589   1.00 50.00 ? 49  LEU A CG  1 
ATOM 300  C CD1 . LEU A 1 57  ? -2.111  20.515  3.004   1.00 50.00 ? 49  LEU A CD1 1 
ATOM 301  C CD2 . LEU A 1 57  ? -4.288  21.025  1.900   1.00 50.00 ? 49  LEU A CD2 1 
ATOM 302  N N   . ALA A 1 58  ? -3.477  15.897  0.465   1.00 50.00 ? 50  ALA A N   1 
ATOM 303  C CA  . ALA A 1 58  ? -3.018  14.818  -0.395  1.00 50.00 ? 50  ALA A CA  1 
ATOM 304  C C   . ALA A 1 58  ? -4.160  14.213  -1.227  1.00 50.00 ? 50  ALA A C   1 
ATOM 305  O O   . ALA A 1 58  ? -4.008  14.008  -2.437  1.00 50.00 ? 50  ALA A O   1 
ATOM 306  C CB  . ALA A 1 58  ? -2.333  13.759  0.439   1.00 50.00 ? 50  ALA A CB  1 
ATOM 307  N N   . GLU A 1 59  ? -5.294  13.948  -0.575  1.00 50.00 ? 51  GLU A N   1 
ATOM 308  C CA  . GLU A 1 59  ? -6.515  13.498  -1.252  1.00 50.00 ? 51  GLU A CA  1 
ATOM 309  C C   . GLU A 1 59  ? -6.966  14.463  -2.357  1.00 50.00 ? 51  GLU A C   1 
ATOM 310  O O   . GLU A 1 59  ? -7.323  14.020  -3.443  1.00 50.00 ? 51  GLU A O   1 
ATOM 311  C CB  . GLU A 1 59  ? -7.643  13.275  -0.246  1.00 50.00 ? 51  GLU A CB  1 
ATOM 312  C CG  . GLU A 1 59  ? -8.766  12.377  -0.749  1.00 50.00 ? 51  GLU A CG  1 
ATOM 313  C CD  . GLU A 1 59  ? -8.426  10.912  -0.652  1.00 50.00 ? 51  GLU A CD  1 
ATOM 314  N N   . ASP A 1 60  ? -6.931  15.769  -2.082  1.00 50.00 ? 52  ASP A N   1 
ATOM 315  C CA  . ASP A 1 60  ? -7.368  16.789  -3.041  1.00 50.00 ? 52  ASP A CA  1 
ATOM 316  C C   . ASP A 1 60  ? -6.489  16.822  -4.275  1.00 50.00 ? 52  ASP A C   1 
ATOM 317  O O   . ASP A 1 60  ? -6.986  16.960  -5.398  1.00 50.00 ? 52  ASP A O   1 
ATOM 318  C CB  . ASP A 1 60  ? -7.366  18.175  -2.397  1.00 50.00 ? 52  ASP A CB  1 
ATOM 319  C CG  . ASP A 1 60  ? -8.471  18.357  -1.366  1.00 50.00 ? 52  ASP A CG  1 
ATOM 320  O OD1 . ASP A 1 60  ? -9.435  17.545  -1.312  1.00 50.00 ? 52  ASP A OD1 1 
ATOM 321  O OD2 . ASP A 1 60  ? -8.358  19.337  -0.597  1.00 50.00 ? 52  ASP A OD2 1 
ATOM 322  N N   . LEU A 1 61  ? -5.184  16.695  -4.041  1.00 50.00 ? 53  LEU A N   1 
ATOM 323  C CA  . LEU A 1 61  ? -4.171  16.668  -5.080  1.00 50.00 ? 53  LEU A CA  1 
ATOM 324  C C   . LEU A 1 61  ? -4.412  15.531  -6.066  1.00 50.00 ? 53  LEU A C   1 
ATOM 325  O O   . LEU A 1 61  ? -4.379  15.737  -7.278  1.00 50.00 ? 53  LEU A O   1 
ATOM 326  C CB  . LEU A 1 61  ? -2.781  16.535  -4.450  1.00 50.00 ? 53  LEU A CB  1 
ATOM 327  C CG  . LEU A 1 61  ? -1.595  16.462  -5.408  1.00 50.00 ? 53  LEU A CG  1 
ATOM 328  C CD1 . LEU A 1 61  ? -1.231  17.850  -5.896  1.00 50.00 ? 53  LEU A CD1 1 
ATOM 329  C CD2 . LEU A 1 61  ? -0.411  15.810  -4.746  1.00 50.00 ? 53  LEU A CD2 1 
ATOM 330  N N   . ILE A 1 62  ? -4.658  14.335  -5.540  1.00 50.00 ? 54  ILE A N   1 
ATOM 331  C CA  . ILE A 1 62  ? -4.861  13.165  -6.383  1.00 50.00 ? 54  ILE A CA  1 
ATOM 332  C C   . ILE A 1 62  ? -6.206  13.210  -7.111  1.00 50.00 ? 54  ILE A C   1 
ATOM 333  O O   . ILE A 1 62  ? -6.248  13.007  -8.331  1.00 50.00 ? 54  ILE A O   1 
ATOM 334  C CB  . ILE A 1 62  ? -4.680  11.854  -5.601  1.00 50.00 ? 54  ILE A CB  1 
ATOM 335  C CG1 . ILE A 1 62  ? -3.217  11.718  -5.189  1.00 50.00 ? 54  ILE A CG1 1 
ATOM 336  C CG2 . ILE A 1 62  ? -5.120  10.651  -6.445  1.00 50.00 ? 54  ILE A CG2 1 
ATOM 337  C CD1 . ILE A 1 62  ? -2.918  10.533  -4.308  1.00 50.00 ? 54  ILE A CD1 1 
ATOM 338  N N   . LEU A 1 63  ? -7.286  13.487  -6.375  1.00 50.00 ? 55  LEU A N   1 
ATOM 339  C CA  . LEU A 1 63  ? -8.626  13.521  -6.969  1.00 50.00 ? 55  LEU A CA  1 
ATOM 340  C C   . LEU A 1 63  ? -8.738  14.556  -8.090  1.00 50.00 ? 55  LEU A C   1 
ATOM 341  O O   . LEU A 1 63  ? -9.365  14.284  -9.114  1.00 50.00 ? 55  LEU A O   1 
ATOM 342  C CB  . LEU A 1 63  ? -9.717  13.720  -5.910  1.00 50.00 ? 55  LEU A CB  1 
ATOM 343  C CG  . LEU A 1 63  ? -9.850  12.686  -4.782  1.00 50.00 ? 55  LEU A CG  1 
ATOM 344  C CD1 . LEU A 1 63  ? -10.948 13.115  -3.833  1.00 50.00 ? 55  LEU A CD1 1 
ATOM 345  C CD2 . LEU A 1 63  ? -10.088 11.268  -5.275  1.00 50.00 ? 55  LEU A CD2 1 
ATOM 346  N N   . SER A 1 64  ? -8.116  15.723  -7.913  1.00 50.00 ? 56  SER A N   1 
ATOM 347  C CA  . SER A 1 64  ? -8.173  16.792  -8.919  1.00 50.00 ? 56  SER A CA  1 
ATOM 348  C C   . SER A 1 64  ? -7.562  16.398  -10.277 1.00 50.00 ? 56  SER A C   1 
ATOM 349  O O   . SER A 1 64  ? -7.839  17.040  -11.296 1.00 50.00 ? 56  SER A O   1 
ATOM 350  C CB  . SER A 1 64  ? -7.533  18.083  -8.383  1.00 50.00 ? 56  SER A CB  1 
ATOM 351  O OG  . SER A 1 64  ? -6.119  17.994  -8.299  1.00 50.00 ? 56  SER A OG  1 
ATOM 352  N N   . ARG A 1 65  ? -6.735  15.351  -10.274 1.00 50.00 ? 57  ARG A N   1 
ATOM 353  C CA  . ARG A 1 65  ? -6.177  14.767  -11.492 1.00 50.00 ? 57  ARG A CA  1 
ATOM 354  C C   . ARG A 1 65  ? -6.959  13.517  -11.933 1.00 50.00 ? 57  ARG A C   1 
ATOM 355  O O   . ARG A 1 65  ? -7.309  13.376  -13.109 1.00 50.00 ? 57  ARG A O   1 
ATOM 356  C CB  . ARG A 1 65  ? -4.712  14.422  -11.271 1.00 50.00 ? 57  ARG A CB  1 
ATOM 357  C CG  . ARG A 1 65  ? -3.975  13.997  -12.533 1.00 50.00 ? 57  ARG A CG  1 
ATOM 358  C CD  . ARG A 1 65  ? -2.466  13.881  -12.293 1.00 50.00 ? 57  ARG A CD  1 
ATOM 359  N NE  . ARG A 1 65  ? -1.893  15.132  -11.778 1.00 50.00 ? 57  ARG A NE  1 
ATOM 360  C CZ  . ARG A 1 65  ? -1.319  16.064  -12.530 1.00 50.00 ? 57  ARG A CZ  1 
ATOM 361  N NH1 . ARG A 1 65  ? -1.219  15.905  -13.846 1.00 50.00 ? 57  ARG A NH1 1 
ATOM 362  N NH2 . ARG A 1 65  ? -0.834  17.156  -11.965 1.00 50.00 ? 57  ARG A NH2 1 
ATOM 363  N N   . ILE A 1 66  ? -7.234  12.630  -10.974 1.00 50.00 ? 58  ILE A N   1 
ATOM 364  C CA  . ILE A 1 66  ? -7.848  11.324  -11.221 1.00 50.00 ? 58  ILE A CA  1 
ATOM 365  C C   . ILE A 1 66  ? -9.322  11.401  -11.649 1.00 50.00 ? 58  ILE A C   1 
ATOM 366  O O   . ILE A 1 66  ? -9.724  10.676  -12.570 1.00 50.00 ? 58  ILE A O   1 
ATOM 367  C CB  . ILE A 1 66  ? -7.629  10.366  -10.000 1.00 50.00 ? 58  ILE A CB  1 
ATOM 368  C CG1 . ILE A 1 66  ? -6.239  9.733   -10.067 1.00 50.00 ? 58  ILE A CG1 1 
ATOM 369  C CG2 . ILE A 1 66  ? -8.637  9.247   -9.951  1.00 50.00 ? 58  ILE A CG2 1 
ATOM 370  N N   . THR A 1 67  ? -10.119 12.265  -11.010 1.00 50.00 ? 59  THR A N   1 
ATOM 371  C CA  . THR A 1 67  ? -11.570 12.314  -11.297 1.00 50.00 ? 59  THR A CA  1 
ATOM 372  C C   . THR A 1 67  ? -11.868 12.828  -12.705 1.00 50.00 ? 59  THR A C   1 
ATOM 373  O O   . THR A 1 67  ? -12.884 12.463  -13.299 1.00 50.00 ? 59  THR A O   1 
ATOM 374  C CB  . THR A 1 67  ? -12.403 13.104  -10.244 1.00 50.00 ? 59  THR A CB  1 
ATOM 375  O OG1 . THR A 1 67  ? -12.070 14.491  -10.295 1.00 50.00 ? 59  THR A OG1 1 
ATOM 376  C CG2 . THR A 1 67  ? -12.181 12.563  -8.823  1.00 50.00 ? 59  THR A CG2 1 
ATOM 377  N N   . GLU A 1 68  ? -10.972 13.659  -13.230 1.00 50.00 ? 60  GLU A N   1 
ATOM 378  C CA  . GLU A 1 68  ? -11.077 14.189  -14.587 1.00 50.00 ? 60  GLU A CA  1 
ATOM 379  C C   . GLU A 1 68  ? -11.184 13.077  -15.639 1.00 50.00 ? 60  GLU A C   1 
ATOM 380  O O   . GLU A 1 68  ? -11.896 13.226  -16.634 1.00 50.00 ? 60  GLU A O   1 
ATOM 381  C CB  . GLU A 1 68  ? -9.889  15.125  -14.881 1.00 50.00 ? 60  GLU A CB  1 
ATOM 382  C CG  . GLU A 1 68  ? -9.810  15.721  -16.305 1.00 50.00 ? 60  GLU A CG  1 
ATOM 383  C CD  . GLU A 1 68  ? -11.148 16.271  -16.834 1.00 50.00 ? 60  GLU A CD  1 
ATOM 384  O OE1 . GLU A 1 68  ? -11.398 16.121  -18.053 1.00 50.00 ? 60  GLU A OE1 1 
ATOM 385  O OE2 . GLU A 1 68  ? -11.952 16.845  -16.045 1.00 50.00 ? 60  GLU A OE2 1 
ATOM 386  N N   . LEU A 1 69  ? -10.492 11.965  -15.394 1.00 50.00 ? 61  LEU A N   1 
ATOM 387  C CA  . LEU A 1 69  ? -10.467 10.812  -16.302 1.00 50.00 ? 61  LEU A CA  1 
ATOM 388  C C   . LEU A 1 69  ? -11.785 10.027  -16.353 1.00 50.00 ? 61  LEU A C   1 
ATOM 389  O O   . LEU A 1 69  ? -11.939 9.145   -17.192 1.00 50.00 ? 61  LEU A O   1 
ATOM 390  C CB  . LEU A 1 69  ? -9.329  9.857   -15.912 1.00 50.00 ? 61  LEU A CB  1 
ATOM 391  C CG  . LEU A 1 69  ? -7.943  10.467  -15.680 1.00 50.00 ? 61  LEU A CG  1 
ATOM 392  C CD1 . LEU A 1 69  ? -7.065  9.500   -14.903 1.00 50.00 ? 61  LEU A CD1 1 
ATOM 393  C CD2 . LEU A 1 69  ? -7.271  10.909  -16.992 1.00 50.00 ? 61  LEU A CD2 1 
ATOM 394  N N   . GLY A 1 70  ? -12.720 10.332  -15.457 1.00 50.00 ? 62  GLY A N   1 
ATOM 395  C CA  . GLY A 1 70  ? -14.008 9.642   -15.420 1.00 50.00 ? 62  GLY A CA  1 
ATOM 396  C C   . GLY A 1 70  ? -13.982 8.170   -15.021 1.00 50.00 ? 62  GLY A C   1 
ATOM 397  O O   . GLY A 1 70  ? -14.833 7.390   -15.460 1.00 50.00 ? 62  GLY A O   1 
ATOM 398  N N   . VAL A 1 71  ? -13.014 7.786   -14.192 1.00 50.00 ? 63  VAL A N   1 
ATOM 399  C CA  . VAL A 1 71  ? -12.976 6.436   -13.621 1.00 50.00 ? 63  VAL A CA  1 
ATOM 400  C C   . VAL A 1 71  ? -13.716 6.416   -12.283 1.00 50.00 ? 63  VAL A C   1 
ATOM 401  O O   . VAL A 1 71  ? -13.995 7.471   -11.722 1.00 50.00 ? 63  VAL A O   1 
ATOM 402  C CB  . VAL A 1 71  ? -11.525 5.917   -13.433 1.00 50.00 ? 63  VAL A CB  1 
ATOM 403  C CG1 . VAL A 1 71  ? -10.824 5.735   -14.787 1.00 50.00 ? 63  VAL A CG1 1 
ATOM 404  C CG2 . VAL A 1 71  ? -10.719 6.841   -12.500 1.00 50.00 ? 63  VAL A CG2 1 
ATOM 405  N N   . ASN A 1 72  ? -14.047 5.228   -11.780 1.00 50.00 ? 64  ASN A N   1 
ATOM 406  C CA  . ASN A 1 72  ? -14.534 5.111   -10.408 1.00 50.00 ? 64  ASN A CA  1 
ATOM 407  C C   . ASN A 1 72  ? -13.335 5.232   -9.480  1.00 50.00 ? 64  ASN A C   1 
ATOM 408  O O   . ASN A 1 72  ? -12.252 4.728   -9.794  1.00 50.00 ? 64  ASN A O   1 
ATOM 409  C CB  . ASN A 1 72  ? -15.227 3.766   -10.129 1.00 50.00 ? 64  ASN A CB  1 
ATOM 410  C CG  . ASN A 1 72  ? -16.110 3.293   -11.270 1.00 50.00 ? 64  ASN A CG  1 
ATOM 411  O OD1 . ASN A 1 72  ? -16.967 4.021   -11.770 1.00 50.00 ? 64  ASN A OD1 1 
ATOM 412  N ND2 . ASN A 1 72  ? -15.909 2.053   -11.673 1.00 50.00 ? 64  ASN A ND2 1 
ATOM 413  N N   . VAL A 1 73  ? -13.514 5.905   -8.347  1.00 50.00 ? 65  VAL A N   1 
ATOM 414  C CA  . VAL A 1 73  ? -12.451 5.939   -7.343  1.00 50.00 ? 65  VAL A CA  1 
ATOM 415  C C   . VAL A 1 73  ? -12.954 5.450   -5.992  1.00 50.00 ? 65  VAL A C   1 
ATOM 416  O O   . VAL A 1 73  ? -14.085 5.735   -5.605  1.00 50.00 ? 65  VAL A O   1 
ATOM 417  C CB  . VAL A 1 73  ? -11.738 7.334   -7.242  1.00 50.00 ? 65  VAL A CB  1 
ATOM 418  C CG1 . VAL A 1 73  ? -11.489 7.911   -8.625  1.00 50.00 ? 65  VAL A CG1 1 
ATOM 419  C CG2 . VAL A 1 73  ? -12.535 8.321   -6.442  1.00 50.00 ? 65  VAL A CG2 1 
ATOM 420  N N   . VAL A 1 74  ? -12.119 4.677   -5.298  1.00 50.00 ? 66  VAL A N   1 
ATOM 421  C CA  . VAL A 1 74  ? -12.365 4.349   -3.887  1.00 50.00 ? 66  VAL A CA  1 
ATOM 422  C C   . VAL A 1 74  ? -11.203 4.853   -3.022  1.00 50.00 ? 66  VAL A C   1 
ATOM 423  O O   . VAL A 1 74  ? -10.039 4.728   -3.392  1.00 50.00 ? 66  VAL A O   1 
ATOM 424  C CB  . VAL A 1 74  ? -12.715 2.842   -3.630  1.00 50.00 ? 66  VAL A CB  1 
ATOM 425  C CG1 . VAL A 1 74  ? -13.748 2.353   -4.623  1.00 50.00 ? 66  VAL A CG1 1 
ATOM 426  C CG2 . VAL A 1 74  ? -11.526 1.974   -3.744  1.00 50.00 ? 66  VAL A CG2 1 
ATOM 427  N N   . SER A 1 75  ? -11.538 5.442   -1.883  1.00 50.00 ? 67  SER A N   1 
ATOM 428  C CA  . SER A 1 75  ? -10.590 6.196   -1.077  1.00 50.00 ? 67  SER A CA  1 
ATOM 429  C C   . SER A 1 75  ? -11.174 6.414   0.312   1.00 50.00 ? 67  SER A C   1 
ATOM 430  O O   . SER A 1 75  ? -12.369 6.681   0.437   1.00 50.00 ? 67  SER A O   1 
ATOM 431  C CB  . SER A 1 75  ? -10.307 7.542   -1.750  1.00 50.00 ? 67  SER A CB  1 
ATOM 432  O OG  . SER A 1 75  ? -9.424  8.328   -0.982  1.00 50.00 ? 67  SER A OG  1 
ATOM 433  N N   . GLU A 1 76  ? -10.338 6.309   1.347   1.00 50.00 ? 68  GLU A N   1 
ATOM 434  C CA  . GLU A 1 76  ? -10.805 6.413   2.748   1.00 50.00 ? 68  GLU A CA  1 
ATOM 435  C C   . GLU A 1 76  ? -11.579 7.708   3.064   1.00 50.00 ? 68  GLU A C   1 
ATOM 436  O O   . GLU A 1 76  ? -12.555 7.682   3.825   1.00 50.00 ? 68  GLU A O   1 
ATOM 437  C CB  . GLU A 1 76  ? -9.644  6.226   3.732   1.00 50.00 ? 68  GLU A CB  1 
ATOM 438  C CG  . GLU A 1 76  ? -10.033 6.316   5.195   1.00 50.00 ? 68  GLU A CG  1 
ATOM 439  C CD  . GLU A 1 76  ? -8.897  5.934   6.122   1.00 50.00 ? 68  GLU A CD  1 
ATOM 440  O OE2 . GLU A 1 76  ? -9.107  5.035   6.971   1.00 50.00 ? 68  GLU A OE2 1 
ATOM 441  N N   . GLU A 1 77  ? -11.158 8.826   2.479   1.00 50.00 ? 69  GLU A N   1 
ATOM 442  C CA  . GLU A 1 77  ? -11.826 10.087  2.759   1.00 50.00 ? 69  GLU A CA  1 
ATOM 443  C C   . GLU A 1 77  ? -13.124 10.302  1.982   1.00 50.00 ? 69  GLU A C   1 
ATOM 444  O O   . GLU A 1 77  ? -14.001 11.012  2.475   1.00 50.00 ? 69  GLU A O   1 
ATOM 445  C CB  . GLU A 1 77  ? -10.885 11.269  2.561   1.00 50.00 ? 69  GLU A CB  1 
ATOM 446  C CG  . GLU A 1 77  ? -10.019 11.528  3.760   0.50 50.00 ? 69  GLU A CG  1 
ATOM 447  C CD  . GLU A 1 77  ? -8.801  12.323  3.407   0.50 50.00 ? 69  GLU A CD  1 
ATOM 448  O OE1 . GLU A 1 77  ? -8.961  13.472  2.952   0.50 50.00 ? 69  GLU A OE1 1 
ATOM 449  O OE2 . GLU A 1 77  ? -7.686  11.792  3.584   0.50 50.00 ? 69  GLU A OE2 1 
ATOM 450  N N   . VAL A 1 78  ? -13.262 9.708   0.792   1.00 50.00 ? 70  VAL A N   1 
ATOM 451  C CA  . VAL A 1 78  ? -14.460 9.951   -0.047  1.00 50.00 ? 70  VAL A CA  1 
ATOM 452  C C   . VAL A 1 78  ? -15.350 8.716   -0.308  1.00 50.00 ? 70  VAL A C   1 
ATOM 453  O O   . VAL A 1 78  ? -16.311 8.793   -1.087  1.00 50.00 ? 70  VAL A O   1 
ATOM 454  C CB  . VAL A 1 78  ? -14.113 10.634  -1.415  1.00 50.00 ? 70  VAL A CB  1 
ATOM 455  C CG1 . VAL A 1 78  ? -13.401 11.958  -1.213  1.00 50.00 ? 70  VAL A CG1 1 
ATOM 456  C CG2 . VAL A 1 78  ? -13.294 9.693   -2.316  1.00 50.00 ? 70  VAL A CG2 1 
ATOM 457  N N   . GLY A 1 79  ? -15.038 7.591   0.337   1.00 50.00 ? 71  GLY A N   1 
ATOM 458  C CA  . GLY A 1 79  ? -15.754 6.334   0.096   1.00 50.00 ? 71  GLY A CA  1 
ATOM 459  C C   . GLY A 1 79  ? -15.576 5.891   -1.347  1.00 50.00 ? 71  GLY A C   1 
ATOM 460  O O   . GLY A 1 79  ? -14.467 5.921   -1.874  1.00 50.00 ? 71  GLY A O   1 
ATOM 461  N N   . VAL A 1 80  ? -16.672 5.494   -1.987  1.00 50.00 ? 72  VAL A N   1 
ATOM 462  C CA  . VAL A 1 80  ? -16.669 5.151   -3.408  1.00 50.00 ? 72  VAL A CA  1 
ATOM 463  C C   . VAL A 1 80  ? -17.302 6.291   -4.218  1.00 50.00 ? 72  VAL A C   1 
ATOM 464  O O   . VAL A 1 80  ? -18.381 6.766   -3.883  1.00 50.00 ? 72  VAL A O   1 
ATOM 465  C CB  . VAL A 1 80  ? -17.436 3.833   -3.678  1.00 50.00 ? 72  VAL A CB  1 
ATOM 466  C CG1 . VAL A 1 80  ? -17.238 3.374   -5.129  1.00 50.00 ? 72  VAL A CG1 1 
ATOM 467  C CG2 . VAL A 1 80  ? -17.015 2.727   -2.699  1.00 50.00 ? 72  VAL A CG2 1 
ATOM 468  N N   . ILE A 1 81  ? -16.611 6.735   -5.264  1.00 50.00 ? 73  ILE A N   1 
ATOM 469  C CA  . ILE A 1 81  ? -17.190 7.600   -6.284  1.00 50.00 ? 73  ILE A CA  1 
ATOM 470  C C   . ILE A 1 81  ? -17.475 6.709   -7.488  1.00 50.00 ? 73  ILE A C   1 
ATOM 471  O O   . ILE A 1 81  ? -16.551 6.248   -8.177  1.00 50.00 ? 73  ILE A O   1 
ATOM 472  C CB  . ILE A 1 81  ? -16.241 8.756   -6.684  1.00 50.00 ? 73  ILE A CB  1 
ATOM 473  C CG1 . ILE A 1 81  ? -16.038 9.709   -5.502  1.00 50.00 ? 73  ILE A CG1 1 
ATOM 474  C CG2 . ILE A 1 81  ? -16.759 9.491   -7.945  1.00 50.00 ? 73  ILE A CG2 1 
ATOM 475  C CD1 . ILE A 1 81  ? -14.940 10.750  -5.709  1.00 50.00 ? 73  ILE A CD1 1 
ATOM 476  N N   . ASP A 1 82  ? -18.760 6.460   -7.725  1.00 50.00 ? 74  ASP A N   1 
ATOM 477  C CA  . ASP A 1 82  ? -19.202 5.653   -8.862  1.00 50.00 ? 74  ASP A CA  1 
ATOM 478  C C   . ASP A 1 82  ? -19.408 6.500   -10.115 1.00 50.00 ? 74  ASP A C   1 
ATOM 479  O O   . ASP A 1 82  ? -20.117 7.504   -10.092 1.00 50.00 ? 74  ASP A O   1 
ATOM 480  C CB  . ASP A 1 82  ? -20.484 4.883   -8.528  1.00 50.00 ? 74  ASP A CB  1 
ATOM 481  C CG  . ASP A 1 82  ? -20.717 3.702   -9.462  1.00 50.00 ? 74  ASP A CG  1 
ATOM 482  O OD1 . ASP A 1 82  ? -19.938 3.492   -10.432 1.00 50.00 ? 74  ASP A OD1 1 
ATOM 483  O OD2 . ASP A 1 82  ? -21.694 2.967   -9.218  1.00 50.00 ? 74  ASP A OD2 1 
ATOM 484  N N   . ASN A 1 83  ? -18.771 6.079   -11.199 1.00 50.00 ? 75  ASN A N   1 
ATOM 485  C CA  . ASN A 1 83  ? -18.944 6.699   -12.501 1.00 50.00 ? 75  ASN A CA  1 
ATOM 486  C C   . ASN A 1 83  ? -19.372 5.676   -13.551 1.00 50.00 ? 75  ASN A C   1 
ATOM 487  O O   . ASN A 1 83  ? -19.203 5.897   -14.755 1.00 50.00 ? 75  ASN A O   1 
ATOM 488  C CB  . ASN A 1 83  ? -17.649 7.393   -12.925 1.00 50.00 ? 75  ASN A CB  1 
ATOM 489  C CG  . ASN A 1 83  ? -17.427 8.707   -12.204 1.00 50.00 ? 75  ASN A CG  1 
ATOM 490  O OD1 . ASN A 1 83  ? -18.318 9.219   -11.527 1.00 50.00 ? 75  ASN A OD1 1 
ATOM 491  N ND2 . ASN A 1 83  ? -16.234 9.271   -12.358 1.00 50.00 ? 75  ASN A ND2 1 
ATOM 492  N N   . GLU A 1 84  ? -19.929 4.556   -13.085 1.00 50.00 ? 76  GLU A N   1 
ATOM 493  C CA  . GLU A 1 84  ? -20.246 3.418   -13.945 1.00 50.00 ? 76  GLU A CA  1 
ATOM 494  C C   . GLU A 1 84  ? -19.111 3.186   -14.950 1.00 50.00 ? 76  GLU A C   1 
ATOM 495  O O   . GLU A 1 84  ? -19.364 2.882   -16.124 1.00 50.00 ? 76  GLU A O   1 
ATOM 496  N N   . SER A 1 85  ? -17.871 3.343   -14.485 1.00 50.00 ? 77  SER A N   1 
ATOM 497  C CA  . SER A 1 85  ? -16.700 3.222   -15.340 1.00 50.00 ? 77  SER A CA  1 
ATOM 498  C C   . SER A 1 85  ? -16.147 1.823   -15.293 1.00 50.00 ? 77  SER A C   1 
ATOM 499  O O   . SER A 1 85  ? -16.204 1.172   -14.252 1.00 50.00 ? 77  SER A O   1 
ATOM 500  C CB  . SER A 1 85  ? -15.611 4.203   -14.908 1.00 50.00 ? 77  SER A CB  1 
ATOM 501  O OG  . SER A 1 85  ? -14.477 4.113   -15.763 1.00 50.00 ? 77  SER A OG  1 
ATOM 502  N N   . GLU A 1 86  ? -15.603 1.379   -16.424 1.00 50.00 ? 78  GLU A N   1 
ATOM 503  C CA  . GLU A 1 86  ? -14.937 0.076   -16.543 1.00 50.00 ? 78  GLU A CA  1 
ATOM 504  C C   . GLU A 1 86  ? -13.741 -0.045  -15.593 1.00 50.00 ? 78  GLU A C   1 
ATOM 505  O O   . GLU A 1 86  ? -13.399 -1.147  -15.149 1.00 50.00 ? 78  GLU A O   1 
ATOM 506  C CB  . GLU A 1 86  ? -14.467 -0.143  -17.982 1.00 50.00 ? 78  GLU A CB  1 
ATOM 507  C CG  . GLU A 1 86  ? -14.031 -1.571  -18.306 1.00 50.00 ? 78  GLU A CG  1 
ATOM 508  C CD  . GLU A 1 86  ? -13.367 -1.698  -19.668 1.00 50.00 ? 78  GLU A CD  1 
ATOM 509  O OE1 . GLU A 1 86  ? -13.493 -0.776  -20.513 1.00 50.00 ? 78  GLU A OE1 1 
ATOM 510  O OE2 . GLU A 1 86  ? -12.713 -2.734  -19.900 1.00 50.00 ? 78  GLU A OE2 1 
ATOM 511  N N   . TYR A 1 87  ? -13.127 1.101   -15.293 1.00 50.00 ? 79  TYR A N   1 
ATOM 512  C CA  . TYR A 1 87  ? -11.921 1.171   -14.486 1.00 50.00 ? 79  TYR A CA  1 
ATOM 513  C C   . TYR A 1 87  ? -12.142 1.709   -13.071 1.00 50.00 ? 79  TYR A C   1 
ATOM 514  O O   . TYR A 1 87  ? -12.908 2.655   -12.857 1.00 50.00 ? 79  TYR A O   1 
ATOM 515  C CB  . TYR A 1 87  ? -10.886 2.029   -15.196 1.00 50.00 ? 79  TYR A CB  1 
ATOM 516  C CG  . TYR A 1 87  ? -10.405 1.493   -16.525 1.00 50.00 ? 79  TYR A CG  1 
ATOM 517  C CD1 . TYR A 1 87  ? -10.829 2.074   -17.716 1.00 50.00 ? 79  TYR A CD1 1 
ATOM 518  C CD2 . TYR A 1 87  ? -9.504  0.417   -16.592 1.00 50.00 ? 79  TYR A CD2 1 
ATOM 519  C CE1 . TYR A 1 87  ? -10.384 1.603   -18.946 1.00 50.00 ? 79  TYR A CE1 1 
ATOM 520  C CE2 . TYR A 1 87  ? -9.051  -0.066  -17.822 1.00 50.00 ? 79  TYR A CE2 1 
ATOM 521  C CZ  . TYR A 1 87  ? -9.497  0.534   -19.000 1.00 50.00 ? 79  TYR A CZ  1 
ATOM 522  O OH  . TYR A 1 87  ? -9.064  0.077   -20.231 1.00 50.00 ? 79  TYR A OH  1 
ATOM 523  N N   . THR A 1 88  ? -11.455 1.100   -12.112 1.00 50.00 ? 80  THR A N   1 
ATOM 524  C CA  . THR A 1 88  ? -11.521 1.524   -10.716 1.00 50.00 ? 80  THR A CA  1 
ATOM 525  C C   . THR A 1 88  ? -10.112 1.785   -10.183 1.00 50.00 ? 80  THR A C   1 
ATOM 526  O O   . THR A 1 88  ? -9.233  0.932   -10.299 1.00 50.00 ? 80  THR A O   1 
ATOM 527  C CB  . THR A 1 88  ? -12.254 0.476   -9.837  1.00 50.00 ? 80  THR A CB  1 
ATOM 528  O OG1 . THR A 1 88  ? -13.544 0.214   -10.396 1.00 50.00 ? 80  THR A OG1 1 
ATOM 529  C CG2 . THR A 1 88  ? -12.432 0.970   -8.405  1.00 50.00 ? 80  THR A CG2 1 
ATOM 530  N N   . VAL A 1 89  ? -9.917  2.970   -9.611  1.00 50.00 ? 81  VAL A N   1 
ATOM 531  C CA  . VAL A 1 89  ? -8.658  3.347   -8.980  1.00 50.00 ? 81  VAL A CA  1 
ATOM 532  C C   . VAL A 1 89  ? -8.831  3.386   -7.460  1.00 50.00 ? 81  VAL A C   1 
ATOM 533  O O   . VAL A 1 89  ? -9.619  4.174   -6.940  1.00 50.00 ? 81  VAL A O   1 
ATOM 534  C CB  . VAL A 1 89  ? -8.139  4.715   -9.496  1.00 50.00 ? 81  VAL A CB  1 
ATOM 535  C CG1 . VAL A 1 89  ? -6.741  4.976   -9.002  1.00 50.00 ? 81  VAL A CG1 1 
ATOM 536  C CG2 . VAL A 1 89  ? -8.135  4.761   -11.006 1.00 50.00 ? 81  VAL A CG2 1 
ATOM 537  N N   . ILE A 1 90  ? -8.104  2.526   -6.755  1.00 50.00 ? 82  ILE A N   1 
ATOM 538  C CA  . ILE A 1 90  ? -7.992  2.644   -5.300  1.00 50.00 ? 82  ILE A CA  1 
ATOM 539  C C   . ILE A 1 90  ? -6.798  3.533   -4.965  1.00 50.00 ? 82  ILE A C   1 
ATOM 540  O O   . ILE A 1 90  ? -5.670  3.277   -5.381  1.00 50.00 ? 82  ILE A O   1 
ATOM 541  C CB  . ILE A 1 90  ? -7.873  1.290   -4.580  1.00 50.00 ? 82  ILE A CB  1 
ATOM 542  C CG1 . ILE A 1 90  ? -8.959  0.327   -5.087  1.00 50.00 ? 82  ILE A CG1 1 
ATOM 543  C CG2 . ILE A 1 90  ? -7.924  1.499   -3.062  1.00 50.00 ? 82  ILE A CG2 1 
ATOM 544  C CD1 . ILE A 1 90  ? -9.029  -1.013  -4.372  1.00 50.00 ? 82  ILE A CD1 1 
ATOM 545  N N   . VAL A 1 91  ? -7.082  4.580   -4.207  1.00 50.00 ? 83  VAL A N   1 
ATOM 546  C CA  . VAL A 1 91  ? -6.137  5.635   -3.902  1.00 50.00 ? 83  VAL A CA  1 
ATOM 547  C C   . VAL A 1 91  ? -5.806  5.651   -2.409  1.00 50.00 ? 83  VAL A C   1 
ATOM 548  O O   . VAL A 1 91  ? -6.705  5.794   -1.566  1.00 50.00 ? 83  VAL A O   1 
ATOM 549  C CB  . VAL A 1 91  ? -6.728  7.009   -4.320  1.00 50.00 ? 83  VAL A CB  1 
ATOM 550  C CG1 . VAL A 1 91  ? -5.855  8.169   -3.832  1.00 50.00 ? 83  VAL A CG1 1 
ATOM 551  C CG2 . VAL A 1 91  ? -6.907  7.076   -5.816  1.00 50.00 ? 83  VAL A CG2 1 
ATOM 552  N N   . ASP A 1 92  ? -4.529  5.496   -2.076  1.00 50.00 ? 84  ASP A N   1 
ATOM 553  C CA  . ASP A 1 92  ? -4.069  5.879   -0.741  1.00 50.00 ? 84  ASP A CA  1 
ATOM 554  C C   . ASP A 1 92  ? -3.157  7.092   -0.906  1.00 50.00 ? 84  ASP A C   1 
ATOM 555  O O   . ASP A 1 92  ? -2.007  6.950   -1.329  1.00 50.00 ? 84  ASP A O   1 
ATOM 556  C CB  . ASP A 1 92  ? -3.379  4.728   0.005   1.00 50.00 ? 84  ASP A CB  1 
ATOM 557  C CG  . ASP A 1 92  ? -3.254  4.977   1.519   1.00 50.00 ? 84  ASP A CG  1 
ATOM 558  O OD1 . ASP A 1 92  ? -3.463  6.127   1.989   1.00 50.00 ? 84  ASP A OD1 1 
ATOM 559  O OD2 . ASP A 1 92  ? -2.938  4.005   2.254   1.00 50.00 ? 84  ASP A OD2 1 
ATOM 560  N N   . PRO A 1 93  ? -3.680  8.292   -0.599  1.00 50.00 ? 85  PRO A N   1 
ATOM 561  C CA  . PRO A 1 93  ? -2.914  9.521   -0.837  1.00 50.00 ? 85  PRO A CA  1 
ATOM 562  C C   . PRO A 1 93  ? -1.716  9.704   0.101   1.00 50.00 ? 85  PRO A C   1 
ATOM 563  O O   . PRO A 1 93  ? -0.726  10.306  -0.307  1.00 50.00 ? 85  PRO A O   1 
ATOM 564  C CB  . PRO A 1 93  ? -3.946  10.630  -0.632  1.00 50.00 ? 85  PRO A CB  1 
ATOM 565  C CG  . PRO A 1 93  ? -4.989  10.029  0.259   1.00 50.00 ? 85  PRO A CG  1 
ATOM 566  C CD  . PRO A 1 93  ? -5.015  8.559   -0.025  1.00 50.00 ? 85  PRO A CD  1 
ATOM 567  N N   . LEU A 1 94  ? -1.807  9.189   1.331   1.00 50.00 ? 86  LEU A N   1 
ATOM 568  C CA  . LEU A 1 94  ? -0.714  9.249   2.298   1.00 50.00 ? 86  LEU A CA  1 
ATOM 569  C C   . LEU A 1 94  ? -0.793  8.097   3.284   1.00 50.00 ? 86  LEU A C   1 
ATOM 570  O O   . LEU A 1 94  ? -1.431  8.186   4.334   1.00 50.00 ? 86  LEU A O   1 
ATOM 571  C CB  . LEU A 1 94  ? -0.679  10.599  3.036   1.00 50.00 ? 86  LEU A CB  1 
ATOM 572  C CG  . LEU A 1 94  ? 0.407   10.823  4.099   1.00 50.00 ? 86  LEU A CG  1 
ATOM 573  C CD1 . LEU A 1 94  ? 1.809   10.910  3.494   1.00 50.00 ? 86  LEU A CD1 1 
ATOM 574  C CD2 . LEU A 1 94  ? 0.098   12.061  4.901   1.00 50.00 ? 86  LEU A CD2 1 
ATOM 575  N N   . ASP A 1 95  ? -0.133  7.010   2.917   1.00 50.00 ? 87  ASP A N   1 
ATOM 576  C CA  . ASP A 1 95  ? 0.089   5.876   3.795   1.00 50.00 ? 87  ASP A CA  1 
ATOM 577  C C   . ASP A 1 95  ? 1.173   6.269   4.802   1.00 50.00 ? 87  ASP A C   1 
ATOM 578  O O   . ASP A 1 95  ? 2.200   6.808   4.414   1.00 50.00 ? 87  ASP A O   1 
ATOM 579  C CB  . ASP A 1 95  ? 0.521   4.686   2.943   1.00 50.00 ? 87  ASP A CB  1 
ATOM 580  C CG  . ASP A 1 95  ? 0.684   3.411   3.739   1.00 50.00 ? 87  ASP A CG  1 
ATOM 581  O OD1 . ASP A 1 95  ? 1.715   2.738   3.540   1.00 50.00 ? 87  ASP A OD1 1 
ATOM 582  O OD2 . ASP A 1 95  ? -0.207  3.077   4.546   1.00 50.00 ? 87  ASP A OD2 1 
ATOM 583  N N   . GLY A 1 96  ? 0.943   6.021   6.085   1.00 50.00 ? 88  GLY A N   1 
ATOM 584  C CA  . GLY A 1 96  ? 1.878   6.440   7.123   1.00 50.00 ? 88  GLY A CA  1 
ATOM 585  C C   . GLY A 1 96  ? 1.688   7.882   7.547   1.00 50.00 ? 88  GLY A C   1 
ATOM 586  O O   . GLY A 1 96  ? 2.654   8.622   7.713   1.00 50.00 ? 88  GLY A O   1 
ATOM 587  N N   . SER A 1 97  ? 0.428   8.263   7.736   1.00 50.00 ? 89  SER A N   1 
ATOM 588  C CA  . SER A 1 97  ? 0.019   9.625   8.089   1.00 50.00 ? 89  SER A CA  1 
ATOM 589  C C   . SER A 1 97  ? 0.645   10.195  9.386   1.00 50.00 ? 89  SER A C   1 
ATOM 590  O O   . SER A 1 97  ? 1.157   11.321  9.388   1.00 50.00 ? 89  SER A O   1 
ATOM 591  C CB  . SER A 1 97  ? -1.504  9.672   8.171   1.00 50.00 ? 89  SER A CB  1 
ATOM 592  O OG  . SER A 1 97  ? -1.969  11.002  8.218   1.00 50.00 ? 89  SER A OG  1 
ATOM 593  N N   . TYR A 1 98  ? 0.601   9.425   10.476  1.00 50.00 ? 90  TYR A N   1 
ATOM 594  C CA  . TYR A 1 98  ? 1.227   9.837   11.730  1.00 50.00 ? 90  TYR A CA  1 
ATOM 595  C C   . TYR A 1 98  ? 2.726   10.078  11.569  1.00 50.00 ? 90  TYR A C   1 
ATOM 596  O O   . TYR A 1 98  ? 3.237   11.097  12.043  1.00 50.00 ? 90  TYR A O   1 
ATOM 597  C CB  . TYR A 1 98  ? 0.982   8.819   12.853  1.00 50.00 ? 90  TYR A CB  1 
ATOM 598  C CG  . TYR A 1 98  ? 1.771   9.162   14.096  1.00 50.00 ? 90  TYR A CG  1 
ATOM 599  C CD1 . TYR A 1 98  ? 3.030   8.582   14.339  1.00 50.00 ? 90  TYR A CD1 1 
ATOM 600  C CD2 . TYR A 1 98  ? 1.281   10.102  15.021  1.00 50.00 ? 90  TYR A CD2 1 
ATOM 601  C CE1 . TYR A 1 98  ? 3.772   8.922   15.488  1.00 50.00 ? 90  TYR A CE1 1 
ATOM 602  C CE2 . TYR A 1 98  ? 2.012   10.444  16.169  1.00 50.00 ? 90  TYR A CE2 1 
ATOM 603  C CZ  . TYR A 1 98  ? 3.250   9.851   16.395  1.00 50.00 ? 90  TYR A CZ  1 
ATOM 604  O OH  . TYR A 1 98  ? 3.963   10.187  17.524  1.00 50.00 ? 90  TYR A OH  1 
ATOM 605  N N   . ASN A 1 99  ? 3.411   9.125   10.924  1.00 50.00 ? 91  ASN A N   1 
ATOM 606  C CA  . ASN A 1 99  ? 4.837   9.195   10.642  1.00 50.00 ? 91  ASN A CA  1 
ATOM 607  C C   . ASN A 1 99  ? 5.208   10.467  9.898   1.00 50.00 ? 91  ASN A C   1 
ATOM 608  O O   . ASN A 1 99  ? 6.123   11.188  10.310  1.00 50.00 ? 91  ASN A O   1 
ATOM 609  C CB  . ASN A 1 99  ? 5.275   8.005   9.795   1.00 50.00 ? 91  ASN A CB  1 
ATOM 610  C CG  . ASN A 1 99  ? 5.433   6.719   10.580  1.00 50.00 ? 91  ASN A CG  1 
ATOM 611  O OD1 . ASN A 1 99  ? 5.358   6.681   11.801  1.00 50.00 ? 91  ASN A OD1 1 
ATOM 612  N ND2 . ASN A 1 99  ? 5.663   5.642   9.853   1.00 50.00 ? 91  ASN A ND2 1 
ATOM 613  N N   . PHE A 1 100 ? 4.492   10.726  8.799   1.00 50.00 ? 92  PHE A N   1 
ATOM 614  C CA  . PHE A 1 100 ? 4.721   11.909  7.977   1.00 50.00 ? 92  PHE A CA  1 
ATOM 615  C C   . PHE A 1 100 ? 4.663   13.206  8.791   1.00 50.00 ? 92  PHE A C   1 
ATOM 616  O O   . PHE A 1 100 ? 5.551   14.065  8.654   1.00 50.00 ? 92  PHE A O   1 
ATOM 617  C CB  . PHE A 1 100 ? 3.735   11.976  6.815   1.00 50.00 ? 92  PHE A CB  1 
ATOM 618  C CG  . PHE A 1 100 ? 3.970   13.148  5.891   1.00 50.00 ? 92  PHE A CG  1 
ATOM 619  C CD1 . PHE A 1 100 ? 3.370   14.388  6.131   1.00 50.00 ? 92  PHE A CD1 1 
ATOM 620  C CD2 . PHE A 1 100 ? 4.795   13.019  4.781   1.00 50.00 ? 92  PHE A CD2 1 
ATOM 621  C CE1 . PHE A 1 100 ? 3.591   15.465  5.280   1.00 50.00 ? 92  PHE A CE1 1 
ATOM 622  C CE2 . PHE A 1 100 ? 5.018   14.094  3.927   1.00 50.00 ? 92  PHE A CE2 1 
ATOM 623  C CZ  . PHE A 1 100 ? 4.411   15.315  4.178   1.00 50.00 ? 92  PHE A CZ  1 
ATOM 624  N N   . ILE A 1 101 ? 3.629   13.350  9.621   1.00 50.00 ? 93  ILE A N   1 
ATOM 625  C CA  . ILE A 1 101 ? 3.469   14.544  10.443  1.00 50.00 ? 93  ILE A CA  1 
ATOM 626  C C   . ILE A 1 101 ? 4.593   14.627  11.473  1.00 50.00 ? 93  ILE A C   1 
ATOM 627  O O   . ILE A 1 101 ? 5.243   15.660  11.599  1.00 50.00 ? 93  ILE A O   1 
ATOM 628  C CB  . ILE A 1 101 ? 2.068   14.615  11.116  1.00 50.00 ? 93  ILE A CB  1 
ATOM 629  C CG1 . ILE A 1 101 ? 0.956   14.542  10.060  1.00 50.00 ? 93  ILE A CG1 1 
ATOM 630  C CG2 . ILE A 1 101 ? 1.926   15.888  11.959  1.00 50.00 ? 93  ILE A CG2 1 
ATOM 631  C CD1 . ILE A 1 101 ? -0.346  13.972  10.551  1.00 50.00 ? 93  ILE A CD1 1 
ATOM 632  N N   . ALA A 1 102 ? 4.835   13.527  12.179  1.00 50.00 ? 94  ALA A N   1 
ATOM 633  C CA  . ALA A 1 102 ? 5.883   13.463  13.203  1.00 50.00 ? 94  ALA A CA  1 
ATOM 634  C C   . ALA A 1 102 ? 7.337   13.703  12.710  1.00 50.00 ? 94  ALA A C   1 
ATOM 635  O O   . ALA A 1 102 ? 8.216   14.007  13.519  1.00 50.00 ? 94  ALA A O   1 
ATOM 636  C CB  . ALA A 1 102 ? 5.783   12.145  13.954  1.00 50.00 ? 94  ALA A CB  1 
ATOM 637  N N   . GLY A 1 103 ? 7.581   13.575  11.403  1.00 50.00 ? 95  GLY A N   1 
ATOM 638  C CA  . GLY A 1 103 ? 8.930   13.648  10.850  1.00 50.00 ? 95  GLY A CA  1 
ATOM 639  C C   . GLY A 1 103 ? 9.663   12.307  10.813  1.00 50.00 ? 95  GLY A C   1 
ATOM 640  O O   . GLY A 1 103 ? 10.887  12.264  10.672  1.00 50.00 ? 95  GLY A O   1 
ATOM 641  N N   . ILE A 1 104 ? 8.907   11.216  10.952  1.00 50.00 ? 96  ILE A N   1 
ATOM 642  C CA  . ILE A 1 104 ? 9.425   9.858   10.803  1.00 50.00 ? 96  ILE A CA  1 
ATOM 643  C C   . ILE A 1 104 ? 9.339   9.465   9.321   1.00 50.00 ? 96  ILE A C   1 
ATOM 644  O O   . ILE A 1 104 ? 8.265   9.567   8.726   1.00 50.00 ? 96  ILE A O   1 
ATOM 645  C CB  . ILE A 1 104 ? 8.653   8.866   11.714  1.00 50.00 ? 96  ILE A CB  1 
ATOM 646  C CG1 . ILE A 1 104 ? 8.788   9.276   13.190  1.00 50.00 ? 96  ILE A CG1 1 
ATOM 647  C CG2 . ILE A 1 104 ? 9.121   7.422   11.494  1.00 50.00 ? 96  ILE A CG2 1 
ATOM 648  C CD1 . ILE A 1 104 ? 7.743   8.670   14.119  1.00 50.00 ? 96  ILE A CD1 1 
ATOM 649  N N   . PRO A 1 105 ? 10.467  9.010   8.723   1.00 50.00 ? 97  PRO A N   1 
ATOM 650  C CA  . PRO A 1 105 ? 10.563  8.827   7.269   1.00 50.00 ? 97  PRO A CA  1 
ATOM 651  C C   . PRO A 1 105 ? 10.028  7.504   6.725   1.00 50.00 ? 97  PRO A C   1 
ATOM 652  O O   . PRO A 1 105 ? 10.707  6.866   5.924   1.00 50.00 ? 97  PRO A O   1 
ATOM 653  C CB  . PRO A 1 105 ? 12.072  8.948   6.994   1.00 50.00 ? 97  PRO A CB  1 
ATOM 654  C CG  . PRO A 1 105 ? 12.751  8.871   8.324   1.00 50.00 ? 97  PRO A CG  1 
ATOM 655  C CD  . PRO A 1 105 ? 11.731  8.641   9.384   1.00 50.00 ? 97  PRO A CD  1 
ATOM 656  N N   . PHE A 1 106 ? 8.828   7.109   7.153   1.00 50.00 ? 98  PHE A N   1 
ATOM 657  C CA  . PHE A 1 106 ? 8.071   6.007   6.534   1.00 50.00 ? 98  PHE A CA  1 
ATOM 658  C C   . PHE A 1 106 ? 6.675   6.397   6.132   1.00 50.00 ? 98  PHE A C   1 
ATOM 659  O O   . PHE A 1 106 ? 5.754   6.453   6.965   1.00 50.00 ? 98  PHE A O   1 
ATOM 660  C CB  . PHE A 1 106 ? 7.971   4.814   7.456   1.00 50.00 ? 98  PHE A CB  1 
ATOM 661  C CG  . PHE A 1 106 ? 9.218   4.071   7.562   1.00 50.00 ? 98  PHE A CG  1 
ATOM 662  C CD1 . PHE A 1 106 ? 9.650   3.270   6.509   1.00 50.00 ? 98  PHE A CD1 1 
ATOM 663  C CD2 . PHE A 1 106 ? 9.989   4.174   8.709   1.00 50.00 ? 98  PHE A CD2 1 
ATOM 664  C CE1 . PHE A 1 106 ? 10.838  2.579   6.603   1.00 50.00 ? 98  PHE A CE1 1 
ATOM 665  C CE2 . PHE A 1 106 ? 11.184  3.487   8.826   0.50 50.00 ? 98  PHE A CE2 1 
ATOM 666  C CZ  . PHE A 1 106 ? 11.605  2.688   7.771   1.00 50.00 ? 98  PHE A CZ  1 
ATOM 667  N N   . PHE A 1 107 ? 6.529   6.648   4.839   1.00 50.00 ? 99  PHE A N   1 
ATOM 668  C CA  . PHE A 1 107 ? 5.271   7.060   4.251   1.00 50.00 ? 99  PHE A CA  1 
ATOM 669  C C   . PHE A 1 107 ? 5.341   6.841   2.755   1.00 50.00 ? 99  PHE A C   1 
ATOM 670  O O   . PHE A 1 107 ? 6.424   6.835   2.174   1.00 50.00 ? 99  PHE A O   1 
ATOM 671  C CB  . PHE A 1 107 ? 4.924   8.520   4.603   1.00 50.00 ? 99  PHE A CB  1 
ATOM 672  C CG  . PHE A 1 107 ? 5.966   9.517   4.192   1.00 50.00 ? 99  PHE A CG  1 
ATOM 673  C CD1 . PHE A 1 107 ? 7.063   9.776   5.013   1.00 50.00 ? 99  PHE A CD1 1 
ATOM 674  C CD2 . PHE A 1 107 ? 5.848   10.204  2.988   1.00 50.00 ? 99  PHE A CD2 1 
ATOM 675  C CE1 . PHE A 1 107 ? 8.026   10.687  4.636   1.00 50.00 ? 99  PHE A CE1 1 
ATOM 676  C CE2 . PHE A 1 107 ? 6.803   11.126  2.599   1.00 50.00 ? 99  PHE A CE2 1 
ATOM 677  C CZ  . PHE A 1 107 ? 7.897   11.373  3.423   1.00 50.00 ? 99  PHE A CZ  1 
ATOM 678  N N   . ALA A 1 108 ? 4.173   6.653   2.147   1.00 50.00 ? 100 ALA A N   1 
ATOM 679  C CA  . ALA A 1 108 ? 4.062   6.407   0.717   1.00 50.00 ? 100 ALA A CA  1 
ATOM 680  C C   . ALA A 1 108 ? 2.745   6.934   0.149   1.00 50.00 ? 100 ALA A C   1 
ATOM 681  O O   . ALA A 1 108 ? 1.781   7.124   0.882   1.00 50.00 ? 100 ALA A O   1 
ATOM 682  C CB  . ALA A 1 108 ? 4.207   4.918   0.435   1.00 50.00 ? 100 ALA A CB  1 
ATOM 683  N N   . LEU A 1 109 ? 2.735   7.184   -1.156  1.00 50.00 ? 101 LEU A N   1 
ATOM 684  C CA  . LEU A 1 109 ? 1.527   7.383   -1.940  1.00 50.00 ? 101 LEU A CA  1 
ATOM 685  C C   . LEU A 1 109 ? 1.304   6.068   -2.684  1.00 50.00 ? 101 LEU A C   1 
ATOM 686  O O   . LEU A 1 109 ? 2.265   5.433   -3.104  1.00 50.00 ? 101 LEU A O   1 
ATOM 687  C CB  . LEU A 1 109 ? 1.726   8.535   -2.942  1.00 50.00 ? 101 LEU A CB  1 
ATOM 688  N N   . SER A 1 110 ? 0.052   5.650   -2.847  1.00 50.00 ? 102 SER A N   1 
ATOM 689  C CA  . SER A 1 110 ? -0.234  4.433   -3.629  1.00 50.00 ? 102 SER A CA  1 
ATOM 690  C C   . SER A 1 110 ? -1.469  4.520   -4.537  1.00 50.00 ? 102 SER A C   1 
ATOM 691  O O   . SER A 1 110 ? -2.434  5.227   -4.231  1.00 50.00 ? 102 SER A O   1 
ATOM 692  C CB  . SER A 1 110 ? -0.299  3.189   -2.727  1.00 50.00 ? 102 SER A CB  1 
ATOM 693  O OG  . SER A 1 110 ? -1.459  3.188   -1.929  1.00 50.00 ? 102 SER A OG  1 
ATOM 694  N N   . LEU A 1 111 ? -1.411  3.803   -5.655  1.00 50.00 ? 103 LEU A N   1 
ATOM 695  C CA  . LEU A 1 111 ? -2.515  3.700   -6.595  1.00 50.00 ? 103 LEU A CA  1 
ATOM 696  C C   . LEU A 1 111 ? -2.640  2.275   -7.058  1.00 50.00 ? 103 LEU A C   1 
ATOM 697  O O   . LEU A 1 111 ? -1.660  1.680   -7.469  1.00 50.00 ? 103 LEU A O   1 
ATOM 698  C CB  . LEU A 1 111 ? -2.278  4.579   -7.828  1.00 50.00 ? 103 LEU A CB  1 
ATOM 699  C CG  . LEU A 1 111 ? -2.106  6.090   -7.678  1.00 50.00 ? 103 LEU A CG  1 
ATOM 700  C CD1 . LEU A 1 111 ? -1.702  6.672   -8.995  1.00 50.00 ? 103 LEU A CD1 1 
ATOM 701  C CD2 . LEU A 1 111 ? -3.384  6.752   -7.171  1.00 50.00 ? 103 LEU A CD2 1 
ATOM 702  N N   . ALA A 1 112 ? -3.850  1.735   -6.990  1.00 50.00 ? 104 ALA A N   1 
ATOM 703  C CA  . ALA A 1 112 ? -4.157  0.427   -7.575  1.00 50.00 ? 104 ALA A CA  1 
ATOM 704  C C   . ALA A 1 112 ? -5.251  0.584   -8.635  1.00 50.00 ? 104 ALA A C   1 
ATOM 705  O O   . ALA A 1 112 ? -6.313  1.129   -8.357  1.00 50.00 ? 104 ALA A O   1 
ATOM 706  C CB  . ALA A 1 112 ? -4.564  -0.572  -6.492  1.00 50.00 ? 104 ALA A CB  1 
ATOM 707  N N   . VAL A 1 113 ? -4.968  0.115   -9.847  1.00 50.00 ? 105 VAL A N   1 
ATOM 708  C CA  . VAL A 1 113 ? -5.837  0.322   -11.015 1.00 50.00 ? 105 VAL A CA  1 
ATOM 709  C C   . VAL A 1 113 ? -6.428  -0.996  -11.497 1.00 50.00 ? 105 VAL A C   1 
ATOM 710  O O   . VAL A 1 113 ? -5.702  -1.921  -11.888 1.00 50.00 ? 105 VAL A O   1 
ATOM 711  C CB  . VAL A 1 113 ? -5.069  0.997   -12.187 1.00 50.00 ? 105 VAL A CB  1 
ATOM 712  C CG1 . VAL A 1 113 ? -5.913  1.038   -13.459 1.00 50.00 ? 105 VAL A CG1 1 
ATOM 713  C CG2 . VAL A 1 113 ? -4.624  2.397   -11.799 1.00 50.00 ? 105 VAL A CG2 1 
ATOM 714  N N   . PHE A 1 114 ? -7.752  -1.070  -11.467 1.00 50.00 ? 106 PHE A N   1 
ATOM 715  C CA  . PHE A 1 114 ? -8.467  -2.260  -11.913 1.00 50.00 ? 106 PHE A CA  1 
ATOM 716  C C   . PHE A 1 114 ? -9.196  -2.004  -13.222 1.00 50.00 ? 106 PHE A C   1 
ATOM 717  O O   . PHE A 1 114 ? -9.765  -0.926  -13.432 1.00 50.00 ? 106 PHE A O   1 
ATOM 718  C CB  . PHE A 1 114 ? -9.461  -2.719  -10.850 1.00 50.00 ? 106 PHE A CB  1 
ATOM 719  C CG  . PHE A 1 114 ? -8.823  -3.151  -9.565  1.00 50.00 ? 106 PHE A CG  1 
ATOM 720  C CD1 . PHE A 1 114 ? -8.405  -2.209  -8.619  1.00 50.00 ? 106 PHE A CD1 1 
ATOM 721  C CD2 . PHE A 1 114 ? -8.656  -4.500  -9.282  1.00 50.00 ? 106 PHE A CD2 1 
ATOM 722  C CE1 . PHE A 1 114 ? -7.815  -2.612  -7.415  1.00 50.00 ? 106 PHE A CE1 1 
ATOM 723  C CE2 . PHE A 1 114 ? -8.067  -4.911  -8.082  1.00 50.00 ? 106 PHE A CE2 1 
ATOM 724  C CZ  . PHE A 1 114 ? -7.646  -3.963  -7.151  1.00 50.00 ? 106 PHE A CZ  1 
ATOM 725  N N   . LYS A 1 115 ? -9.147  -3.000  -14.100 1.00 50.00 ? 107 LYS A N   1 
ATOM 726  C CA  . LYS A 1 115 ? -10.012 -3.064  -15.270 1.00 50.00 ? 107 LYS A CA  1 
ATOM 727  C C   . LYS A 1 115 ? -11.088 -4.081  -14.933 1.00 50.00 ? 107 LYS A C   1 
ATOM 728  O O   . LYS A 1 115 ? -10.843 -5.293  -14.959 1.00 50.00 ? 107 LYS A O   1 
ATOM 729  C CB  . LYS A 1 115 ? -9.225  -3.494  -16.506 1.00 50.00 ? 107 LYS A CB  1 
ATOM 730  C CG  . LYS A 1 115 ? -10.036 -3.463  -17.776 1.00 50.00 ? 107 LYS A CG  1 
ATOM 731  C CD  . LYS A 1 115 ? -9.221  -3.910  -18.965 1.00 50.00 ? 107 LYS A CD  1 
ATOM 732  C CE  . LYS A 1 115 ? -9.687  -3.205  -20.222 1.00 50.00 ? 107 LYS A CE  1 
ATOM 733  N NZ  . LYS A 1 115 ? -9.574  -4.082  -21.418 1.00 50.00 ? 107 LYS A NZ  1 
ATOM 734  N N   . LYS A 1 116 ? -12.274 -3.577  -14.604 1.00 50.00 ? 108 LYS A N   1 
ATOM 735  C CA  . LYS A 1 116 ? -13.373 -4.403  -14.088 1.00 50.00 ? 108 LYS A CA  1 
ATOM 736  C C   . LYS A 1 116 ? -12.977 -4.991  -12.728 1.00 50.00 ? 108 LYS A C   1 
ATOM 737  O O   . LYS A 1 116 ? -12.881 -4.244  -11.749 1.00 50.00 ? 108 LYS A O   1 
ATOM 738  C CB  . LYS A 1 116 ? -13.838 -5.469  -15.109 1.00 50.00 ? 108 LYS A CB  1 
ATOM 739  C CG  . LYS A 1 116 ? -14.562 -4.885  -16.341 1.00 50.00 ? 108 LYS A CG  1 
ATOM 740  C CD  . LYS A 1 116 ? -14.905 -5.935  -17.403 1.00 50.00 ? 108 LYS A CD  1 
ATOM 741  C CE  . LYS A 1 116 ? -13.830 -6.033  -18.501 1.00 50.00 ? 108 LYS A CE  1 
ATOM 742  N NZ  . LYS A 1 116 ? -14.092 -7.139  -19.482 1.00 50.00 ? 108 LYS A NZ  1 
ATOM 743  N N   . ASP A 1 117 ? -12.727 -6.295  -12.654 1.00 50.00 ? 109 ASP A N   1 
ATOM 744  C CA  . ASP A 1 117 ? -12.383 -6.922  -11.367 1.00 50.00 ? 109 ASP A CA  1 
ATOM 745  C C   . ASP A 1 117 ? -10.943 -7.458  -11.287 1.00 50.00 ? 109 ASP A C   1 
ATOM 746  O O   . ASP A 1 117 ? -10.483 -7.875  -10.223 1.00 50.00 ? 109 ASP A O   1 
ATOM 747  C CB  . ASP A 1 117 ? -13.417 -8.005  -10.988 1.00 50.00 ? 109 ASP A CB  1 
ATOM 748  C CG  . ASP A 1 117 ? -14.514 -7.480  -10.040 1.00 50.00 ? 109 ASP A CG  1 
ATOM 749  O OD1 . ASP A 1 117 ? -14.840 -6.267  -10.075 1.00 50.00 ? 109 ASP A OD1 1 
ATOM 750  O OD2 . ASP A 1 117 ? -15.062 -8.283  -9.247  1.00 50.00 ? 109 ASP A OD2 1 
ATOM 751  N N   . LYS A 1 118 ? -10.236 -7.446  -12.413 1.00 50.00 ? 110 LYS A N   1 
ATOM 752  C CA  . LYS A 1 118 ? -8.829  -7.820  -12.425 1.00 50.00 ? 110 LYS A CA  1 
ATOM 753  C C   . LYS A 1 118 ? -7.972  -6.569  -12.210 1.00 50.00 ? 110 LYS A C   1 
ATOM 754  O O   . LYS A 1 118 ? -8.209  -5.545  -12.866 1.00 50.00 ? 110 LYS A O   1 
ATOM 755  C CB  . LYS A 1 118 ? -8.453  -8.521  -13.738 1.00 50.00 ? 110 LYS A CB  1 
ATOM 756  N N   . PRO A 1 119 ? -6.998  -6.634  -11.271 1.00 50.00 ? 111 PRO A N   1 
ATOM 757  C CA  . PRO A 1 119 ? -5.947  -5.619  -11.158 1.00 50.00 ? 111 PRO A CA  1 
ATOM 758  C C   . PRO A 1 119 ? -5.047  -5.619  -12.385 1.00 50.00 ? 111 PRO A C   1 
ATOM 759  O O   . PRO A 1 119 ? -4.696  -6.685  -12.880 1.00 50.00 ? 111 PRO A O   1 
ATOM 760  C CB  . PRO A 1 119 ? -5.156  -6.075  -9.929  1.00 50.00 ? 111 PRO A CB  1 
ATOM 761  C CG  . PRO A 1 119 ? -5.427  -7.523  -9.814  1.00 50.00 ? 111 PRO A CG  1 
ATOM 762  C CD  . PRO A 1 119 ? -6.850  -7.673  -10.235 1.00 50.00 ? 111 PRO A CD  1 
ATOM 763  N N   . ILE A 1 120 ? -4.694  -4.436  -12.881 1.00 50.00 ? 112 ILE A N   1 
ATOM 764  C CA  . ILE A 1 120 ? -3.806  -4.329  -14.051 1.00 50.00 ? 112 ILE A CA  1 
ATOM 765  C C   . ILE A 1 120 ? -2.536  -3.515  -13.790 1.00 50.00 ? 112 ILE A C   1 
ATOM 766  O O   . ILE A 1 120 ? -1.573  -3.619  -14.546 1.00 50.00 ? 112 ILE A O   1 
ATOM 767  C CB  . ILE A 1 120 ? -4.528  -3.772  -15.323 1.00 50.00 ? 112 ILE A CB  1 
ATOM 768  C CG1 . ILE A 1 120 ? -5.073  -2.352  -15.099 1.00 50.00 ? 112 ILE A CG1 1 
ATOM 769  C CG2 . ILE A 1 120 ? -5.628  -4.734  -15.786 1.00 50.00 ? 112 ILE A CG2 1 
ATOM 770  C CD1 . ILE A 1 120 ? -5.017  -1.476  -16.348 1.00 50.00 ? 112 ILE A CD1 1 
ATOM 771  N N   . TYR A 1 121 ? -2.547  -2.712  -12.724 1.00 50.00 ? 113 TYR A N   1 
ATOM 772  C CA  . TYR A 1 121 ? -1.450  -1.801  -12.395 1.00 50.00 ? 113 TYR A CA  1 
ATOM 773  C C   . TYR A 1 121 ? -1.559  -1.324  -10.961 1.00 50.00 ? 113 TYR A C   1 
ATOM 774  O O   . TYR A 1 121 ? -2.644  -0.957  -10.491 1.00 50.00 ? 113 TYR A O   1 
ATOM 775  C CB  . TYR A 1 121 ? -1.463  -0.586  -13.322 1.00 50.00 ? 113 TYR A CB  1 
ATOM 776  C CG  . TYR A 1 121 ? -0.172  0.196   -13.374 1.00 50.00 ? 113 TYR A CG  1 
ATOM 777  C CD1 . TYR A 1 121 ? -0.169  1.570   -13.188 1.00 50.00 ? 113 TYR A CD1 1 
ATOM 778  C CD2 . TYR A 1 121 ? 1.046   -0.437  -13.623 1.00 50.00 ? 113 TYR A CD2 1 
ATOM 779  C CE1 . TYR A 1 121 ? 1.006   2.304   -13.250 1.00 50.00 ? 113 TYR A CE1 1 
ATOM 780  C CE2 . TYR A 1 121 ? 2.235   0.289   -13.682 1.00 50.00 ? 113 TYR A CE2 1 
ATOM 781  C CZ  . TYR A 1 121 ? 2.203   1.656   -13.493 1.00 50.00 ? 113 TYR A CZ  1 
ATOM 782  O OH  . TYR A 1 121 ? 3.369   2.373   -13.551 1.00 50.00 ? 113 TYR A OH  1 
ATOM 783  N N   . ALA A 1 122 ? -0.425  -1.339  -10.270 1.00 50.00 ? 114 ALA A N   1 
ATOM 784  C CA  . ALA A 1 122 ? -0.337  -0.808  -8.920  1.00 50.00 ? 114 ALA A CA  1 
ATOM 785  C C   . ALA A 1 122 ? 1.020   -0.153  -8.754  1.00 50.00 ? 114 ALA A C   1 
ATOM 786  O O   . ALA A 1 122 ? 2.012   -0.638  -9.284  1.00 50.00 ? 114 ALA A O   1 
ATOM 787  C CB  . ALA A 1 122 ? -0.553  -1.903  -7.884  1.00 50.00 ? 114 ALA A CB  1 
ATOM 788  N N   . ILE A 1 123 ? 1.045   0.967   -8.040  1.00 50.00 ? 115 ILE A N   1 
ATOM 789  C CA  . ILE A 1 123 ? 2.294   1.648   -7.710  1.00 50.00 ? 115 ILE A CA  1 
ATOM 790  C C   . ILE A 1 123 ? 2.385   2.028   -6.235  1.00 50.00 ? 115 ILE A C   1 
ATOM 791  O O   . ILE A 1 123 ? 1.380   2.312   -5.587  1.00 50.00 ? 115 ILE A O   1 
ATOM 792  C CB  . ILE A 1 123 ? 2.535   2.913   -8.565  1.00 50.00 ? 115 ILE A CB  1 
ATOM 793  C CG1 . ILE A 1 123 ? 1.458   3.965   -8.287  1.00 50.00 ? 115 ILE A CG1 1 
ATOM 794  C CG2 . ILE A 1 123 ? 2.606   2.556   -10.050 1.00 50.00 ? 115 ILE A CG2 1 
ATOM 795  C CD1 . ILE A 1 123 ? 2.003   5.348   -8.037  1.00 50.00 ? 115 ILE A CD1 1 
ATOM 796  N N   . ILE A 1 124 ? 3.604   2.006   -5.713  1.00 50.00 ? 116 ILE A N   1 
ATOM 797  C CA  . ILE A 1 124 ? 3.914   2.614   -4.435  1.00 50.00 ? 116 ILE A CA  1 
ATOM 798  C C   . ILE A 1 124 ? 5.132   3.487   -4.660  1.00 50.00 ? 116 ILE A C   1 
ATOM 799  O O   . ILE A 1 124 ? 6.165   3.009   -5.123  1.00 50.00 ? 116 ILE A O   1 
ATOM 800  C CB  . ILE A 1 124 ? 4.145   1.572   -3.332  1.00 50.00 ? 116 ILE A CB  1 
ATOM 801  C CG1 . ILE A 1 124 ? 2.819   0.912   -2.969  1.00 50.00 ? 116 ILE A CG1 1 
ATOM 802  C CG2 . ILE A 1 124 ? 4.740   2.225   -2.087  1.00 50.00 ? 116 ILE A CG2 1 
ATOM 803  C CD1 . ILE A 1 124 ? 2.934   -0.374  -2.236  1.00 50.00 ? 116 ILE A CD1 1 
ATOM 804  N N   . TYR A 1 125 ? 4.994   4.774   -4.369  1.00 50.00 ? 117 TYR A N   1 
ATOM 805  C CA  . TYR A 1 125 ? 6.139   5.665   -4.382  1.00 50.00 ? 117 TYR A CA  1 
ATOM 806  C C   . TYR A 1 125 ? 6.553   6.031   -2.960  1.00 50.00 ? 117 TYR A C   1 
ATOM 807  O O   . TYR A 1 125 ? 5.727   6.467   -2.160  1.00 50.00 ? 117 TYR A O   1 
ATOM 808  C CB  . TYR A 1 125 ? 5.898   6.917   -5.236  1.00 50.00 ? 117 TYR A CB  1 
ATOM 809  C CG  . TYR A 1 125 ? 7.109   7.827   -5.289  1.00 50.00 ? 117 TYR A CG  1 
ATOM 810  C CD1 . TYR A 1 125 ? 7.119   9.044   -4.615  1.00 50.00 ? 117 TYR A CD1 1 
ATOM 811  C CD2 . TYR A 1 125 ? 8.263   7.454   -5.996  1.00 50.00 ? 117 TYR A CD2 1 
ATOM 812  C CE1 . TYR A 1 125 ? 8.246   9.877   -4.652  1.00 50.00 ? 117 TYR A CE1 1 
ATOM 813  C CE2 . TYR A 1 125 ? 9.396   8.281   -6.036  1.00 50.00 ? 117 TYR A CE2 1 
ATOM 814  C CZ  . TYR A 1 125 ? 9.379   9.488   -5.363  1.00 50.00 ? 117 TYR A CZ  1 
ATOM 815  O OH  . TYR A 1 125 ? 10.480  10.311  -5.404  1.00 50.00 ? 117 TYR A OH  1 
ATOM 816  N N   . GLU A 1 126 ? 7.838   5.845   -2.669  1.00 50.00 ? 118 GLU A N   1 
ATOM 817  C CA  . GLU A 1 126 ? 8.401   6.154   -1.362  1.00 50.00 ? 118 GLU A CA  1 
ATOM 818  C C   . GLU A 1 126 ? 9.277   7.398   -1.447  1.00 50.00 ? 118 GLU A C   1 
ATOM 819  O O   . GLU A 1 126 ? 10.444  7.293   -1.795  1.00 50.00 ? 118 GLU A O   1 
ATOM 820  C CB  . GLU A 1 126 ? 9.211   4.978   -0.834  1.00 50.00 ? 118 GLU A CB  1 
ATOM 821  C CG  . GLU A 1 126 ? 9.450   5.051   0.634   1.00 50.00 ? 118 GLU A CG  1 
ATOM 822  C CD  . GLU A 1 126 ? 10.569  4.163   1.129   1.00 50.00 ? 118 GLU A CD  1 
ATOM 823  O OE1 . GLU A 1 126 ? 11.066  3.297   0.381   1.00 50.00 ? 118 GLU A OE1 1 
ATOM 824  O OE2 . GLU A 1 126 ? 10.951  4.347   2.299   1.00 50.00 ? 118 GLU A OE2 1 
ATOM 825  N N   . PRO A 1 127 ? 8.713   8.582   -1.130  1.00 50.00 ? 119 PRO A N   1 
ATOM 826  C CA  . PRO A 1 127 ? 9.432   9.842   -1.349  1.00 50.00 ? 119 PRO A CA  1 
ATOM 827  C C   . PRO A 1 127 ? 10.820  9.959   -0.702  1.00 50.00 ? 119 PRO A C   1 
ATOM 828  O O   . PRO A 1 127 ? 11.722  10.476  -1.352  1.00 50.00 ? 119 PRO A O   1 
ATOM 829  C CB  . PRO A 1 127 ? 8.458   10.897  -0.803  1.00 50.00 ? 119 PRO A CB  1 
ATOM 830  C CG  . PRO A 1 127 ? 7.137   10.260  -0.907  1.00 50.00 ? 119 PRO A CG  1 
ATOM 831  C CD  . PRO A 1 127 ? 7.369   8.829   -0.574  1.00 50.00 ? 119 PRO A CD  1 
ATOM 832  N N   . MET A 1 128 ? 10.996  9.470   0.530   1.00 50.00 ? 120 MET A N   1 
ATOM 833  C CA  . MET A 1 128 ? 12.292  9.576   1.245   1.00 50.00 ? 120 MET A CA  1 
ATOM 834  C C   . MET A 1 128 ? 13.449  8.831   0.584   1.00 50.00 ? 120 MET A C   1 
ATOM 835  O O   . MET A 1 128 ? 14.602  9.237   0.715   1.00 50.00 ? 120 MET A O   1 
ATOM 836  C CB  . MET A 1 128 ? 12.180  9.113   2.706   1.00 50.00 ? 120 MET A CB  1 
ATOM 837  C CG  . MET A 1 128 ? 11.330  9.997   3.610   1.00 50.00 ? 120 MET A CG  1 
ATOM 838  S SD  . MET A 1 128 ? 11.627  11.783  3.562   1.00 50.00 ? 120 MET A SD  1 
ATOM 839  C CE  . MET A 1 128 ? 13.285  11.885  4.225   1.00 50.00 ? 120 MET A CE  1 
ATOM 840  N N   . THR A 1 129 ? 13.138  7.742   -0.111  1.00 50.00 ? 121 THR A N   1 
ATOM 841  C CA  . THR A 1 129 ? 14.136  6.936   -0.815  1.00 50.00 ? 121 THR A CA  1 
ATOM 842  C C   . THR A 1 129 ? 14.066  7.109   -2.327  1.00 50.00 ? 121 THR A C   1 
ATOM 843  O O   . THR A 1 129 ? 14.900  6.562   -3.045  1.00 50.00 ? 121 THR A O   1 
ATOM 844  C CB  . THR A 1 129 ? 13.961  5.443   -0.519  1.00 50.00 ? 121 THR A CB  1 
ATOM 845  O OG1 . THR A 1 129 ? 12.641  5.047   -0.899  1.00 50.00 ? 121 THR A OG1 1 
ATOM 846  C CG2 . THR A 1 129 ? 14.161  5.144   0.960   1.00 50.00 ? 121 THR A CG2 1 
ATOM 847  N N   . GLU A 1 130 ? 13.067  7.863   -2.794  1.00 50.00 ? 122 GLU A N   1 
ATOM 848  C CA  . GLU A 1 130 ? 12.753  8.060   -4.229  1.00 50.00 ? 122 GLU A CA  1 
ATOM 849  C C   . GLU A 1 130 ? 12.481  6.756   -4.987  1.00 50.00 ? 122 GLU A C   1 
ATOM 850  O O   . GLU A 1 130 ? 12.844  6.606   -6.150  1.00 50.00 ? 122 GLU A O   1 
ATOM 851  C CB  . GLU A 1 130 ? 13.819  8.913   -4.923  1.00 50.00 ? 122 GLU A CB  1 
ATOM 852  C CG  . GLU A 1 130 ? 13.835  10.349  -4.434  1.00 50.00 ? 122 GLU A CG  1 
ATOM 853  C CD  . GLU A 1 130 ? 14.836  11.229  -5.174  1.00 50.00 ? 122 GLU A CD  1 
ATOM 854  O OE1 . GLU A 1 130 ? 14.798  12.467  -4.974  1.00 50.00 ? 122 GLU A OE1 1 
ATOM 855  O OE2 . GLU A 1 130 ? 15.663  10.695  -5.951  1.00 50.00 ? 122 GLU A OE2 1 
ATOM 856  N N   . ARG A 1 131 ? 11.832  5.822   -4.304  1.00 50.00 ? 123 ARG A N   1 
ATOM 857  C CA  . ARG A 1 131 ? 11.630  4.480   -4.819  1.00 50.00 ? 123 ARG A CA  1 
ATOM 858  C C   . ARG A 1 131 ? 10.289  4.335   -5.498  1.00 50.00 ? 123 ARG A C   1 
ATOM 859  O O   . ARG A 1 131 ? 9.251   4.639   -4.914  1.00 50.00 ? 123 ARG A O   1 
ATOM 860  C CB  . ARG A 1 131 ? 11.760  3.457   -3.699  1.00 50.00 ? 123 ARG A CB  1 
ATOM 861  C CG  . ARG A 1 131 ? 13.184  3.154   -3.333  1.00 50.00 ? 123 ARG A CG  1 
ATOM 862  C CD  . ARG A 1 131 ? 13.222  1.947   -2.470  1.00 50.00 ? 123 ARG A CD  1 
ATOM 863  N NE  . ARG A 1 131 ? 14.523  1.752   -1.854  1.00 50.00 ? 123 ARG A NE  1 
ATOM 864  C CZ  . ARG A 1 131 ? 14.729  1.665   -0.547  1.00 50.00 ? 123 ARG A CZ  1 
ATOM 865  N NH1 . ARG A 1 131 ? 15.953  1.479   -0.095  1.00 50.00 ? 123 ARG A NH1 1 
ATOM 866  N NH2 . ARG A 1 131 ? 13.723  1.754   0.310   1.00 50.00 ? 123 ARG A NH2 1 
ATOM 867  N N   . PHE A 1 132 ? 10.332  3.858   -6.736  1.00 50.00 ? 124 PHE A N   1 
ATOM 868  C CA  . PHE A 1 132 ? 9.142   3.701   -7.550  1.00 50.00 ? 124 PHE A CA  1 
ATOM 869  C C   . PHE A 1 132 ? 8.835   2.229   -7.737  1.00 50.00 ? 124 PHE A C   1 
ATOM 870  O O   . PHE A 1 132 ? 9.441   1.567   -8.558  1.00 50.00 ? 124 PHE A O   1 
ATOM 871  C CB  . PHE A 1 132 ? 9.334   4.426   -8.883  1.00 50.00 ? 124 PHE A CB  1 
ATOM 872  C CG  . PHE A 1 132 ? 8.120   4.424   -9.768  1.00 50.00 ? 124 PHE A CG  1 
ATOM 873  C CD1 . PHE A 1 132 ? 6.868   4.764   -9.271  1.00 50.00 ? 124 PHE A CD1 1 
ATOM 874  C CD2 . PHE A 1 132 ? 8.238   4.100   -11.114 1.00 50.00 ? 124 PHE A CD2 1 
ATOM 875  C CE1 . PHE A 1 132 ? 5.751   4.762   -10.096 1.00 50.00 ? 124 PHE A CE1 1 
ATOM 876  C CE2 . PHE A 1 132 ? 7.132   4.096   -11.950 1.00 50.00 ? 124 PHE A CE2 1 
ATOM 877  C CZ  . PHE A 1 132 ? 5.888   4.429   -11.444 1.00 50.00 ? 124 PHE A CZ  1 
ATOM 878  N N   . PHE A 1 133 ? 7.901   1.723   -6.943  1.00 50.00 ? 125 PHE A N   1 
ATOM 879  C CA  . PHE A 1 133 ? 7.502   0.323   -7.009  1.00 50.00 ? 125 PHE A CA  1 
ATOM 880  C C   . PHE A 1 133 ? 6.351   0.141   -7.985  1.00 50.00 ? 125 PHE A C   1 
ATOM 881  O O   . PHE A 1 133 ? 5.376   0.893   -7.963  1.00 50.00 ? 125 PHE A O   1 
ATOM 882  C CB  . PHE A 1 133 ? 7.059   -0.201  -5.643  1.00 50.00 ? 125 PHE A CB  1 
ATOM 883  C CG  . PHE A 1 133 ? 8.126   -0.187  -4.594  1.00 50.00 ? 125 PHE A CG  1 
ATOM 884  C CD1 . PHE A 1 133 ? 8.271   0.912   -3.743  1.00 50.00 ? 125 PHE A CD1 1 
ATOM 885  C CD2 . PHE A 1 133 ? 8.971   -1.286  -4.426  1.00 50.00 ? 125 PHE A CD2 1 
ATOM 886  C CE1 . PHE A 1 133 ? 9.258   0.925   -2.758  1.00 50.00 ? 125 PHE A CE1 1 
ATOM 887  C CE2 . PHE A 1 133 ? 9.958   -1.288  -3.443  1.00 50.00 ? 125 PHE A CE2 1 
ATOM 888  C CZ  . PHE A 1 133 ? 10.106  -0.183  -2.607  1.00 50.00 ? 125 PHE A CZ  1 
ATOM 889  N N   . GLU A 1 134 ? 6.470   -0.872  -8.834  1.00 50.00 ? 126 GLU A N   1 
ATOM 890  C CA  . GLU A 1 134 ? 5.431   -1.189  -9.801  1.00 50.00 ? 126 GLU A CA  1 
ATOM 891  C C   . GLU A 1 134 ? 4.966   -2.625  -9.683  1.00 50.00 ? 126 GLU A C   1 
ATOM 892  O O   . GLU A 1 134 ? 5.769   -3.534  -9.543  1.00 50.00 ? 126 GLU A O   1 
ATOM 893  C CB  . GLU A 1 134 ? 5.906   -0.896  -11.214 1.00 50.00 ? 126 GLU A CB  1 
ATOM 894  C CG  . GLU A 1 134 ? 5.729   0.546   -11.607 1.00 50.00 ? 126 GLU A CG  1 
ATOM 895  C CD  . GLU A 1 134 ? 6.342   0.847   -12.953 1.00 50.00 ? 126 GLU A CD  1 
ATOM 896  O OE1 . GLU A 1 134 ? 7.587   0.787   -13.067 1.00 50.00 ? 126 GLU A OE1 1 
ATOM 897  O OE2 . GLU A 1 134 ? 5.586   1.145   -13.904 1.00 50.00 ? 126 GLU A OE2 1 
ATOM 898  N N   . GLY A 1 135 ? 3.655   -2.814  -9.727  1.00 50.00 ? 127 GLY A N   1 
ATOM 899  C CA  . GLY A 1 135 ? 3.054   -4.142  -9.718  1.00 50.00 ? 127 GLY A CA  1 
ATOM 900  C C   . GLY A 1 135 ? 2.231   -4.285  -10.974 1.00 50.00 ? 127 GLY A C   1 
ATOM 901  O O   . GLY A 1 135 ? 1.180   -3.650  -11.104 1.00 50.00 ? 127 GLY A O   1 
ATOM 902  N N   . ILE A 1 136 ? 2.723   -5.109  -11.899 1.00 50.00 ? 128 ILE A N   1 
ATOM 903  C CA  . ILE A 1 136 ? 2.144   -5.245  -13.237 1.00 50.00 ? 128 ILE A CA  1 
ATOM 904  C C   . ILE A 1 136 ? 1.817   -6.723  -13.516 1.00 50.00 ? 128 ILE A C   1 
ATOM 905  O O   . ILE A 1 136 ? 2.712   -7.506  -13.892 1.00 50.00 ? 128 ILE A O   1 
ATOM 906  C CB  . ILE A 1 136 ? 3.099   -4.662  -14.319 1.00 50.00 ? 128 ILE A CB  1 
ATOM 907  C CG1 . ILE A 1 136 ? 3.533   -3.229  -13.950 1.00 50.00 ? 128 ILE A CG1 1 
ATOM 908  C CG2 . ILE A 1 136 ? 2.447   -4.725  -15.700 1.00 50.00 ? 128 ILE A CG2 1 
ATOM 909  C CD1 . ILE A 1 136 ? 4.730   -2.682  -14.727 1.00 50.00 ? 128 ILE A CD1 1 
ATOM 910  N N   . PRO A 1 137 ? 0.540   -7.126  -13.305 1.00 50.00 ? 129 PRO A N   1 
ATOM 911  C CA  . PRO A 1 137 ? 0.100   -8.494  -13.624 1.00 50.00 ? 129 PRO A CA  1 
ATOM 912  C C   . PRO A 1 137 ? 0.542   -8.961  -15.013 1.00 50.00 ? 129 PRO A C   1 
ATOM 913  O O   . PRO A 1 137 ? 0.397   -8.216  -15.998 1.00 50.00 ? 129 PRO A O   1 
ATOM 914  C CB  . PRO A 1 137 ? -1.423  -8.393  -13.508 1.00 50.00 ? 129 PRO A CB  1 
ATOM 915  C CG  . PRO A 1 137 ? -1.591  -7.424  -12.388 1.00 50.00 ? 129 PRO A CG  1 
ATOM 916  C CD  . PRO A 1 137 ? -0.570  -6.348  -12.723 1.00 50.00 ? 129 PRO A CD  1 
ATOM 917  N N   . GLY A 1 138 ? 1.101   -10.174 -15.064 1.00 50.00 ? 130 GLY A N   1 
ATOM 918  C CA  . GLY A 1 138 ? 1.652   -10.730 -16.299 1.00 50.00 ? 130 GLY A CA  1 
ATOM 919  C C   . GLY A 1 138 ? 2.945   -10.054 -16.713 1.00 50.00 ? 130 GLY A C   1 
ATOM 920  O O   . GLY A 1 138 ? 3.281   -10.023 -17.900 1.00 50.00 ? 130 GLY A O   1 
ATOM 921  N N   . GLU A 1 139 ? 3.659   -9.502  -15.728 1.00 50.00 ? 131 GLU A N   1 
ATOM 922  C CA  . GLU A 1 139 ? 5.006   -8.929  -15.902 1.00 50.00 ? 131 GLU A CA  1 
ATOM 923  C C   . GLU A 1 139 ? 5.811   -9.014  -14.600 1.00 50.00 ? 131 GLU A C   1 
ATOM 924  O O   . GLU A 1 139 ? 7.040   -9.063  -14.634 1.00 50.00 ? 131 GLU A O   1 
ATOM 925  C CB  . GLU A 1 139 ? 4.942   -7.473  -16.370 1.00 50.00 ? 131 GLU A CB  1 
ATOM 926  C CG  . GLU A 1 139 ? 4.866   -7.274  -17.874 1.00 50.00 ? 131 GLU A CG  1 
ATOM 927  C CD  . GLU A 1 139 ? 4.990   -5.798  -18.276 1.00 50.00 ? 131 GLU A CD  1 
ATOM 928  O OE1 . GLU A 1 139 ? 4.068   -5.272  -18.958 1.00 50.00 ? 131 GLU A OE1 1 
ATOM 929  O OE2 . GLU A 1 139 ? 6.013   -5.159  -17.907 1.00 50.00 ? 131 GLU A OE2 1 
ATOM 930  N N   . GLY A 1 140 ? 5.112   -9.024  -13.468 1.00 50.00 ? 132 GLY A N   1 
ATOM 931  C CA  . GLY A 1 140 ? 5.749   -9.073  -12.156 1.00 50.00 ? 132 GLY A CA  1 
ATOM 932  C C   . GLY A 1 140 ? 5.986   -7.713  -11.509 1.00 50.00 ? 132 GLY A C   1 
ATOM 933  O O   . GLY A 1 140 ? 5.532   -6.677  -12.009 1.00 50.00 ? 132 GLY A O   1 
ATOM 934  N N   . ALA A 1 141 ? 6.713   -7.737  -10.388 1.00 50.00 ? 133 ALA A N   1 
ATOM 935  C CA  . ALA A 1 141 ? 7.054   -6.548  -9.602  1.00 50.00 ? 133 ALA A CA  1 
ATOM 936  C C   . ALA A 1 141 ? 8.366   -5.865  -10.030 1.00 50.00 ? 133 ALA A C   1 
ATOM 937  O O   . ALA A 1 141 ? 9.357   -6.522  -10.339 1.00 50.00 ? 133 ALA A O   1 
ATOM 938  C CB  . ALA A 1 141 ? 7.095   -6.904  -8.127  1.00 50.00 ? 133 ALA A CB  1 
ATOM 939  N N   . PHE A 1 142 ? 8.353   -4.537  -10.034 1.00 50.00 ? 134 PHE A N   1 
ATOM 940  C CA  . PHE A 1 142 ? 9.512   -3.720  -10.386 1.00 50.00 ? 134 PHE A CA  1 
ATOM 941  C C   . PHE A 1 142 ? 9.766   -2.633  -9.341  1.00 50.00 ? 134 PHE A C   1 
ATOM 942  O O   . PHE A 1 142 ? 8.835   -2.098  -8.746  1.00 50.00 ? 134 PHE A O   1 
ATOM 943  C CB  . PHE A 1 142 ? 9.305   -3.068  -11.758 1.00 50.00 ? 134 PHE A CB  1 
ATOM 944  C CG  . PHE A 1 142 ? 9.136   -4.053  -12.876 1.00 50.00 ? 134 PHE A CG  1 
ATOM 945  C CD1 . PHE A 1 142 ? 10.249  -4.493  -13.607 1.00 50.00 ? 134 PHE A CD1 1 
ATOM 946  C CD2 . PHE A 1 142 ? 7.869   -4.556  -13.201 1.00 50.00 ? 134 PHE A CD2 1 
ATOM 947  C CE1 . PHE A 1 142 ? 10.103  -5.421  -14.647 1.00 50.00 ? 134 PHE A CE1 1 
ATOM 948  C CE2 . PHE A 1 142 ? 7.709   -5.487  -14.241 1.00 50.00 ? 134 PHE A CE2 1 
ATOM 949  C CZ  . PHE A 1 142 ? 8.831   -5.915  -14.966 1.00 50.00 ? 134 PHE A CZ  1 
ATOM 950  N N   . LEU A 1 143 ? 11.039  -2.321  -9.126  1.00 50.00 ? 135 LEU A N   1 
ATOM 951  C CA  . LEU A 1 143 ? 11.454  -1.154  -8.358  1.00 50.00 ? 135 LEU A CA  1 
ATOM 952  C C   . LEU A 1 143 ? 12.348  -0.328  -9.266  1.00 50.00 ? 135 LEU A C   1 
ATOM 953  O O   . LEU A 1 143 ? 13.339  -0.826  -9.769  1.00 50.00 ? 135 LEU A O   1 
ATOM 954  C CB  . LEU A 1 143 ? 12.184  -1.576  -7.074  1.00 50.00 ? 135 LEU A CB  1 
ATOM 955  C CG  . LEU A 1 143 ? 13.039  -0.561  -6.304  1.00 50.00 ? 135 LEU A CG  1 
ATOM 956  C CD1 . LEU A 1 143 ? 12.196  0.593   -5.810  1.00 50.00 ? 135 LEU A CD1 1 
ATOM 957  C CD2 . LEU A 1 143 ? 13.709  -1.234  -5.138  1.00 50.00 ? 135 LEU A CD2 1 
ATOM 958  N N   . ASN A 1 144 ? 11.992  0.935   -9.474  1.00 50.00 ? 136 ASN A N   1 
ATOM 959  C CA  . ASN A 1 144 ? 12.663  1.808   -10.456 1.00 50.00 ? 136 ASN A CA  1 
ATOM 960  C C   . ASN A 1 144 ? 13.009  1.085   -11.763 1.00 50.00 ? 136 ASN A C   1 
ATOM 961  O O   . ASN A 1 144 ? 14.153  1.132   -12.217 1.00 50.00 ? 136 ASN A O   1 
ATOM 962  C CB  . ASN A 1 144 ? 13.941  2.452   -9.881  1.00 50.00 ? 136 ASN A CB  1 
ATOM 963  C CG  . ASN A 1 144 ? 13.703  3.229   -8.602  1.00 50.00 ? 136 ASN A CG  1 
ATOM 964  O OD1 . ASN A 1 144 ? 12.658  3.849   -8.411  1.00 50.00 ? 136 ASN A OD1 1 
ATOM 965  N ND2 . ASN A 1 144 ? 14.684  3.202   -7.718  1.00 50.00 ? 136 ASN A ND2 1 
ATOM 966  N N   . GLY A 1 145 ? 12.029  0.396   -12.345 1.00 50.00 ? 137 GLY A N   1 
ATOM 967  C CA  . GLY A 1 145 ? 12.225  -0.292  -13.617 1.00 50.00 ? 137 GLY A CA  1 
ATOM 968  C C   . GLY A 1 145 ? 12.804  -1.701  -13.578 1.00 50.00 ? 137 GLY A C   1 
ATOM 969  O O   . GLY A 1 145 ? 12.578  -2.475  -14.509 1.00 50.00 ? 137 GLY A O   1 
ATOM 970  N N   . LYS A 1 146 ? 13.547  -2.041  -12.526 1.00 50.00 ? 138 LYS A N   1 
ATOM 971  C CA  . LYS A 1 146 ? 14.272  -3.314  -12.476 1.00 50.00 ? 138 LYS A CA  1 
ATOM 972  C C   . LYS A 1 146 ? 13.477  -4.377  -11.722 1.00 50.00 ? 138 LYS A C   1 
ATOM 973  O O   . LYS A 1 146 ? 13.000  -4.129  -10.601 1.00 50.00 ? 138 LYS A O   1 
ATOM 974  C CB  . LYS A 1 146 ? 15.667  -3.130  -11.857 1.00 50.00 ? 138 LYS A CB  1 
ATOM 975  C CG  . LYS A 1 146 ? 16.596  -2.194  -12.646 1.00 50.00 ? 138 LYS A CG  1 
ATOM 976  N N   . ARG A 1 147 ? 13.331  -5.556  -12.335 1.00 50.00 ? 139 ARG A N   1 
ATOM 977  C CA  . ARG A 1 147 ? 12.579  -6.674  -11.737 1.00 50.00 ? 139 ARG A CA  1 
ATOM 978  C C   . ARG A 1 147 ? 13.045  -6.907  -10.311 1.00 50.00 ? 139 ARG A C   1 
ATOM 979  O O   . ARG A 1 147 ? 14.243  -6.861  -10.025 1.00 50.00 ? 139 ARG A O   1 
ATOM 980  C CB  . ARG A 1 147 ? 12.717  -7.966  -12.561 1.00 50.00 ? 139 ARG A CB  1 
ATOM 981  N N   . ILE A 1 148 ? 12.087  -7.120  -9.418  1.00 50.00 ? 140 ILE A N   1 
ATOM 982  C CA  . ILE A 1 148 ? 12.368  -7.439  -8.023  1.00 50.00 ? 140 ILE A CA  1 
ATOM 983  C C   . ILE A 1 148 ? 11.565  -8.675  -7.708  1.00 50.00 ? 140 ILE A C   1 
ATOM 984  O O   . ILE A 1 148 ? 10.594  -8.959  -8.391  1.00 50.00 ? 140 ILE A O   1 
ATOM 985  C CB  . ILE A 1 148 ? 12.025  -6.274  -7.037  1.00 50.00 ? 140 ILE A CB  1 
ATOM 986  C CG1 . ILE A 1 148 ? 10.600  -5.746  -7.271  1.00 50.00 ? 140 ILE A CG1 1 
ATOM 987  C CG2 . ILE A 1 148 ? 13.061  -5.164  -7.151  1.00 50.00 ? 140 ILE A CG2 1 
ATOM 988  C CD1 . ILE A 1 148 ? 10.050  -4.818  -6.200  1.00 50.00 ? 140 ILE A CD1 1 
ATOM 989  N N   . LYS A 1 149 ? 11.987  -9.406  -6.683  1.00 50.00 ? 141 LYS A N   1 
ATOM 990  C CA  . LYS A 1 149 ? 11.324  -10.624 -6.239  1.00 50.00 ? 141 LYS A CA  1 
ATOM 991  C C   . LYS A 1 149 ? 11.708  -10.868 -4.777  1.00 50.00 ? 141 LYS A C   1 
ATOM 992  O O   . LYS A 1 149 ? 12.815  -10.507 -4.351  1.00 50.00 ? 141 LYS A O   1 
ATOM 993  C CB  . LYS A 1 149 ? 11.732  -11.813 -7.118  1.00 50.00 ? 141 LYS A CB  1 
ATOM 994  N N   . VAL A 1 150 ? 10.792  -11.468 -4.014  1.00 50.00 ? 142 VAL A N   1 
ATOM 995  C CA  . VAL A 1 150 ? 11.036  -11.810 -2.609  1.00 50.00 ? 142 VAL A CA  1 
ATOM 996  C C   . VAL A 1 150 ? 12.316  -12.645 -2.459  1.00 50.00 ? 142 VAL A C   1 
ATOM 997  O O   . VAL A 1 150 ? 12.691  -13.377 -3.381  1.00 50.00 ? 142 VAL A O   1 
ATOM 998  C CB  . VAL A 1 150 ? 9.818   -12.551 -1.956  1.00 50.00 ? 142 VAL A CB  1 
ATOM 999  C CG1 . VAL A 1 150 ? 8.582   -11.645 -1.900  1.00 50.00 ? 142 VAL A CG1 1 
ATOM 1000 C CG2 . VAL A 1 150 ? 9.487   -13.859 -2.683  1.00 50.00 ? 142 VAL A CG2 1 
ATOM 1001 N N   . ARG A 1 151 ? 12.979  -12.527 -1.309  1.00 50.00 ? 143 ARG A N   1 
ATOM 1002 C CA  . ARG A 1 151 ? 14.257  -13.216 -1.059  1.00 50.00 ? 143 ARG A CA  1 
ATOM 1003 C C   . ARG A 1 151 ? 14.054  -14.647 -0.518  1.00 50.00 ? 143 ARG A C   1 
ATOM 1004 O O   . ARG A 1 151 ? 12.979  -14.961 0.023   1.00 50.00 ? 143 ARG A O   1 
ATOM 1005 C CB  . ARG A 1 151 ? 15.115  -12.395 -0.086  1.00 50.00 ? 143 ARG A CB  1 
ATOM 1006 C CG  . ARG A 1 151 ? 14.616  -12.439 1.364   1.00 50.00 ? 143 ARG A CG  1 
ATOM 1007 C CD  . ARG A 1 151 ? 15.591  -11.776 2.304   1.00 50.00 ? 143 ARG A CD  1 
ATOM 1008 N NE  . ARG A 1 151 ? 15.080  -11.748 3.668   1.00 50.00 ? 143 ARG A NE  1 
ATOM 1009 C CZ  . ARG A 1 151 ? 15.521  -10.935 4.623   1.00 50.00 ? 143 ARG A CZ  1 
ATOM 1010 N NH1 . ARG A 1 151 ? 14.988  -10.996 5.837   1.00 50.00 ? 143 ARG A NH1 1 
ATOM 1011 N NH2 . ARG A 1 151 ? 16.488  -10.060 4.368   1.00 50.00 ? 143 ARG A NH2 1 
ATOM 1012 N N   . LYS A 1 152 ? 15.096  -15.488 -0.638  1.00 50.00 ? 144 LYS A N   1 
ATOM 1013 C CA  . LYS A 1 152 ? 15.044  -16.918 -0.250  1.00 50.00 ? 144 LYS A CA  1 
ATOM 1014 C C   . LYS A 1 152 ? 14.605  -17.192 1.208   1.00 50.00 ? 144 LYS A C   1 
ATOM 1015 O O   . LYS A 1 152 ? 15.362  -17.001 2.169   1.00 50.00 ? 144 LYS A O   1 
ATOM 1016 C CB  . LYS A 1 152 ? 16.383  -17.601 -0.563  1.00 50.00 ? 144 LYS A CB  1 
ATOM 1017 N N   . SER A 1 159 ? 12.775  -12.373 9.747   1.00 50.00 ? 151 SER A N   1 
ATOM 1018 C CA  . SER A 1 159 ? 12.629  -10.918 9.871   1.00 50.00 ? 151 SER A CA  1 
ATOM 1019 C C   . SER A 1 159 ? 11.303  -10.436 9.274   1.00 50.00 ? 151 SER A C   1 
ATOM 1020 O O   . SER A 1 159 ? 11.082  -10.553 8.067   1.00 50.00 ? 151 SER A O   1 
ATOM 1021 C CB  . SER A 1 159 ? 13.795  -10.184 9.199   1.00 50.00 ? 151 SER A CB  1 
ATOM 1022 O OG  . SER A 1 159 ? 14.999  -10.311 9.932   1.00 50.00 ? 151 SER A OG  1 
ATOM 1023 N N   . ILE A 1 160 ? 10.427  -9.894  10.119  1.00 50.00 ? 152 ILE A N   1 
ATOM 1024 C CA  . ILE A 1 160 ? 9.059   -9.561  9.699   1.00 50.00 ? 152 ILE A CA  1 
ATOM 1025 C C   . ILE A 1 160 ? 8.506   -8.238  10.262  1.00 50.00 ? 152 ILE A C   1 
ATOM 1026 O O   . ILE A 1 160 ? 8.961   -7.741  11.291  1.00 50.00 ? 152 ILE A O   1 
ATOM 1027 C CB  . ILE A 1 160 ? 8.040   -10.712 10.036  1.00 50.00 ? 152 ILE A CB  1 
ATOM 1028 C CG1 . ILE A 1 160 ? 7.949   -10.945 11.552  1.00 50.00 ? 152 ILE A CG1 1 
ATOM 1029 C CG2 . ILE A 1 160 ? 8.374   -12.002 9.278   1.00 50.00 ? 152 ILE A CG2 1 
ATOM 1030 C CD1 . ILE A 1 160 ? 6.560   -11.316 12.043  1.00 50.00 ? 152 ILE A CD1 1 
ATOM 1031 N N   . SER A 1 161 ? 7.519   -7.678  9.565   1.00 50.00 ? 153 SER A N   1 
ATOM 1032 C CA  . SER A 1 161 ? 6.689   -6.632  10.143  1.00 50.00 ? 153 SER A CA  1 
ATOM 1033 C C   . SER A 1 161 ? 5.630   -7.293  10.992  1.00 50.00 ? 153 SER A C   1 
ATOM 1034 O O   . SER A 1 161 ? 5.048   -8.314  10.607  1.00 50.00 ? 153 SER A O   1 
ATOM 1035 C CB  . SER A 1 161 ? 6.039   -5.770  9.070   1.00 50.00 ? 153 SER A CB  1 
ATOM 1036 O OG  . SER A 1 161 ? 6.989   -4.889  8.498   1.00 50.00 ? 153 SER A OG  1 
ATOM 1037 N N   . PHE A 1 162 ? 5.381   -6.733  12.161  1.00 50.00 ? 154 PHE A N   1 
ATOM 1038 C CA  . PHE A 1 162 ? 4.416   -7.341  13.036  1.00 50.00 ? 154 PHE A CA  1 
ATOM 1039 C C   . PHE A 1 162 ? 3.510   -6.286  13.633  1.00 50.00 ? 154 PHE A C   1 
ATOM 1040 O O   . PHE A 1 162 ? 3.976   -5.330  14.243  1.00 50.00 ? 154 PHE A O   1 
ATOM 1041 C CB  . PHE A 1 162 ? 5.123   -8.171  14.109  1.00 50.00 ? 154 PHE A CB  1 
ATOM 1042 C CG  . PHE A 1 162 ? 4.187   -8.990  14.961  1.00 50.00 ? 154 PHE A CG  1 
ATOM 1043 C CD1 . PHE A 1 162 ? 3.444   -10.036 14.403  1.00 50.00 ? 154 PHE A CD1 1 
ATOM 1044 C CD2 . PHE A 1 162 ? 4.041   -8.709  16.329  1.00 50.00 ? 154 PHE A CD2 1 
ATOM 1045 C CE1 . PHE A 1 162 ? 2.565   -10.793 15.185  1.00 50.00 ? 154 PHE A CE1 1 
ATOM 1046 C CE2 . PHE A 1 162 ? 3.163   -9.464  17.132  1.00 50.00 ? 154 PHE A CE2 1 
ATOM 1047 C CZ  . PHE A 1 162 ? 2.420   -10.512 16.552  1.00 50.00 ? 154 PHE A CZ  1 
ATOM 1048 N N   . TYR A 1 163 ? 2.212   -6.463  13.422  1.00 50.00 ? 155 TYR A N   1 
ATOM 1049 C CA  . TYR A 1 163 ? 1.194   -5.647  14.068  1.00 50.00 ? 155 TYR A CA  1 
ATOM 1050 C C   . TYR A 1 163 ? 0.242   -6.563  14.836  1.00 50.00 ? 155 TYR A C   1 
ATOM 1051 O O   . TYR A 1 163 ? -0.289  -7.541  14.275  1.00 50.00 ? 155 TYR A O   1 
ATOM 1052 C CB  . TYR A 1 163 ? 0.404   -4.837  13.037  1.00 50.00 ? 155 TYR A CB  1 
ATOM 1053 C CG  . TYR A 1 163 ? 1.186   -3.753  12.333  1.00 50.00 ? 155 TYR A CG  1 
ATOM 1054 C CD1 . TYR A 1 163 ? 2.033   -4.053  11.259  1.00 50.00 ? 155 TYR A CD1 1 
ATOM 1055 C CD2 . TYR A 1 163 ? 1.070   -2.417  12.733  1.00 50.00 ? 155 TYR A CD2 1 
ATOM 1056 C CE1 . TYR A 1 163 ? 2.755   -3.051  10.611  1.00 50.00 ? 155 TYR A CE1 1 
ATOM 1057 C CE2 . TYR A 1 163 ? 1.791   -1.404  12.087  1.00 50.00 ? 155 TYR A CE2 1 
ATOM 1058 C CZ  . TYR A 1 163 ? 2.624   -1.736  11.030  1.00 50.00 ? 155 TYR A CZ  1 
ATOM 1059 O OH  . TYR A 1 163 ? 3.323   -0.747  10.394  1.00 50.00 ? 155 TYR A OH  1 
ATOM 1060 N N   . SER A 1 164 ? 0.030   -6.249  16.114  1.00 50.00 ? 156 SER A N   1 
ATOM 1061 C CA  . SER A 1 164 ? -0.908  -7.000  16.944  1.00 50.00 ? 156 SER A CA  1 
ATOM 1062 C C   . SER A 1 164 ? -1.331  -6.223  18.182  1.00 50.00 ? 156 SER A C   1 
ATOM 1063 O O   . SER A 1 164 ? -0.475  -5.772  18.947  1.00 50.00 ? 156 SER A O   1 
ATOM 1064 C CB  . SER A 1 164 ? -0.295  -8.331  17.383  1.00 50.00 ? 156 SER A CB  1 
ATOM 1065 O OG  . SER A 1 164 ? -1.237  -9.088  18.123  1.00 50.00 ? 156 SER A OG  1 
ATOM 1066 N N   . ARG A 1 165 ? -2.647  -6.084  18.377  1.00 50.00 ? 157 ARG A N   1 
ATOM 1067 C CA  . ARG A 1 165 ? -3.210  -5.462  19.592  1.00 50.00 ? 157 ARG A CA  1 
ATOM 1068 C C   . ARG A 1 165 ? -3.179  -6.431  20.797  1.00 50.00 ? 157 ARG A C   1 
ATOM 1069 O O   . ARG A 1 165 ? -3.330  -6.006  21.961  1.00 50.00 ? 157 ARG A O   1 
ATOM 1070 C CB  . ARG A 1 165 ? -4.628  -4.932  19.341  1.00 50.00 ? 157 ARG A CB  1 
ATOM 1071 N N   . GLY A 1 166 ? -2.970  -7.721  20.511  1.00 50.00 ? 158 GLY A N   1 
ATOM 1072 C CA  . GLY A 1 166 ? -2.859  -8.748  21.549  1.00 50.00 ? 158 GLY A CA  1 
ATOM 1073 C C   . GLY A 1 166 ? -2.351  -10.085 21.036  1.00 50.00 ? 158 GLY A C   1 
ATOM 1074 O O   . GLY A 1 166 ? -1.380  -10.618 21.584  1.00 50.00 ? 158 GLY A O   1 
ATOM 1075 N N   . LYS A 1 167 ? -3.021  -10.607 19.983  1.00 50.00 ? 159 LYS A N   1 
ATOM 1076 C CA  . LYS A 1 167 ? -2.688  -11.904 19.338  1.00 50.00 ? 159 LYS A CA  1 
ATOM 1077 C C   . LYS A 1 167 ? -1.171  -12.105 19.052  1.00 50.00 ? 159 LYS A C   1 
ATOM 1078 O O   . LYS A 1 167 ? -0.358  -11.208 19.346  1.00 50.00 ? 159 LYS A O   1 
ATOM 1079 C CB  . LYS A 1 167 ? -3.529  -12.074 18.054  1.00 50.00 ? 159 LYS A CB  1 
ATOM 1080 N N   . GLY A 1 168 ? -0.772  -13.251 18.484  1.00 50.00 ? 160 GLY A N   1 
ATOM 1081 C CA  . GLY A 1 168 ? 0.673   -13.599 18.316  1.00 50.00 ? 160 GLY A CA  1 
ATOM 1082 C C   . GLY A 1 168 ? 1.498   -13.456 19.600  1.00 50.00 ? 160 GLY A C   1 
ATOM 1083 O O   . GLY A 1 168 ? 0.947   -13.528 20.718  1.00 50.00 ? 160 GLY A O   1 
ATOM 1084 N N   . HIS A 1 169 ? 2.813   -13.235 19.452  1.00 50.00 ? 161 HIS A N   1 
ATOM 1085 C CA  . HIS A 1 169 ? 3.782   -13.212 20.596  1.00 50.00 ? 161 HIS A CA  1 
ATOM 1086 C C   . HIS A 1 169 ? 3.957   -14.630 21.175  1.00 50.00 ? 161 HIS A C   1 
ATOM 1087 O O   . HIS A 1 169 ? 4.651   -14.832 22.184  1.00 50.00 ? 161 HIS A O   1 
ATOM 1088 C CB  . HIS A 1 169 ? 3.387   -12.200 21.698  1.00 50.00 ? 161 HIS A CB  1 
ATOM 1089 N N   . GLU A 1 170 ? 3.295   -15.593 20.532  1.00 50.00 ? 162 GLU A N   1 
ATOM 1090 C CA  . GLU A 1 170 ? 3.925   -16.877 20.241  1.00 50.00 ? 162 GLU A CA  1 
ATOM 1091 C C   . GLU A 1 170 ? 4.796   -16.623 18.991  1.00 50.00 ? 162 GLU A C   1 
ATOM 1092 O O   . GLU A 1 170 ? 5.761   -17.378 18.732  1.00 50.00 ? 162 GLU A O   1 
ATOM 1093 C CB  . GLU A 1 170 ? 2.891   -17.977 19.988  1.00 50.00 ? 162 GLU A CB  1 
ATOM 1094 N N   . ILE A 1 171 ? 4.476   -15.550 18.239  1.00 50.00 ? 163 ILE A N   1 
ATOM 1095 C CA  . ILE A 1 171 ? 5.226   -15.117 17.032  1.00 50.00 ? 163 ILE A CA  1 
ATOM 1096 C C   . ILE A 1 171 ? 6.563   -14.418 17.381  1.00 50.00 ? 163 ILE A C   1 
ATOM 1097 O O   . ILE A 1 171 ? 7.628   -14.838 16.902  1.00 50.00 ? 163 ILE A O   1 
ATOM 1098 C CB  . ILE A 1 171 ? 4.382   -14.192 16.082  1.00 50.00 ? 163 ILE A CB  1 
ATOM 1099 C CG1 . ILE A 1 171 ? 3.023   -14.811 15.731  1.00 50.00 ? 163 ILE A CG1 1 
ATOM 1100 C CG2 . ILE A 1 171 ? 5.124   -13.942 14.782  1.00 50.00 ? 163 ILE A CG2 1 
ATOM 1101 N N   . VAL A 1 172 ? 6.494   -13.364 18.204  1.00 50.00 ? 164 VAL A N   1 
ATOM 1102 C CA  . VAL A 1 172 ? 7.683   -12.644 18.708  1.00 50.00 ? 164 VAL A CA  1 
ATOM 1103 C C   . VAL A 1 172 ? 8.808   -13.614 19.106  1.00 50.00 ? 164 VAL A C   1 
ATOM 1104 O O   . VAL A 1 172 ? 9.927   -13.531 18.578  1.00 50.00 ? 164 VAL A O   1 
ATOM 1105 C CB  . VAL A 1 172 ? 7.339   -11.742 19.931  1.00 50.00 ? 164 VAL A CB  1 
ATOM 1106 C CG1 . VAL A 1 172 ? 8.611   -11.192 20.573  1.00 50.00 ? 164 VAL A CG1 1 
ATOM 1107 C CG2 . VAL A 1 172 ? 6.383   -10.594 19.546  1.00 50.00 ? 164 VAL A CG2 1 
ATOM 1108 N N   . LYS A 1 173 ? 8.488   -14.539 20.021  1.00 50.00 ? 165 LYS A N   1 
ATOM 1109 C CA  . LYS A 1 173 ? 9.436   -15.537 20.550  1.00 50.00 ? 165 LYS A CA  1 
ATOM 1110 C C   . LYS A 1 173 ? 9.888   -16.599 19.521  1.00 50.00 ? 165 LYS A C   1 
ATOM 1111 O O   . LYS A 1 173 ? 10.523  -17.595 19.897  1.00 50.00 ? 165 LYS A O   1 
ATOM 1112 C CB  . LYS A 1 173 ? 8.833   -16.215 21.798  1.00 50.00 ? 165 LYS A CB  1 
ATOM 1113 N N   . HIS A 1 174 ? 9.583   -16.380 18.234  1.00 50.00 ? 166 HIS A N   1 
ATOM 1114 C CA  . HIS A 1 174 ? 9.815   -17.396 17.184  1.00 50.00 ? 166 HIS A CA  1 
ATOM 1115 C C   . HIS A 1 174 ? 10.410  -16.869 15.851  1.00 50.00 ? 166 HIS A C   1 
ATOM 1116 O O   . HIS A 1 174 ? 10.528  -17.635 14.879  1.00 50.00 ? 166 HIS A O   1 
ATOM 1117 C CB  . HIS A 1 174 ? 8.514   -18.188 16.920  1.00 50.00 ? 166 HIS A CB  1 
ATOM 1118 N N   . VAL A 1 175 ? 10.777  -15.580 15.806  1.00 50.00 ? 167 VAL A N   1 
ATOM 1119 C CA  . VAL A 1 175 ? 11.429  -14.962 14.618  1.00 50.00 ? 167 VAL A CA  1 
ATOM 1120 C C   . VAL A 1 175 ? 12.675  -14.154 15.009  1.00 50.00 ? 167 VAL A C   1 
ATOM 1121 O O   . VAL A 1 175 ? 12.737  -13.618 16.124  1.00 50.00 ? 167 VAL A O   1 
ATOM 1122 C CB  . VAL A 1 175 ? 10.448  -14.061 13.797  1.00 50.00 ? 167 VAL A CB  1 
ATOM 1123 C CG1 . VAL A 1 175 ? 9.818   -12.958 14.673  1.00 50.00 ? 167 VAL A CG1 1 
ATOM 1124 N N   . LYS A 1 176 ? 13.649  -14.064 14.093  1.00 50.00 ? 168 LYS A N   1 
ATOM 1125 C CA  . LYS A 1 176 ? 14.932  -13.361 14.364  1.00 50.00 ? 168 LYS A CA  1 
ATOM 1126 C C   . LYS A 1 176 ? 14.760  -11.914 14.852  1.00 50.00 ? 168 LYS A C   1 
ATOM 1127 O O   . LYS A 1 176 ? 15.431  -11.509 15.799  1.00 50.00 ? 168 LYS A O   1 
ATOM 1128 C CB  . LYS A 1 176 ? 15.880  -13.410 13.156  1.00 50.00 ? 168 LYS A CB  1 
ATOM 1129 N N   . ARG A 1 177 ? 13.852  -11.161 14.216  1.00 50.00 ? 169 ARG A N   1 
ATOM 1130 C CA  . ARG A 1 177 ? 13.548  -9.760  14.567  1.00 50.00 ? 169 ARG A CA  1 
ATOM 1131 C C   . ARG A 1 177 ? 12.200  -9.289  13.982  1.00 50.00 ? 169 ARG A C   1 
ATOM 1132 O O   . ARG A 1 177 ? 11.733  -9.825  12.965  1.00 50.00 ? 169 ARG A O   1 
ATOM 1133 C CB  . ARG A 1 177 ? 14.677  -8.822  14.097  1.00 50.00 ? 169 ARG A CB  1 
ATOM 1134 C CG  . ARG A 1 177 ? 14.937  -8.883  12.596  1.00 50.00 ? 169 ARG A CG  1 
ATOM 1135 C CD  . ARG A 1 177 ? 15.892  -7.813  12.104  1.00 50.00 ? 169 ARG A CD  1 
ATOM 1136 N NE  . ARG A 1 177 ? 17.284  -8.030  12.519  1.00 50.00 ? 169 ARG A NE  1 
ATOM 1137 C CZ  . ARG A 1 177 ? 18.111  -8.945  12.007  1.00 50.00 ? 169 ARG A CZ  1 
ATOM 1138 N NH1 . ARG A 1 177 ? 17.708  -9.771  11.047  1.00 50.00 ? 169 ARG A NH1 1 
ATOM 1139 N NH2 . ARG A 1 177 ? 19.355  -9.039  12.466  1.00 50.00 ? 169 ARG A NH2 1 
ATOM 1140 N N   . THR A 1 178 ? 11.585  -8.286  14.620  1.00 50.00 ? 170 THR A N   1 
ATOM 1141 C CA  . THR A 1 178 ? 10.371  -7.653  14.085  1.00 50.00 ? 170 THR A CA  1 
ATOM 1142 C C   . THR A 1 178 ? 10.509  -6.151  13.842  1.00 50.00 ? 170 THR A C   1 
ATOM 1143 O O   . THR A 1 178 ? 11.268  -5.457  14.519  1.00 50.00 ? 170 THR A O   1 
ATOM 1144 C CB  . THR A 1 178 ? 9.116   -7.892  14.965  1.00 50.00 ? 170 THR A CB  1 
ATOM 1145 O OG1 . THR A 1 178 ? 9.254   -7.210  16.217  1.00 50.00 ? 170 THR A OG1 1 
ATOM 1146 C CG2 . THR A 1 178 ? 8.882   -9.381  15.200  1.00 50.00 ? 170 THR A CG2 1 
ATOM 1147 N N   . ARG A 1 179 ? 9.755   -5.659  12.867  1.00 50.00 ? 171 ARG A N   1 
ATOM 1148 C CA  . ARG A 1 179 ? 9.672   -4.235  12.601  1.00 50.00 ? 171 ARG A CA  1 
ATOM 1149 C C   . ARG A 1 179 ? 8.223   -3.808  12.627  1.00 50.00 ? 171 ARG A C   1 
ATOM 1150 O O   . ARG A 1 179 ? 7.335   -4.580  12.295  1.00 50.00 ? 171 ARG A O   1 
ATOM 1151 C CB  . ARG A 1 179 ? 10.311  -3.880  11.253  1.00 50.00 ? 171 ARG A CB  1 
ATOM 1152 C CG  . ARG A 1 179 ? 11.818  -4.074  11.174  1.00 50.00 ? 171 ARG A CG  1 
ATOM 1153 C CD  . ARG A 1 179 ? 12.596  -3.063  12.029  1.00 50.00 ? 171 ARG A CD  1 
ATOM 1154 N NE  . ARG A 1 179 ? 14.052  -3.215  11.884  1.00 50.00 ? 171 ARG A NE  1 
ATOM 1155 C CZ  . ARG A 1 179 ? 14.820  -3.999  12.641  1.00 50.00 ? 171 ARG A CZ  1 
ATOM 1156 N NH1 . ARG A 1 179 ? 14.292  -4.722  13.621  1.00 50.00 ? 171 ARG A NH1 1 
ATOM 1157 N NH2 . ARG A 1 179 ? 16.126  -4.057  12.414  1.00 50.00 ? 171 ARG A NH2 1 
ATOM 1158 N N   . THR A 1 180 ? 7.998   -2.572  13.045  1.00 50.00 ? 172 THR A N   1 
ATOM 1159 C CA  . THR A 1 180 ? 6.676   -1.974  13.066  1.00 50.00 ? 172 THR A CA  1 
ATOM 1160 C C   . THR A 1 180 ? 6.853   -0.520  12.652  1.00 50.00 ? 172 THR A C   1 
ATOM 1161 O O   . THR A 1 180 ? 7.034   0.366   13.492  1.00 50.00 ? 172 THR A O   1 
ATOM 1162 C CB  . THR A 1 180 ? 6.027   -2.115  14.451  1.00 50.00 ? 172 THR A CB  1 
ATOM 1163 O OG1 . THR A 1 180 ? 6.084   -3.490  14.852  1.00 50.00 ? 172 THR A OG1 1 
ATOM 1164 C CG2 . THR A 1 180 ? 4.570   -1.643  14.439  1.00 50.00 ? 172 THR A CG2 1 
ATOM 1165 N N   . LEU A 1 181 ? 6.806   -0.295  11.343  1.00 50.00 ? 173 LEU A N   1 
ATOM 1166 C CA  . LEU A 1 181 ? 7.242   0.970   10.757  1.00 50.00 ? 173 LEU A CA  1 
ATOM 1167 C C   . LEU A 1 181 ? 6.137   2.013   10.609  1.00 50.00 ? 173 LEU A C   1 
ATOM 1168 O O   . LEU A 1 181 ? 6.435   3.199   10.478  1.00 50.00 ? 173 LEU A O   1 
ATOM 1169 C CB  . LEU A 1 181 ? 7.969   0.724   9.432   1.00 50.00 ? 173 LEU A CB  1 
ATOM 1170 C CG  . LEU A 1 181 ? 9.124   -0.286  9.476   1.00 50.00 ? 173 LEU A CG  1 
ATOM 1171 C CD1 . LEU A 1 181 ? 9.753   -0.448  8.113   1.00 50.00 ? 173 LEU A CD1 1 
ATOM 1172 C CD2 . LEU A 1 181 ? 10.183  0.090   10.506  1.00 50.00 ? 173 LEU A CD2 1 
ATOM 1173 N N   . GLY A 1 182 ? 4.880   1.571   10.642  1.00 50.00 ? 174 GLY A N   1 
ATOM 1174 C CA  . GLY A 1 182 ? 3.731   2.464   10.672  1.00 50.00 ? 174 GLY A CA  1 
ATOM 1175 C C   . GLY A 1 182 ? 3.208   2.917   9.326   1.00 50.00 ? 174 GLY A C   1 
ATOM 1176 O O   . GLY A 1 182 ? 2.521   3.924   9.246   1.00 50.00 ? 174 GLY A O   1 
ATOM 1177 N N   . ALA A 1 183 ? 3.539   2.175   8.274   1.00 50.00 ? 175 ALA A N   1 
ATOM 1178 C CA  . ALA A 1 183 ? 3.063   2.428   6.911   1.00 50.00 ? 175 ALA A CA  1 
ATOM 1179 C C   . ALA A 1 183 ? 2.950   1.093   6.158   1.00 50.00 ? 175 ALA A C   1 
ATOM 1180 O O   . ALA A 1 183 ? 3.858   0.694   5.434   1.00 50.00 ? 175 ALA A O   1 
ATOM 1181 C CB  . ALA A 1 183 ? 3.995   3.395   6.189   1.00 50.00 ? 175 ALA A CB  1 
ATOM 1182 N N   . ILE A 1 184 ? 1.824   0.407   6.337   1.00 50.00 ? 176 ILE A N   1 
ATOM 1183 C CA  . ILE A 1 184 ? 1.693   -0.999  5.934   1.00 50.00 ? 176 ILE A CA  1 
ATOM 1184 C C   . ILE A 1 184 ? 1.771   -1.236  4.415   1.00 50.00 ? 176 ILE A C   1 
ATOM 1185 O O   . ILE A 1 184 ? 2.318   -2.253  3.963   1.00 50.00 ? 176 ILE A O   1 
ATOM 1186 C CB  . ILE A 1 184 ? 0.438   -1.666  6.558   1.00 50.00 ? 176 ILE A CB  1 
ATOM 1187 C CG1 . ILE A 1 184 ? 0.524   -3.184  6.391   1.00 50.00 ? 176 ILE A CG1 1 
ATOM 1188 C CG2 . ILE A 1 184 ? -0.858  -1.069  5.971   1.00 50.00 ? 176 ILE A CG2 1 
ATOM 1189 C CD1 . ILE A 1 184 ? -0.326  -3.964  7.347   1.00 50.00 ? 176 ILE A CD1 1 
ATOM 1190 N N   . ALA A 1 185 ? 1.229   -0.293  3.643   1.00 50.00 ? 177 ALA A N   1 
ATOM 1191 C CA  . ALA A 1 185 ? 1.397   -0.274  2.190   1.00 50.00 ? 177 ALA A CA  1 
ATOM 1192 C C   . ALA A 1 185 ? 2.883   -0.386  1.866   1.00 50.00 ? 177 ALA A C   1 
ATOM 1193 O O   . ALA A 1 185 ? 3.277   -1.174  1.007   1.00 50.00 ? 177 ALA A O   1 
ATOM 1194 N N   . LEU A 1 186 ? 3.698   0.383   2.585   1.00 50.00 ? 178 LEU A N   1 
ATOM 1195 C CA  . LEU A 1 186 ? 5.126   0.461   2.328   1.00 50.00 ? 178 LEU A CA  1 
ATOM 1196 C C   . LEU A 1 186 ? 5.866   -0.793  2.768   1.00 50.00 ? 178 LEU A C   1 
ATOM 1197 O O   . LEU A 1 186 ? 6.775   -1.254  2.078   1.00 50.00 ? 178 LEU A O   1 
ATOM 1198 C CB  . LEU A 1 186 ? 5.726   1.709   2.981   1.00 50.00 ? 178 LEU A CB  1 
ATOM 1199 C CG  . LEU A 1 186 ? 7.169   2.074   2.631   1.00 50.00 ? 178 LEU A CG  1 
ATOM 1200 C CD1 . LEU A 1 186 ? 7.382   2.136   1.135   1.00 50.00 ? 178 LEU A CD1 1 
ATOM 1201 C CD2 . LEU A 1 186 ? 7.539   3.376   3.268   1.00 50.00 ? 178 LEU A CD2 1 
ATOM 1202 N N   . GLU A 1 187 ? 5.477   -1.345  3.910   1.00 50.00 ? 179 GLU A N   1 
ATOM 1203 C CA  . GLU A 1 187 ? 6.119   -2.544  4.427   1.00 50.00 ? 179 GLU A CA  1 
ATOM 1204 C C   . GLU A 1 187 ? 5.953   -3.726  3.477   1.00 50.00 ? 179 GLU A C   1 
ATOM 1205 O O   . GLU A 1 187 ? 6.892   -4.489  3.274   1.00 50.00 ? 179 GLU A O   1 
ATOM 1206 C CB  . GLU A 1 187 ? 5.606   -2.847  5.826   1.00 50.00 ? 179 GLU A CB  1 
ATOM 1207 C CG  . GLU A 1 187 ? 6.312   -2.019  6.879   1.00 50.00 ? 179 GLU A CG  1 
ATOM 1208 C CD  . GLU A 1 187 ? 5.447   -1.732  8.083   1.00 50.00 ? 179 GLU A CD  1 
ATOM 1209 O OE1 . GLU A 1 187 ? 5.615   -2.396  9.131   1.00 50.00 ? 179 GLU A OE1 1 
ATOM 1210 O OE2 . GLU A 1 187 ? 4.594   -0.835  7.980   1.00 50.00 ? 179 GLU A OE2 1 
ATOM 1211 N N   . LEU A 1 188 ? 4.768   -3.851  2.883   1.00 50.00 ? 180 LEU A N   1 
ATOM 1212 C CA  . LEU A 1 188 ? 4.506   -4.825  1.821   1.00 50.00 ? 180 LEU A CA  1 
ATOM 1213 C C   . LEU A 1 188 ? 5.440   -4.661  0.620   1.00 50.00 ? 180 LEU A C   1 
ATOM 1214 O O   . LEU A 1 188 ? 5.866   -5.651  0.020   1.00 50.00 ? 180 LEU A O   1 
ATOM 1215 C CB  . LEU A 1 188 ? 3.046   -4.742  1.356   1.00 50.00 ? 180 LEU A CB  1 
ATOM 1216 C CG  . LEU A 1 188 ? 1.935   -5.179  2.320   1.00 50.00 ? 180 LEU A CG  1 
ATOM 1217 C CD1 . LEU A 1 188 ? 0.578   -4.672  1.855   1.00 50.00 ? 180 LEU A CD1 1 
ATOM 1218 C CD2 . LEU A 1 188 ? 1.910   -6.695  2.514   1.00 50.00 ? 180 LEU A CD2 1 
ATOM 1219 N N   . ALA A 1 189 ? 5.758   -3.413  0.275   1.00 50.00 ? 181 ALA A N   1 
ATOM 1220 C CA  . ALA A 1 189 ? 6.691   -3.124  -0.821  1.00 50.00 ? 181 ALA A CA  1 
ATOM 1221 C C   . ALA A 1 189 ? 8.108   -3.546  -0.455  1.00 50.00 ? 181 ALA A C   1 
ATOM 1222 O O   . ALA A 1 189 ? 8.885   -3.933  -1.326  1.00 50.00 ? 181 ALA A O   1 
ATOM 1223 C CB  . ALA A 1 189 ? 6.644   -1.641  -1.221  1.00 50.00 ? 181 ALA A CB  1 
ATOM 1224 N N   . TYR A 1 190 ? 8.426   -3.478  0.836   1.00 50.00 ? 182 TYR A N   1 
ATOM 1225 C CA  . TYR A 1 190 ? 9.721   -3.924  1.334   1.00 50.00 ? 182 TYR A CA  1 
ATOM 1226 C C   . TYR A 1 190 ? 9.880   -5.430  1.233   1.00 50.00 ? 182 TYR A C   1 
ATOM 1227 O O   . TYR A 1 190 ? 10.967  -5.915  0.917   1.00 50.00 ? 182 TYR A O   1 
ATOM 1228 C CB  . TYR A 1 190 ? 9.951   -3.453  2.766   1.00 50.00 ? 182 TYR A CB  1 
ATOM 1229 C CG  . TYR A 1 190 ? 10.353  -2.000  2.886   1.00 50.00 ? 182 TYR A CG  1 
ATOM 1230 C CD1 . TYR A 1 190 ? 10.380  -1.374  4.126   1.00 50.00 ? 182 TYR A CD1 1 
ATOM 1231 C CD2 . TYR A 1 190 ? 10.707  -1.246  1.765   1.00 50.00 ? 182 TYR A CD2 1 
ATOM 1232 C CE1 . TYR A 1 190 ? 10.755  -0.034  4.250   1.00 50.00 ? 182 TYR A CE1 1 
ATOM 1233 C CE2 . TYR A 1 190 ? 11.085  0.086   1.879   1.00 50.00 ? 182 TYR A CE2 1 
ATOM 1234 C CZ  . TYR A 1 190 ? 11.104  0.681   3.122   1.00 50.00 ? 182 TYR A CZ  1 
ATOM 1235 O OH  . TYR A 1 190 ? 11.465  1.991   3.247   1.00 50.00 ? 182 TYR A OH  1 
ATOM 1236 N N   . LEU A 1 191 ? 8.796   -6.160  1.504   1.00 50.00 ? 183 LEU A N   1 
ATOM 1237 C CA  . LEU A 1 191 ? 8.727   -7.600  1.266   1.00 50.00 ? 183 LEU A CA  1 
ATOM 1238 C C   . LEU A 1 191 ? 9.010   -7.948  -0.200  1.00 50.00 ? 183 LEU A C   1 
ATOM 1239 O O   . LEU A 1 191 ? 9.834   -8.821  -0.481  1.00 50.00 ? 183 LEU A O   1 
ATOM 1240 C CB  . LEU A 1 191 ? 7.364   -8.141  1.701   1.00 50.00 ? 183 LEU A CB  1 
ATOM 1241 C CG  . LEU A 1 191 ? 6.898   -9.561  1.337   1.00 50.00 ? 183 LEU A CG  1 
ATOM 1242 C CD1 . LEU A 1 191 ? 7.873   -10.633 1.804   1.00 50.00 ? 183 LEU A CD1 1 
ATOM 1243 C CD2 . LEU A 1 191 ? 5.500   -9.827  1.902   1.00 50.00 ? 183 LEU A CD2 1 
ATOM 1244 N N   . ALA A 1 192 ? 8.338   -7.254  -1.116  1.00 50.00 ? 184 ALA A N   1 
ATOM 1245 C CA  . ALA A 1 192 ? 8.502   -7.460  -2.562  1.00 50.00 ? 184 ALA A CA  1 
ATOM 1246 C C   . ALA A 1 192 ? 9.921   -7.165  -3.038  1.00 50.00 ? 184 ALA A C   1 
ATOM 1247 O O   . ALA A 1 192 ? 10.327  -7.581  -4.123  1.00 50.00 ? 184 ALA A O   1 
ATOM 1248 C CB  . ALA A 1 192 ? 7.507   -6.594  -3.330  1.00 50.00 ? 184 ALA A CB  1 
ATOM 1249 N N   . MET A 1 193 ? 10.658  -6.441  -2.205  1.00 50.00 ? 185 MET A N   1 
ATOM 1250 C CA  . MET A 1 193 ? 12.008  -5.995  -2.489  1.00 50.00 ? 185 MET A CA  1 
ATOM 1251 C C   . MET A 1 193 ? 13.033  -6.928  -1.839  1.00 50.00 ? 185 MET A C   1 
ATOM 1252 O O   . MET A 1 193 ? 14.202  -6.930  -2.205  1.00 50.00 ? 185 MET A O   1 
ATOM 1253 C CB  . MET A 1 193 ? 12.151  -4.578  -1.937  1.00 50.00 ? 185 MET A CB  1 
ATOM 1254 C CG  . MET A 1 193 ? 13.414  -3.831  -2.304  1.00 50.00 ? 185 MET A CG  1 
ATOM 1255 S SD  . MET A 1 193 ? 13.377  -2.192  -1.576  1.00 50.00 ? 185 MET A SD  1 
ATOM 1256 C CE  . MET A 1 193 ? 13.666  -2.552  0.149   1.00 50.00 ? 185 MET A CE  1 
ATOM 1257 N N   . GLY A 1 194 ? 12.585  -7.714  -0.872  1.00 50.00 ? 186 GLY A N   1 
ATOM 1258 C CA  . GLY A 1 194 ? 13.461  -8.606  -0.140  1.00 50.00 ? 186 GLY A CA  1 
ATOM 1259 C C   . GLY A 1 194 ? 14.164  -7.939  1.028   1.00 50.00 ? 186 GLY A C   1 
ATOM 1260 O O   . GLY A 1 194 ? 15.232  -8.391  1.441   1.00 50.00 ? 186 GLY A O   1 
ATOM 1261 N N   . ALA A 1 195 ? 13.572  -6.870  1.562   1.00 50.00 ? 187 ALA A N   1 
ATOM 1262 C CA  . ALA A 1 195 ? 14.067  -6.224  2.780   1.00 50.00 ? 187 ALA A CA  1 
ATOM 1263 C C   . ALA A 1 195 ? 13.562  -6.945  4.015   1.00 50.00 ? 187 ALA A C   1 
ATOM 1264 O O   . ALA A 1 195 ? 14.135  -6.818  5.098   1.00 50.00 ? 187 ALA A O   1 
ATOM 1265 C CB  . ALA A 1 195 ? 13.639  -4.782  2.830   1.00 50.00 ? 187 ALA A CB  1 
ATOM 1266 N N   . LEU A 1 196 ? 12.473  -7.692  3.835   1.00 50.00 ? 188 LEU A N   1 
ATOM 1267 C CA  . LEU A 1 196 ? 11.788  -8.412  4.905   1.00 50.00 ? 188 LEU A CA  1 
ATOM 1268 C C   . LEU A 1 196 ? 11.390  -9.774  4.380   1.00 50.00 ? 188 LEU A C   1 
ATOM 1269 O O   . LEU A 1 196 ? 11.409  -10.008 3.158   1.00 50.00 ? 188 LEU A O   1 
ATOM 1270 C CB  . LEU A 1 196 ? 10.540  -7.648  5.369   1.00 50.00 ? 188 LEU A CB  1 
ATOM 1271 C CG  . LEU A 1 196 ? 10.656  -6.300  6.097   1.00 50.00 ? 188 LEU A CG  1 
ATOM 1272 C CD1 . LEU A 1 196 ? 9.323   -5.574  6.083   1.00 50.00 ? 188 LEU A CD1 1 
ATOM 1273 C CD2 . LEU A 1 196 ? 11.162  -6.431  7.528   1.00 50.00 ? 188 LEU A CD2 1 
ATOM 1274 N N   . ASP A 1 197 ? 11.037  -10.671 5.296   1.00 50.00 ? 189 ASP A N   1 
ATOM 1275 C CA  . ASP A 1 197 ? 10.526  -11.988 4.930   1.00 50.00 ? 189 ASP A CA  1 
ATOM 1276 C C   . ASP A 1 197 ? 9.011   -11.986 4.922   1.00 50.00 ? 189 ASP A C   1 
ATOM 1277 O O   . ASP A 1 197 ? 8.398   -12.675 4.115   1.00 50.00 ? 189 ASP A O   1 
ATOM 1278 C CB  . ASP A 1 197 ? 11.037  -13.068 5.884   1.00 50.00 ? 189 ASP A CB  1 
ATOM 1279 C CG  . ASP A 1 197 ? 12.547  -13.122 5.943   1.00 50.00 ? 189 ASP A CG  1 
ATOM 1280 O OD1 . ASP A 1 197 ? 13.176  -13.196 4.865   1.00 50.00 ? 189 ASP A OD1 1 
ATOM 1281 O OD2 . ASP A 1 197 ? 13.101  -13.081 7.071   1.00 50.00 ? 189 ASP A OD2 1 
ATOM 1282 N N   . GLY A 1 198 ? 8.408   -11.214 5.818   1.00 50.00 ? 190 GLY A N   1 
ATOM 1283 C CA  . GLY A 1 198 ? 6.962   -11.191 5.922   1.00 50.00 ? 190 GLY A CA  1 
ATOM 1284 C C   . GLY A 1 198 ? 6.372   -9.952  6.554   1.00 50.00 ? 190 GLY A C   1 
ATOM 1285 O O   . GLY A 1 198 ? 7.026   -9.250  7.331   1.00 50.00 ? 190 GLY A O   1 
ATOM 1286 N N   . VAL A 1 199 ? 5.120   -9.685  6.194   1.00 50.00 ? 191 VAL A N   1 
ATOM 1287 C CA  . VAL A 1 199 ? 4.320   -8.664  6.838   1.00 50.00 ? 191 VAL A CA  1 
ATOM 1288 C C   . VAL A 1 199 ? 3.183   -9.412  7.497   1.00 50.00 ? 191 VAL A C   1 
ATOM 1289 O O   . VAL A 1 199 ? 2.465   -10.175 6.834   1.00 50.00 ? 191 VAL A O   1 
ATOM 1290 C CB  . VAL A 1 199 ? 3.780   -7.625  5.838   1.00 50.00 ? 191 VAL A CB  1 
ATOM 1291 C CG1 . VAL A 1 199 ? 2.939   -6.573  6.559   1.00 50.00 ? 191 VAL A CG1 1 
ATOM 1292 C CG2 . VAL A 1 199 ? 4.930   -6.966  5.061   1.00 50.00 ? 191 VAL A CG2 1 
ATOM 1293 N N   . VAL A 1 200 ? 3.043   -9.206  8.804   1.00 50.00 ? 192 VAL A N   1 
ATOM 1294 C CA  . VAL A 1 200 ? 2.012   -9.846  9.602   1.00 50.00 ? 192 VAL A CA  1 
ATOM 1295 C C   . VAL A 1 200 ? 1.269   -8.764  10.377  1.00 50.00 ? 192 VAL A C   1 
ATOM 1296 O O   . VAL A 1 200 ? 1.852   -8.060  11.209  1.00 50.00 ? 192 VAL A O   1 
ATOM 1297 C CB  . VAL A 1 200 ? 2.608   -10.924 10.565  1.00 50.00 ? 192 VAL A CB  1 
ATOM 1298 C CG1 . VAL A 1 200 ? 1.555   -11.447 11.545  1.00 50.00 ? 192 VAL A CG1 1 
ATOM 1299 C CG2 . VAL A 1 200 ? 3.207   -12.081 9.785   1.00 50.00 ? 192 VAL A CG2 1 
ATOM 1300 N N   . ASP A 1 201 ? -0.020  -8.634  10.091  1.00 50.00 ? 193 ASP A N   1 
ATOM 1301 C CA  . ASP A 1 201 ? -0.880  -7.722  10.831  1.00 50.00 ? 193 ASP A CA  1 
ATOM 1302 C C   . ASP A 1 201 ? -2.127  -8.451  11.324  1.00 50.00 ? 193 ASP A C   1 
ATOM 1303 O O   . ASP A 1 201 ? -3.054  -8.725  10.544  1.00 50.00 ? 193 ASP A O   1 
ATOM 1304 C CB  . ASP A 1 201 ? -1.252  -6.513  9.970   1.00 50.00 ? 193 ASP A CB  1 
ATOM 1305 C CG  . ASP A 1 201 ? -2.199  -5.545  10.678  1.00 50.00 ? 193 ASP A CG  1 
ATOM 1306 O OD1 . ASP A 1 201 ? -2.635  -4.580  10.005  1.00 50.00 ? 193 ASP A OD1 1 
ATOM 1307 O OD2 . ASP A 1 201 ? -2.516  -5.733  11.888  1.00 50.00 ? 193 ASP A OD2 1 
ATOM 1308 N N   . VAL A 1 202 ? -2.146  -8.760  12.621  1.00 50.00 ? 194 VAL A N   1 
ATOM 1309 C CA  . VAL A 1 202 ? -3.279  -9.469  13.227  1.00 50.00 ? 194 VAL A CA  1 
ATOM 1310 C C   . VAL A 1 202 ? -4.034  -8.588  14.244  1.00 50.00 ? 194 VAL A C   1 
ATOM 1311 O O   . VAL A 1 202 ? -4.348  -8.996  15.383  1.00 50.00 ? 194 VAL A O   1 
ATOM 1312 C CB  . VAL A 1 202 ? -2.876  -10.860 13.810  1.00 50.00 ? 194 VAL A CB  1 
ATOM 1313 C CG1 . VAL A 1 202 ? -2.494  -11.814 12.685  1.00 50.00 ? 194 VAL A CG1 1 
ATOM 1314 C CG2 . VAL A 1 202 ? -1.756  -10.737 14.856  1.00 50.00 ? 194 VAL A CG2 1 
ATOM 1315 N N   . ARG A 1 203 ? -4.292  -7.355  13.818  1.00 50.00 ? 195 ARG A N   1 
ATOM 1316 C CA  . ARG A 1 203 ? -5.402  -6.577  14.338  1.00 50.00 ? 195 ARG A CA  1 
ATOM 1317 C C   . ARG A 1 203 ? -6.415  -6.766  13.225  1.00 50.00 ? 195 ARG A C   1 
ATOM 1318 O O   . ARG A 1 203 ? -6.112  -7.446  12.232  1.00 50.00 ? 195 ARG A O   1 
ATOM 1319 C CB  . ARG A 1 203 ? -5.001  -5.112  14.500  1.00 50.00 ? 195 ARG A CB  1 
ATOM 1320 C CG  . ARG A 1 203 ? -3.703  -4.906  15.314  1.00 50.00 ? 195 ARG A CG  1 
ATOM 1321 C CD  . ARG A 1 203 ? -2.995  -3.629  14.923  1.00 50.00 ? 195 ARG A CD  1 
ATOM 1322 N NE  . ARG A 1 203 ? -2.916  -3.454  13.466  1.00 50.00 ? 195 ARG A NE  1 
ATOM 1323 C CZ  . ARG A 1 203 ? -2.529  -2.329  12.862  1.00 50.00 ? 195 ARG A CZ  1 
ATOM 1324 N NH1 . ARG A 1 203 ? -2.184  -1.265  13.577  1.00 50.00 ? 195 ARG A NH1 1 
ATOM 1325 N NH2 . ARG A 1 203 ? -2.490  -2.261  11.538  1.00 50.00 ? 195 ARG A NH2 1 
ATOM 1326 N N   . LYS A 1 204 ? -7.611  -6.209  13.351  1.00 50.00 ? 196 LYS A N   1 
ATOM 1327 C CA  . LYS A 1 204 ? -8.509  -6.169  12.203  1.00 50.00 ? 196 LYS A CA  1 
ATOM 1328 C C   . LYS A 1 204 ? -8.776  -4.694  11.931  1.00 50.00 ? 196 LYS A C   1 
ATOM 1329 O O   . LYS A 1 204 ? -9.929  -4.244  11.949  1.00 50.00 ? 196 LYS A O   1 
ATOM 1330 C CB  . LYS A 1 204 ? -9.797  -6.970  12.471  1.00 50.00 ? 196 LYS A CB  1 
ATOM 1331 N N   . TYR A 1 205 ? -7.696  -3.939  11.710  1.00 50.00 ? 197 TYR A N   1 
ATOM 1332 C CA  . TYR A 1 205 ? -7.782  -2.480  11.555  1.00 50.00 ? 197 TYR A CA  1 
ATOM 1333 C C   . TYR A 1 205 ? -7.679  -2.042  10.089  1.00 50.00 ? 197 TYR A C   1 
ATOM 1334 O O   . TYR A 1 205 ? -8.345  -1.079  9.681   1.00 50.00 ? 197 TYR A O   1 
ATOM 1335 C CB  . TYR A 1 205 ? -6.725  -1.759  12.413  1.00 50.00 ? 197 TYR A CB  1 
ATOM 1336 N N   . VAL A 1 206 ? -6.869  -2.751  9.299   1.00 50.00 ? 198 VAL A N   1 
ATOM 1337 C CA  . VAL A 1 206 ? -6.510  -2.294  7.940   1.00 50.00 ? 198 VAL A CA  1 
ATOM 1338 C C   . VAL A 1 206 ? -7.642  -2.357  6.897   1.00 50.00 ? 198 VAL A C   1 
ATOM 1339 O O   . VAL A 1 206 ? -8.346  -3.371  6.773   1.00 50.00 ? 198 VAL A O   1 
ATOM 1340 C CB  . VAL A 1 206 ? -5.217  -2.983  7.384   1.00 50.00 ? 198 VAL A CB  1 
ATOM 1341 C CG1 . VAL A 1 206 ? -3.957  -2.379  8.052   1.00 50.00 ? 198 VAL A CG1 1 
ATOM 1342 C CG2 . VAL A 1 206 ? -5.270  -4.508  7.540   1.00 50.00 ? 198 VAL A CG2 1 
ATOM 1343 N N   . ARG A 1 207 ? -7.792  -1.258  6.158   1.00 50.00 ? 199 ARG A N   1 
ATOM 1344 C CA  . ARG A 1 207 ? -8.741  -1.152  5.041   1.00 50.00 ? 199 ARG A CA  1 
ATOM 1345 C C   . ARG A 1 207 ? -8.144  -1.620  3.713   1.00 50.00 ? 199 ARG A C   1 
ATOM 1346 O O   . ARG A 1 207 ? -6.925  -1.582  3.538   1.00 50.00 ? 199 ARG A O   1 
ATOM 1347 C CB  . ARG A 1 207 ? -9.200  0.296   4.865   1.00 50.00 ? 199 ARG A CB  1 
ATOM 1348 C CG  . ARG A 1 207 ? -10.197 0.756   5.887   1.00 50.00 ? 199 ARG A CG  1 
ATOM 1349 C CD  . ARG A 1 207 ? -9.544  1.638   6.939   1.00 50.00 ? 199 ARG A CD  1 
ATOM 1350 N NE  . ARG A 1 207 ? -10.552 2.043   7.917   1.00 50.00 ? 199 ARG A NE  1 
ATOM 1351 C CZ  . ARG A 1 207 ? -11.447 3.020   7.735   1.00 50.00 ? 199 ARG A CZ  1 
ATOM 1352 N NH1 . ARG A 1 207 ? -11.473 3.729   6.599   1.00 50.00 ? 199 ARG A NH1 1 
ATOM 1353 N NH2 . ARG A 1 207 ? -12.322 3.293   8.703   1.00 50.00 ? 199 ARG A NH2 1 
ATOM 1354 N N   . PRO A 1 208 ? -8.996  -2.058  2.762   1.00 50.00 ? 200 PRO A N   1 
ATOM 1355 C CA  . PRO A 1 208 ? -8.420  -2.334  1.435   1.00 50.00 ? 200 PRO A CA  1 
ATOM 1356 C C   . PRO A 1 208 ? -7.801  -1.091  0.778   1.00 50.00 ? 200 PRO A C   1 
ATOM 1357 O O   . PRO A 1 208 ? -6.905  -1.233  -0.046  1.00 50.00 ? 200 PRO A O   1 
ATOM 1358 C CB  . PRO A 1 208 ? -9.603  -2.874  0.618   1.00 50.00 ? 200 PRO A CB  1 
ATOM 1359 C CG  . PRO A 1 208 ? -10.837 -2.501  1.387   1.00 50.00 ? 200 PRO A CG  1 
ATOM 1360 C CD  . PRO A 1 208 ? -10.446 -2.347  2.824   1.00 50.00 ? 200 PRO A CD  1 
ATOM 1361 N N   . THR A 1 209 ? -8.249  0.110   1.145   1.00 50.00 ? 201 THR A N   1 
ATOM 1362 C CA  . THR A 1 209 ? -7.573  1.339   0.667   1.00 50.00 ? 201 THR A CA  1 
ATOM 1363 C C   . THR A 1 209 ? -6.099  1.416   1.127   1.00 50.00 ? 201 THR A C   1 
ATOM 1364 O O   . THR A 1 209 ? -5.299  2.148   0.528   1.00 50.00 ? 201 THR A O   1 
ATOM 1365 C CB  . THR A 1 209 ? -8.328  2.674   1.016   1.00 50.00 ? 201 THR A CB  1 
ATOM 1366 O OG1 . THR A 1 209 ? -8.485  2.811   2.435   1.00 50.00 ? 201 THR A OG1 1 
ATOM 1367 C CG2 . THR A 1 209 ? -9.682  2.721   0.347   1.00 50.00 ? 201 THR A CG2 1 
ATOM 1368 N N   . ASP A 1 210 ? -5.752  0.653   2.170   1.00 50.00 ? 202 ASP A N   1 
ATOM 1369 C CA  . ASP A 1 210 ? -4.374  0.573   2.658   1.00 50.00 ? 202 ASP A CA  1 
ATOM 1370 C C   . ASP A 1 210 ? -3.584  -0.519  1.959   1.00 50.00 ? 202 ASP A C   1 
ATOM 1371 O O   . ASP A 1 210 ? -2.425  -0.320  1.607   1.00 50.00 ? 202 ASP A O   1 
ATOM 1372 C CB  . ASP A 1 210 ? -4.319  0.339   4.177   1.00 50.00 ? 202 ASP A CB  1 
ATOM 1373 C CG  . ASP A 1 210 ? -5.025  1.432   4.974   1.00 50.00 ? 202 ASP A CG  1 
ATOM 1374 O OD1 . ASP A 1 210 ? -5.894  1.090   5.807   1.00 50.00 ? 202 ASP A OD1 1 
ATOM 1375 O OD2 . ASP A 1 210 ? -4.713  2.632   4.768   1.00 50.00 ? 202 ASP A OD2 1 
ATOM 1376 N N   . ILE A 1 211 ? -4.196  -1.677  1.751   1.00 50.00 ? 203 ILE A N   1 
ATOM 1377 C CA  . ILE A 1 211 ? -3.397  -2.855  1.412   1.00 50.00 ? 203 ILE A CA  1 
ATOM 1378 C C   . ILE A 1 211 ? -3.455  -3.284  -0.058  1.00 50.00 ? 203 ILE A C   1 
ATOM 1379 O O   . ILE A 1 211 ? -2.670  -4.126  -0.484  1.00 50.00 ? 203 ILE A O   1 
ATOM 1380 C CB  . ILE A 1 211 ? -3.736  -4.033  2.345   1.00 50.00 ? 203 ILE A CB  1 
ATOM 1381 C CG1 . ILE A 1 211 ? -5.176  -4.506  2.121   1.00 50.00 ? 203 ILE A CG1 1 
ATOM 1382 C CG2 . ILE A 1 211 ? -3.506  -3.630  3.810   1.00 50.00 ? 203 ILE A CG2 1 
ATOM 1383 C CD1 . ILE A 1 211 ? -5.361  -5.984  2.368   1.00 50.00 ? 203 ILE A CD1 1 
ATOM 1384 N N   . ALA A 1 212 ? -4.363  -2.691  -0.823  1.00 50.00 ? 204 ALA A N   1 
ATOM 1385 C CA  . ALA A 1 212 ? -4.584  -3.056  -2.218  1.00 50.00 ? 204 ALA A CA  1 
ATOM 1386 C C   . ALA A 1 212 ? -3.307  -3.055  -3.074  1.00 50.00 ? 204 ALA A C   1 
ATOM 1387 O O   . ALA A 1 212 ? -2.866  -4.116  -3.524  1.00 50.00 ? 204 ALA A O   1 
ATOM 1388 C CB  . ALA A 1 212 ? -5.655  -2.170  -2.837  1.00 50.00 ? 204 ALA A CB  1 
ATOM 1389 N N   . ALA A 1 213 ? -2.717  -1.881  -3.282  1.00 50.00 ? 205 ALA A N   1 
ATOM 1390 C CA  . ALA A 1 213 ? -1.514  -1.747  -4.111  1.00 50.00 ? 205 ALA A CA  1 
ATOM 1391 C C   . ALA A 1 213 ? -0.351  -2.608  -3.601  1.00 50.00 ? 205 ALA A C   1 
ATOM 1392 O O   . ALA A 1 213 ? 0.343   -3.249  -4.389  1.00 50.00 ? 205 ALA A O   1 
ATOM 1393 C CB  . ALA A 1 213 ? -1.105  -0.290  -4.221  1.00 50.00 ? 205 ALA A CB  1 
ATOM 1394 N N   . GLY A 1 214 ? -0.165  -2.628  -2.284  1.00 50.00 ? 206 GLY A N   1 
ATOM 1395 C CA  . GLY A 1 214 ? 0.872   -3.424  -1.643  1.00 50.00 ? 206 GLY A CA  1 
ATOM 1396 C C   . GLY A 1 214 ? 0.702   -4.924  -1.791  1.00 50.00 ? 206 GLY A C   1 
ATOM 1397 O O   . GLY A 1 214 ? 1.699   -5.647  -1.856  1.00 50.00 ? 206 GLY A O   1 
ATOM 1398 N N   . THR A 1 215 ? -0.551  -5.393  -1.828  1.00 50.00 ? 207 THR A N   1 
ATOM 1399 C CA  . THR A 1 215 ? -0.861  -6.802  -2.123  1.00 50.00 ? 207 THR A CA  1 
ATOM 1400 C C   . THR A 1 215 ? -0.462  -7.148  -3.554  1.00 50.00 ? 207 THR A C   1 
ATOM 1401 O O   . THR A 1 215 ? 0.223   -8.141  -3.794  1.00 50.00 ? 207 THR A O   1 
ATOM 1402 C CB  . THR A 1 215 ? -2.361  -7.124  -1.962  1.00 50.00 ? 207 THR A CB  1 
ATOM 1403 O OG1 . THR A 1 215 ? -2.782  -6.836  -0.627  1.00 50.00 ? 207 THR A OG1 1 
ATOM 1404 N N   . ILE A 1 216 ? -0.892  -6.315  -4.497  1.00 50.00 ? 208 ILE A N   1 
ATOM 1405 C CA  . ILE A 1 216 ? -0.625  -6.546  -5.904  1.00 50.00 ? 208 ILE A CA  1 
ATOM 1406 C C   . ILE A 1 216 ? 0.880   -6.632  -6.134  1.00 50.00 ? 208 ILE A C   1 
ATOM 1407 O O   . ILE A 1 216 ? 1.351   -7.598  -6.740  1.00 50.00 ? 208 ILE A O   1 
ATOM 1408 C CB  . ILE A 1 216 ? -1.293  -5.479  -6.799  1.00 50.00 ? 208 ILE A CB  1 
ATOM 1409 C CG1 . ILE A 1 216 ? -2.810  -5.526  -6.609  1.00 50.00 ? 208 ILE A CG1 1 
ATOM 1410 C CG2 . ILE A 1 216 ? -0.917  -5.677  -8.263  1.00 50.00 ? 208 ILE A CG2 1 
ATOM 1411 C CD1 . ILE A 1 216 ? -3.539  -4.259  -7.016  1.00 50.00 ? 208 ILE A CD1 1 
ATOM 1412 N N   . ILE A 1 217 ? 1.623   -5.645  -5.629  1.00 50.00 ? 209 ILE A N   1 
ATOM 1413 C CA  . ILE A 1 217 ? 3.085   -5.583  -5.803  1.00 50.00 ? 209 ILE A CA  1 
ATOM 1414 C C   . ILE A 1 217 ? 3.776   -6.793  -5.151  1.00 50.00 ? 209 ILE A C   1 
ATOM 1415 O O   . ILE A 1 217 ? 4.637   -7.418  -5.767  1.00 50.00 ? 209 ILE A O   1 
ATOM 1416 C CB  . ILE A 1 217 ? 3.667   -4.210  -5.333  1.00 50.00 ? 209 ILE A CB  1 
ATOM 1417 C CG1 . ILE A 1 217 ? 3.199   -3.093  -6.284  1.00 50.00 ? 209 ILE A CG1 1 
ATOM 1418 C CG2 . ILE A 1 217 ? 5.187   -4.240  -5.263  1.00 50.00 ? 209 ILE A CG2 1 
ATOM 1419 C CD1 . ILE A 1 217 ? 3.249   -1.676  -5.735  1.00 50.00 ? 209 ILE A CD1 1 
ATOM 1420 N N   . ALA A 1 218 ? 3.375   -7.131  -3.928  1.00 50.00 ? 210 ALA A N   1 
ATOM 1421 C CA  . ALA A 1 218 ? 3.948   -8.269  -3.212  1.00 50.00 ? 210 ALA A CA  1 
ATOM 1422 C C   . ALA A 1 218 ? 3.623   -9.604  -3.882  1.00 50.00 ? 210 ALA A C   1 
ATOM 1423 O O   . ALA A 1 218 ? 4.515   -10.450 -4.034  1.00 50.00 ? 210 ALA A O   1 
ATOM 1424 C CB  . ALA A 1 218 ? 3.505   -8.275  -1.764  1.00 50.00 ? 210 ALA A CB  1 
ATOM 1425 N N   . LYS A 1 219 ? 2.362   -9.793  -4.287  1.00 50.00 ? 211 LYS A N   1 
ATOM 1426 C CA  . LYS A 1 219 ? 1.949   -11.034 -4.955  1.00 50.00 ? 211 LYS A CA  1 
ATOM 1427 C C   . LYS A 1 219 ? 2.769   -11.226 -6.223  1.00 50.00 ? 211 LYS A C   1 
ATOM 1428 O O   . LYS A 1 219 ? 3.301   -12.310 -6.452  1.00 50.00 ? 211 LYS A O   1 
ATOM 1429 C CB  . LYS A 1 219 ? 0.439   -11.064 -5.252  1.00 50.00 ? 211 LYS A CB  1 
ATOM 1430 N N   . GLU A 1 220 ? 2.891   -10.158 -7.013  1.00 50.00 ? 212 GLU A N   1 
ATOM 1431 C CA  . GLU A 1 220 ? 3.650   -10.155 -8.268  1.00 50.00 ? 212 GLU A CA  1 
ATOM 1432 C C   . GLU A 1 220 ? 5.147   -10.387 -8.084  1.00 50.00 ? 212 GLU A C   1 
ATOM 1433 O O   . GLU A 1 220 ? 5.882   -10.531 -9.068  1.00 50.00 ? 212 GLU A O   1 
ATOM 1434 C CB  . GLU A 1 220 ? 3.453   -8.830  -9.012  1.00 50.00 ? 212 GLU A CB  1 
ATOM 1435 C CG  . GLU A 1 220 ? 2.076   -8.638  -9.615  1.00 50.00 ? 212 GLU A CG  1 
ATOM 1436 C CD  . GLU A 1 220 ? 1.816   -9.520  -10.827 1.00 50.00 ? 212 GLU A CD  1 
ATOM 1437 O OE1 . GLU A 1 220 ? 0.720   -10.118 -10.887 1.00 50.00 ? 212 GLU A OE1 1 
ATOM 1438 O OE2 . GLU A 1 220 ? 2.688   -9.610  -11.721 1.00 50.00 ? 212 GLU A OE2 1 
ATOM 1439 N N   . ALA A 1 221 ? 5.603   -10.402 -6.834  1.00 50.00 ? 213 ALA A N   1 
ATOM 1440 C CA  . ALA A 1 221 ? 7.007   -10.627 -6.540  1.00 50.00 ? 213 ALA A CA  1 
ATOM 1441 C C   . ALA A 1 221 ? 7.221   -11.963 -5.829  1.00 50.00 ? 213 ALA A C   1 
ATOM 1442 O O   . ALA A 1 221 ? 8.346   -12.274 -5.424  1.00 50.00 ? 213 ALA A O   1 
ATOM 1443 C CB  . ALA A 1 221 ? 7.551   -9.485  -5.713  1.00 50.00 ? 213 ALA A CB  1 
ATOM 1444 N N   . GLY A 1 222 ? 6.144   -12.741 -5.681  1.00 50.00 ? 214 GLY A N   1 
ATOM 1445 C CA  . GLY A 1 222 ? 6.195   -14.049 -5.035  1.00 50.00 ? 214 GLY A CA  1 
ATOM 1446 C C   . GLY A 1 222 ? 5.593   -14.144 -3.640  1.00 50.00 ? 214 GLY A C   1 
ATOM 1447 O O   . GLY A 1 222 ? 5.543   -15.227 -3.058  1.00 50.00 ? 214 GLY A O   1 
ATOM 1448 N N   . ALA A 1 223 ? 5.131   -13.029 -3.084  1.00 50.00 ? 215 ALA A N   1 
ATOM 1449 C CA  . ALA A 1 223 ? 4.522   -13.050 -1.754  1.00 50.00 ? 215 ALA A CA  1 
ATOM 1450 C C   . ALA A 1 223 ? 3.332   -14.026 -1.738  1.00 50.00 ? 215 ALA A C   1 
ATOM 1451 O O   . ALA A 1 223 ? 2.676   -14.245 -2.770  1.00 50.00 ? 215 ALA A O   1 
ATOM 1452 N N   . LEU A 1 224 ? 3.072   -14.622 -0.575  1.00 50.00 ? 216 LEU A N   1 
ATOM 1453 C CA  . LEU A 1 224 ? 1.830   -15.369 -0.372  1.00 50.00 ? 216 LEU A CA  1 
ATOM 1454 C C   . LEU A 1 224 ? 0.958   -14.586 0.608   1.00 50.00 ? 216 LEU A C   1 
ATOM 1455 O O   . LEU A 1 224 ? 1.274   -14.494 1.804   1.00 50.00 ? 216 LEU A O   1 
ATOM 1456 C CB  . LEU A 1 224 ? 2.093   -16.805 0.115   1.00 50.00 ? 216 LEU A CB  1 
ATOM 1457 C CG  . LEU A 1 224 ? 3.065   -17.724 -0.650  1.00 50.00 ? 216 LEU A CG  1 
ATOM 1458 C CD1 . LEU A 1 224 ? 3.178   -19.044 0.099   1.00 50.00 ? 216 LEU A CD1 1 
ATOM 1459 C CD2 . LEU A 1 224 ? 2.714   -17.978 -2.137  1.00 50.00 ? 216 LEU A CD2 1 
ATOM 1460 N N   . ILE A 1 225 ? -0.124  -14.005 0.096   1.00 50.00 ? 217 ILE A N   1 
ATOM 1461 C CA  . ILE A 1 225 ? -0.977  -13.148 0.915   1.00 50.00 ? 217 ILE A CA  1 
ATOM 1462 C C   . ILE A 1 225 ? -2.299  -13.855 1.193   1.00 50.00 ? 217 ILE A C   1 
ATOM 1463 O O   . ILE A 1 225 ? -3.157  -14.001 0.303   1.00 50.00 ? 217 ILE A O   1 
ATOM 1464 C CB  . ILE A 1 225 ? -1.187  -11.721 0.301   1.00 50.00 ? 217 ILE A CB  1 
ATOM 1465 C CG1 . ILE A 1 225 ? 0.144   -11.079 -0.122  1.00 50.00 ? 217 ILE A CG1 1 
ATOM 1466 C CG2 . ILE A 1 225 ? -1.876  -10.791 1.301   1.00 50.00 ? 217 ILE A CG2 1 
ATOM 1467 C CD1 . ILE A 1 225 ? 0.515   -11.310 -1.566  1.00 50.00 ? 217 ILE A CD1 1 
ATOM 1468 N N   . LYS A 1 226 ? -2.426  -14.306 2.439   1.00 50.00 ? 218 LYS A N   1 
ATOM 1469 C CA  . LYS A 1 226 ? -3.627  -14.972 2.941   1.00 50.00 ? 218 LYS A CA  1 
ATOM 1470 C C   . LYS A 1 226 ? -4.192  -14.171 4.127   1.00 50.00 ? 218 LYS A C   1 
ATOM 1471 O O   . LYS A 1 226 ? -3.792  -13.017 4.346   1.00 50.00 ? 218 LYS A O   1 
ATOM 1472 C CB  . LYS A 1 226 ? -3.316  -16.430 3.329   1.00 50.00 ? 218 LYS A CB  1 
ATOM 1473 N N   . ASP A 1 227 ? -5.118  -14.762 4.881   1.00 50.00 ? 219 ASP A N   1 
ATOM 1474 C CA  . ASP A 1 227 ? -5.743  -14.061 6.008   1.00 50.00 ? 219 ASP A CA  1 
ATOM 1475 C C   . ASP A 1 227 ? -5.581  -14.814 7.322   1.00 50.00 ? 219 ASP A C   1 
ATOM 1476 O O   . ASP A 1 227 ? -4.980  -15.910 7.356   1.00 50.00 ? 219 ASP A O   1 
ATOM 1477 C CB  . ASP A 1 227 ? -7.233  -13.763 5.736   1.00 50.00 ? 219 ASP A CB  1 
ATOM 1478 C CG  . ASP A 1 227 ? -8.051  -15.011 5.312   1.00 50.00 ? 219 ASP A CG  1 
ATOM 1479 O OD1 . ASP A 1 227 ? -9.178  -14.783 4.799   1.00 50.00 ? 219 ASP A OD1 1 
ATOM 1480 O OD2 . ASP A 1 227 ? -7.600  -16.188 5.473   1.00 50.00 ? 219 ASP A OD2 1 
ATOM 1481 N N   . SER A 1 228 ? -6.127  -14.212 8.389   1.00 50.00 ? 220 SER A N   1 
ATOM 1482 C CA  . SER A 1 228 ? -6.170  -14.836 9.720   1.00 50.00 ? 220 SER A CA  1 
ATOM 1483 C C   . SER A 1 228 ? -6.419  -16.347 9.622   1.00 50.00 ? 220 SER A C   1 
ATOM 1484 O O   . SER A 1 228 ? -5.699  -17.128 10.251  1.00 50.00 ? 220 SER A O   1 
ATOM 1485 C CB  . SER A 1 228 ? -7.220  -14.155 10.627  1.00 50.00 ? 220 SER A CB  1 
ATOM 1486 O OG  . SER A 1 228 ? -8.371  -13.680 9.901   1.00 50.00 ? 220 SER A OG  1 
ATOM 1487 N N   . ALA A 1 229 ? -7.412  -16.757 8.823   1.00 50.00 ? 221 ALA A N   1 
ATOM 1488 C CA  . ALA A 1 229 ? -7.710  -18.170 8.552   1.00 50.00 ? 221 ALA A CA  1 
ATOM 1489 C C   . ALA A 1 229 ? -6.536  -18.848 7.832   1.00 50.00 ? 221 ALA A C   1 
ATOM 1490 O O   . ALA A 1 229 ? -5.749  -19.535 8.482   1.00 50.00 ? 221 ALA A O   1 
ATOM 1491 C CB  . ALA A 1 229 ? -9.039  -18.328 7.761   1.00 50.00 ? 221 ALA A CB  1 
ATOM 1492 N N   . GLY A 1 230 ? -6.411  -18.638 6.518   1.00 50.00 ? 222 GLY A N   1 
ATOM 1493 C CA  . GLY A 1 230 ? -5.342  -19.244 5.706   1.00 50.00 ? 222 GLY A CA  1 
ATOM 1494 C C   . GLY A 1 230 ? -5.699  -19.264 4.224   1.00 50.00 ? 222 GLY A C   1 
ATOM 1495 O O   . GLY A 1 230 ? -4.940  -19.779 3.389   1.00 50.00 ? 222 GLY A O   1 
ATOM 1496 N N   . LYS A 1 231 ? -6.871  -18.713 3.904   1.00 50.00 ? 223 LYS A N   1 
ATOM 1497 C CA  . LYS A 1 231 ? -7.335  -18.601 2.524   1.00 50.00 ? 223 LYS A CA  1 
ATOM 1498 C C   . LYS A 1 231 ? -6.935  -17.226 1.981   1.00 50.00 ? 223 LYS A C   1 
ATOM 1499 O O   . LYS A 1 231 ? -6.759  -16.266 2.763   1.00 50.00 ? 223 LYS A O   1 
ATOM 1500 N N   . ASP A 1 232 ? -6.807  -17.138 0.652   1.00 50.00 ? 224 ASP A N   1 
ATOM 1501 C CA  . ASP A 1 232 ? -6.349  -15.914 -0.023  1.00 50.00 ? 224 ASP A CA  1 
ATOM 1502 C C   . ASP A 1 232 ? -7.155  -14.663 0.326   1.00 50.00 ? 224 ASP A C   1 
ATOM 1503 O O   . ASP A 1 232 ? -8.381  -14.720 0.515   1.00 50.00 ? 224 ASP A O   1 
ATOM 1504 C CB  . ASP A 1 232 ? -6.303  -16.106 -1.541  1.00 50.00 ? 224 ASP A CB  1 
ATOM 1505 C CG  . ASP A 1 232 ? -4.985  -16.705 -2.014  1.00 50.00 ? 224 ASP A CG  1 
ATOM 1506 O OD1 . ASP A 1 232 ? -4.181  -17.177 -1.171  1.00 50.00 ? 224 ASP A OD1 1 
ATOM 1507 O OD2 . ASP A 1 232 ? -4.747  -16.690 -3.242  1.00 50.00 ? 224 ASP A OD2 1 
ATOM 1508 N N   . ILE A 1 233 ? -6.429  -13.546 0.435   1.00 50.00 ? 225 ILE A N   1 
ATOM 1509 C CA  . ILE A 1 233 ? -7.006  -12.230 0.654   1.00 50.00 ? 225 ILE A CA  1 
ATOM 1510 C C   . ILE A 1 233 ? -7.662  -11.828 -0.659  1.00 50.00 ? 225 ILE A C   1 
ATOM 1511 O O   . ILE A 1 233 ? -7.067  -12.019 -1.735  1.00 50.00 ? 225 ILE A O   1 
ATOM 1512 C CB  . ILE A 1 233 ? -5.904  -11.228 1.113   1.00 50.00 ? 225 ILE A CB  1 
ATOM 1513 C CG1 . ILE A 1 233 ? -5.844  -11.168 2.639   1.00 50.00 ? 225 ILE A CG1 1 
ATOM 1514 C CG2 . ILE A 1 233 ? -6.134  -9.813  0.595   1.00 50.00 ? 225 ILE A CG2 1 
ATOM 1515 N N   . ASP A 1 234 ? -8.890  -11.311 -0.579  1.00 50.00 ? 226 ASP A N   1 
ATOM 1516 C CA  . ASP A 1 234 ? -9.546  -10.703 -1.756  1.00 50.00 ? 226 ASP A CA  1 
ATOM 1517 C C   . ASP A 1 234 ? -9.783  -9.207  -1.534  1.00 50.00 ? 226 ASP A C   1 
ATOM 1518 O O   . ASP A 1 234 ? -10.254 -8.787  -0.461  1.00 50.00 ? 226 ASP A O   1 
ATOM 1519 C CB  . ASP A 1 234 ? -10.853 -11.426 -2.141  1.00 50.00 ? 226 ASP A CB  1 
ATOM 1520 C CG  . ASP A 1 234 ? -11.742 -11.708 -0.941  1.00 50.00 ? 226 ASP A CG  1 
ATOM 1521 O OD2 . ASP A 1 234 ? -12.579 -10.843 -0.610  1.00 50.00 ? 226 ASP A OD2 1 
ATOM 1522 N N   . ILE A 1 235 ? -9.453  -8.419  -2.561  1.00 50.00 ? 227 ILE A N   1 
ATOM 1523 C CA  . ILE A 1 235 ? -9.533  -6.950  -2.503  1.00 50.00 ? 227 ILE A CA  1 
ATOM 1524 C C   . ILE A 1 235 ? -10.926 -6.394  -2.879  1.00 50.00 ? 227 ILE A C   1 
ATOM 1525 O O   . ILE A 1 235 ? -11.252 -6.256  -4.070  1.00 50.00 ? 227 ILE A O   1 
ATOM 1526 C CB  . ILE A 1 235 ? -8.427  -6.291  -3.395  1.00 50.00 ? 227 ILE A CB  1 
ATOM 1527 C CG1 . ILE A 1 235 ? -7.023  -6.835  -3.055  1.00 50.00 ? 227 ILE A CG1 1 
ATOM 1528 C CG2 . ILE A 1 235 ? -8.478  -4.753  -3.288  1.00 50.00 ? 227 ILE A CG2 1 
ATOM 1529 C CD1 . ILE A 1 235 ? -6.589  -6.652  -1.567  1.00 50.00 ? 227 ILE A CD1 1 
ATOM 1530 N N   . SER A 1 236 ? -11.734 -6.077  -1.860  1.00 50.00 ? 228 SER A N   1 
ATOM 1531 C CA  . SER A 1 236 ? -13.033 -5.393  -2.061  1.00 50.00 ? 228 SER A CA  1 
ATOM 1532 C C   . SER A 1 236 ? -12.851 -3.953  -2.558  1.00 50.00 ? 228 SER A C   1 
ATOM 1533 O O   . SER A 1 236 ? -11.867 -3.292  -2.210  1.00 50.00 ? 228 SER A O   1 
ATOM 1534 C CB  . SER A 1 236 ? -13.853 -5.354  -0.766  1.00 50.00 ? 228 SER A CB  1 
ATOM 1535 O OG  . SER A 1 236 ? -14.311 -6.642  -0.381  1.00 50.00 ? 228 SER A OG  1 
ATOM 1536 N N   . PHE A 1 237 ? -13.800 -3.470  -3.357  1.00 50.00 ? 229 PHE A N   1 
ATOM 1537 C CA  . PHE A 1 237 ? -13.761 -2.088  -3.835  1.00 50.00 ? 229 PHE A CA  1 
ATOM 1538 C C   . PHE A 1 237 ? -14.423 -1.107  -2.844  1.00 50.00 ? 229 PHE A C   1 
ATOM 1539 O O   . PHE A 1 237 ? -15.142 -0.185  -3.258  1.00 50.00 ? 229 PHE A O   1 
ATOM 1540 C CB  . PHE A 1 237 ? -14.403 -1.959  -5.231  1.00 50.00 ? 229 PHE A CB  1 
ATOM 1541 C CG  . PHE A 1 237 ? -13.576 -2.537  -6.373  1.00 50.00 ? 229 PHE A CG  1 
ATOM 1542 C CD1 . PHE A 1 237 ? -14.148 -2.674  -7.641  1.00 50.00 ? 229 PHE A CD1 1 
ATOM 1543 C CD2 . PHE A 1 237 ? -12.246 -2.941  -6.197  1.00 50.00 ? 229 PHE A CD2 1 
ATOM 1544 C CE1 . PHE A 1 237 ? -13.410 -3.198  -8.713  1.00 50.00 ? 229 PHE A CE1 1 
ATOM 1545 C CE2 . PHE A 1 237 ? -11.507 -3.467  -7.265  1.00 50.00 ? 229 PHE A CE2 1 
ATOM 1546 C CZ  . PHE A 1 237 ? -12.092 -3.596  -8.520  1.00 50.00 ? 229 PHE A CZ  1 
ATOM 1547 N N   . ASN A 1 238 ? -14.187 -1.296  -1.544  1.00 50.00 ? 230 ASN A N   1 
ATOM 1548 C CA  . ASN A 1 238 ? -14.700 -0.354  -0.530  1.00 50.00 ? 230 ASN A CA  1 
ATOM 1549 C C   . ASN A 1 238 ? -13.609 0.246   0.377   1.00 50.00 ? 230 ASN A C   1 
ATOM 1550 O O   . ASN A 1 238 ? -12.452 -0.167  0.315   1.00 50.00 ? 230 ASN A O   1 
ATOM 1551 C CB  . ASN A 1 238 ? -15.829 -0.999  0.292   1.00 50.00 ? 230 ASN A CB  1 
ATOM 1552 C CG  . ASN A 1 238 ? -15.353 -2.187  1.129   1.00 50.00 ? 230 ASN A CG  1 
ATOM 1553 O OD1 . ASN A 1 238 ? -14.573 -2.030  2.086   1.00 50.00 ? 230 ASN A OD1 1 
ATOM 1554 N ND2 . ASN A 1 238 ? -15.833 -3.384  0.780   1.00 50.00 ? 230 ASN A ND2 1 
ATOM 1555 N N   . ALA A 1 239 ? -13.972 1.217   1.210   1.00 50.00 ? 231 ALA A N   1 
ATOM 1556 C CA  . ALA A 1 239 ? -13.032 1.797   2.176   1.00 50.00 ? 231 ALA A CA  1 
ATOM 1557 C C   . ALA A 1 239 ? -13.405 1.454   3.632   1.00 50.00 ? 231 ALA A C   1 
ATOM 1558 O O   . ALA A 1 239 ? -12.996 2.160   4.575   1.00 50.00 ? 231 ALA A O   1 
ATOM 1559 C CB  . ALA A 1 239 ? -12.940 3.313   1.977   1.00 50.00 ? 231 ALA A CB  1 
ATOM 1560 N N   . THR A 1 240 ? -14.160 0.360   3.805   1.00 50.00 ? 232 THR A N   1 
ATOM 1561 C CA  . THR A 1 240 ? -14.799 0.025   5.092   1.00 50.00 ? 232 THR A CA  1 
ATOM 1562 C C   . THR A 1 240 ? -14.378 -1.328  5.666   1.00 50.00 ? 232 THR A C   1 
ATOM 1563 O O   . THR A 1 240 ? -14.210 -1.448  6.894   1.00 50.00 ? 232 THR A O   1 
ATOM 1564 C CB  . THR A 1 240 ? -16.352 0.060   4.998   1.00 50.00 ? 232 THR A CB  1 
ATOM 1565 O OG1 . THR A 1 240 ? -16.794 -0.808  3.937   1.00 50.00 ? 232 THR A OG1 1 
ATOM 1566 C CG2 . THR A 1 240 ? -16.867 1.493   4.760   1.00 50.00 ? 232 THR A CG2 1 
ATOM 1567 N N   . ASP A 1 241 ? -14.220 -2.337  4.795   1.00 50.00 ? 233 ASP A N   1 
ATOM 1568 C CA  . ASP A 1 241 ? -13.741 -3.670  5.200   1.00 50.00 ? 233 ASP A CA  1 
ATOM 1569 C C   . ASP A 1 241 ? -12.549 -3.543  6.155   1.00 50.00 ? 233 ASP A C   1 
ATOM 1570 O O   . ASP A 1 241 ? -11.674 -2.685  5.962   1.00 50.00 ? 233 ASP A O   1 
ATOM 1571 C CB  . ASP A 1 241 ? -13.332 -4.505  3.978   1.00 50.00 ? 233 ASP A CB  1 
ATOM 1572 C CG  . ASP A 1 241 ? -14.527 -4.981  3.131   1.00 50.00 ? 233 ASP A CG  1 
ATOM 1573 O OD1 . ASP A 1 241 ? -14.313 -5.856  2.249   1.00 50.00 ? 233 ASP A OD1 1 
ATOM 1574 O OD2 . ASP A 1 241 ? -15.670 -4.489  3.322   1.00 50.00 ? 233 ASP A OD2 1 
ATOM 1575 N N   . ARG A 1 242 ? -12.520 -4.374  7.191   1.00 50.00 ? 234 ARG A N   1 
ATOM 1576 C CA  . ARG A 1 242 ? -11.393 -4.362  8.137   1.00 50.00 ? 234 ARG A CA  1 
ATOM 1577 C C   . ARG A 1 242 ? -10.731 -5.735  8.181   1.00 50.00 ? 234 ARG A C   1 
ATOM 1578 O O   . ARG A 1 242 ? -11.383 -6.747  8.472   1.00 50.00 ? 234 ARG A O   1 
ATOM 1579 C CB  . ARG A 1 242 ? -11.816 -3.847  9.527   1.00 50.00 ? 234 ARG A CB  1 
ATOM 1580 C CG  . ARG A 1 242 ? -12.248 -2.364  9.504   1.00 50.00 ? 234 ARG A CG  1 
ATOM 1581 C CD  . ARG A 1 242 ? -11.560 -1.513  10.583  1.00 50.00 ? 234 ARG A CD  1 
ATOM 1582 N N   . LEU A 1 243 ? -9.423  -5.745  7.878   1.00 50.00 ? 235 LEU A N   1 
ATOM 1583 C CA  . LEU A 1 243 ? -8.723  -6.969  7.463   1.00 50.00 ? 235 LEU A CA  1 
ATOM 1584 C C   . LEU A 1 243 ? -7.529  -7.391  8.338   1.00 50.00 ? 235 LEU A C   1 
ATOM 1585 O O   . LEU A 1 243 ? -7.083  -6.653  9.228   1.00 50.00 ? 235 LEU A O   1 
ATOM 1586 C CB  . LEU A 1 243 ? -8.267  -6.820  6.000   1.00 50.00 ? 235 LEU A CB  1 
ATOM 1587 C CG  . LEU A 1 243 ? -9.315  -6.427  4.943   1.00 50.00 ? 235 LEU A CG  1 
ATOM 1588 C CD1 . LEU A 1 243 ? -8.673  -5.626  3.801   1.00 50.00 ? 235 LEU A CD1 1 
ATOM 1589 C CD2 . LEU A 1 243 ? -10.082 -7.642  4.398   1.00 50.00 ? 235 LEU A CD2 1 
ATOM 1590 N N   . ASP A 1 244 ? -7.048  -8.607  8.074   1.00 50.00 ? 236 ASP A N   1 
ATOM 1591 C CA  . ASP A 1 244 ? -5.779  -9.123  8.585   1.00 50.00 ? 236 ASP A CA  1 
ATOM 1592 C C   . ASP A 1 244 ? -4.886  -9.424  7.395   1.00 50.00 ? 236 ASP A C   1 
ATOM 1593 O O   . ASP A 1 244 ? -5.366  -9.954  6.375   1.00 50.00 ? 236 ASP A O   1 
ATOM 1594 C CB  . ASP A 1 244 ? -5.986  -10.425 9.352   1.00 50.00 ? 236 ASP A CB  1 
ATOM 1595 C CG  . ASP A 1 244 ? -6.689  -10.226 10.681  1.00 50.00 ? 236 ASP A CG  1 
ATOM 1596 O OD1 . ASP A 1 244 ? -7.274  -9.136  10.907  1.00 50.00 ? 236 ASP A OD1 1 
ATOM 1597 O OD2 . ASP A 1 244 ? -6.663  -11.176 11.506  1.00 50.00 ? 236 ASP A OD2 1 
ATOM 1598 N N   . VAL A 1 245 ? -3.601  -9.095  7.493   1.00 50.00 ? 237 VAL A N   1 
ATOM 1599 C CA  . VAL A 1 245 ? -2.681  -9.600  6.480   1.00 50.00 ? 237 VAL A CA  1 
ATOM 1600 C C   . VAL A 1 245 ? -1.649  -10.538 7.098   1.00 50.00 ? 237 VAL A C   1 
ATOM 1601 O O   . VAL A 1 245 ? -1.130  -10.302 8.210   1.00 50.00 ? 237 VAL A O   1 
ATOM 1602 C CB  . VAL A 1 245 ? -2.028  -8.491  5.575   1.00 50.00 ? 237 VAL A CB  1 
ATOM 1603 C CG1 . VAL A 1 245 ? -3.093  -7.626  4.927   1.00 50.00 ? 237 VAL A CG1 1 
ATOM 1604 C CG2 . VAL A 1 245 ? -1.049  -7.623  6.351   1.00 50.00 ? 237 VAL A CG2 1 
ATOM 1605 N N   . ILE A 1 246 ? -1.409  -11.624 6.372   1.00 50.00 ? 238 ILE A N   1 
ATOM 1606 C CA  . ILE A 1 246 ? -0.290  -12.508 6.597   1.00 50.00 ? 238 ILE A CA  1 
ATOM 1607 C C   . ILE A 1 246 ? 0.293   -12.647 5.205   1.00 50.00 ? 238 ILE A C   1 
ATOM 1608 O O   . ILE A 1 246 ? -0.185  -13.440 4.377   1.00 50.00 ? 238 ILE A O   1 
ATOM 1609 C CB  . ILE A 1 246 ? -0.725  -13.854 7.218   1.00 50.00 ? 238 ILE A CB  1 
ATOM 1610 C CG1 . ILE A 1 246 ? -1.141  -13.644 8.677   1.00 50.00 ? 238 ILE A CG1 1 
ATOM 1611 C CG2 . ILE A 1 246 ? 0.406   -14.882 7.153   1.00 50.00 ? 238 ILE A CG2 1 
ATOM 1612 C CD1 . ILE A 1 246 ? -2.425  -14.322 9.061   1.00 50.00 ? 238 ILE A CD1 1 
ATOM 1613 N N   . ALA A 1 247 ? 1.296   -11.817 4.937   1.00 50.00 ? 239 ALA A N   1 
ATOM 1614 C CA  . ALA A 1 247 ? 1.971   -11.811 3.654   1.00 50.00 ? 239 ALA A CA  1 
ATOM 1615 C C   . ALA A 1 247 ? 3.378   -12.276 3.939   1.00 50.00 ? 239 ALA A C   1 
ATOM 1616 O O   . ALA A 1 247 ? 4.028   -11.743 4.837   1.00 50.00 ? 239 ALA A O   1 
ATOM 1617 C CB  . ALA A 1 247 ? 1.959   -10.431 3.062   1.00 50.00 ? 239 ALA A CB  1 
ATOM 1618 N N   . VAL A 1 248 ? 3.840   -13.281 3.197   1.00 50.00 ? 240 VAL A N   1 
ATOM 1619 C CA  . VAL A 1 248 ? 5.052   -14.015 3.587   1.00 50.00 ? 240 VAL A CA  1 
ATOM 1620 C C   . VAL A 1 248 ? 5.901   -14.515 2.434   1.00 50.00 ? 240 VAL A C   1 
ATOM 1621 O O   . VAL A 1 248 ? 5.513   -14.459 1.261   1.00 50.00 ? 240 VAL A O   1 
ATOM 1622 C CB  . VAL A 1 248 ? 4.761   -15.239 4.524   1.00 50.00 ? 240 VAL A CB  1 
ATOM 1623 C CG1 . VAL A 1 248 ? 4.364   -14.785 5.912   1.00 50.00 ? 240 VAL A CG1 1 
ATOM 1624 C CG2 . VAL A 1 248 ? 3.714   -16.181 3.913   1.00 50.00 ? 240 VAL A CG2 1 
ATOM 1625 N N   . ASN A 1 249 ? 7.055   -15.035 2.838   1.00 50.00 ? 241 ASN A N   1 
ATOM 1626 C CA  . ASN A 1 249 ? 8.179   -15.372 1.986   1.00 50.00 ? 241 ASN A CA  1 
ATOM 1627 C C   . ASN A 1 249 ? 8.051   -16.715 1.289   1.00 50.00 ? 241 ASN A C   1 
ATOM 1628 O O   . ASN A 1 249 ? 8.542   -16.882 0.169   1.00 50.00 ? 241 ASN A O   1 
ATOM 1629 C CB  . ASN A 1 249 ? 9.432   -15.426 2.862   1.00 50.00 ? 241 ASN A CB  1 
ATOM 1630 C CG  . ASN A 1 249 ? 10.620  -14.791 2.205   1.00 50.00 ? 241 ASN A CG  1 
ATOM 1631 O OD1 . ASN A 1 249 ? 10.562  -14.398 1.037   1.00 50.00 ? 241 ASN A OD1 1 
ATOM 1632 N ND2 . ASN A 1 249 ? 11.715  -14.671 2.949   1.00 50.00 ? 241 ASN A ND2 1 
ATOM 1633 N N   . SER A 1 250 ? 7.394   -17.659 1.971   1.00 50.00 ? 242 SER A N   1 
ATOM 1634 C CA  . SER A 1 250 ? 7.510   -19.076 1.687   1.00 50.00 ? 242 SER A CA  1 
ATOM 1635 C C   . SER A 1 250 ? 6.403   -19.875 2.365   1.00 50.00 ? 242 SER A C   1 
ATOM 1636 O O   . SER A 1 250 ? 5.787   -19.412 3.355   1.00 50.00 ? 242 SER A O   1 
ATOM 1637 C CB  . SER A 1 250 ? 8.857   -19.588 2.215   1.00 50.00 ? 242 SER A CB  1 
ATOM 1638 O OG  . SER A 1 250 ? 8.829   -19.708 3.637   1.00 50.00 ? 242 SER A OG  1 
ATOM 1639 N N   . GLU A 1 251 ? 6.186   -21.089 1.841   1.00 50.00 ? 243 GLU A N   1 
ATOM 1640 C CA  . GLU A 1 251 ? 5.252   -22.066 2.422   1.00 50.00 ? 243 GLU A CA  1 
ATOM 1641 C C   . GLU A 1 251 ? 5.617   -22.423 3.877   1.00 50.00 ? 243 GLU A C   1 
ATOM 1642 O O   . GLU A 1 251 ? 4.742   -22.376 4.765   1.00 50.00 ? 243 GLU A O   1 
ATOM 1643 C CB  . GLU A 1 251 ? 5.143   -23.331 1.542   1.00 50.00 ? 243 GLU A CB  1 
ATOM 1644 C CG  . GLU A 1 251 ? 4.468   -23.112 0.157   1.00 50.00 ? 243 GLU A CG  1 
ATOM 1645 C CD  . GLU A 1 251 ? 2.952   -22.790 0.236   1.00 50.00 ? 243 GLU A CD  1 
ATOM 1646 O OE1 . GLU A 1 251 ? 2.373   -22.364 -0.802  1.00 50.00 ? 243 GLU A OE1 1 
ATOM 1647 O OE2 . GLU A 1 251 ? 2.337   -22.957 1.327   1.00 50.00 ? 243 GLU A OE2 1 
ATOM 1648 N N   . GLU A 1 252 ? 6.892   -22.759 4.119   1.00 50.00 ? 244 GLU A N   1 
ATOM 1649 C CA  . GLU A 1 252 ? 7.361   -23.051 5.484   1.00 50.00 ? 244 GLU A CA  1 
ATOM 1650 C C   . GLU A 1 252 ? 6.912   -21.944 6.463   1.00 50.00 ? 244 GLU A C   1 
ATOM 1651 O O   . GLU A 1 252 ? 6.181   -22.215 7.438   1.00 50.00 ? 244 GLU A O   1 
ATOM 1652 C CB  . GLU A 1 252 ? 8.887   -23.243 5.521   1.00 50.00 ? 244 GLU A CB  1 
ATOM 1653 N N   . LEU A 1 253 ? 7.322   -20.704 6.168   1.00 50.00 ? 245 LEU A N   1 
ATOM 1654 C CA  . LEU A 1 253 ? 7.001   -19.542 6.998   1.00 50.00 ? 245 LEU A CA  1 
ATOM 1655 C C   . LEU A 1 253 ? 5.500   -19.344 7.198   1.00 50.00 ? 245 LEU A C   1 
ATOM 1656 O O   . LEU A 1 253 ? 5.054   -19.111 8.333   1.00 50.00 ? 245 LEU A O   1 
ATOM 1657 C CB  . LEU A 1 253 ? 7.636   -18.264 6.422   1.00 50.00 ? 245 LEU A CB  1 
ATOM 1658 C CG  . LEU A 1 253 ? 7.505   -16.945 7.213   1.00 50.00 ? 245 LEU A CG  1 
ATOM 1659 C CD1 . LEU A 1 253 ? 8.009   -17.050 8.664   1.00 50.00 ? 245 LEU A CD1 1 
ATOM 1660 C CD2 . LEU A 1 253 ? 8.199   -15.792 6.464   1.00 50.00 ? 245 LEU A CD2 1 
ATOM 1661 N N   . LEU A 1 254 ? 4.731   -19.439 6.108   1.00 50.00 ? 246 LEU A N   1 
ATOM 1662 C CA  . LEU A 1 254 ? 3.271   -19.310 6.186   1.00 50.00 ? 246 LEU A CA  1 
ATOM 1663 C C   . LEU A 1 254 ? 2.672   -20.320 7.179   1.00 50.00 ? 246 LEU A C   1 
ATOM 1664 O O   . LEU A 1 254 ? 1.915   -19.929 8.099   1.00 50.00 ? 246 LEU A O   1 
ATOM 1665 C CB  . LEU A 1 254 ? 2.632   -19.449 4.801   1.00 50.00 ? 246 LEU A CB  1 
ATOM 1666 C CG  . LEU A 1 254 ? 1.099   -19.437 4.636   1.00 50.00 ? 246 LEU A CG  1 
ATOM 1667 C CD1 . LEU A 1 254 ? 0.393   -18.217 5.266   1.00 50.00 ? 246 LEU A CD1 1 
ATOM 1668 C CD2 . LEU A 1 254 ? 0.741   -19.550 3.151   1.00 50.00 ? 246 LEU A CD2 1 
ATOM 1669 N N   . LYS A 1 255 ? 3.032   -21.601 6.993   1.00 50.00 ? 247 LYS A N   1 
ATOM 1670 C CA  . LYS A 1 255 ? 2.612   -22.697 7.890   1.00 50.00 ? 247 LYS A CA  1 
ATOM 1671 C C   . LYS A 1 255 ? 2.915   -22.325 9.342   1.00 50.00 ? 247 LYS A C   1 
ATOM 1672 O O   . LYS A 1 255 ? 1.994   -22.281 10.175  1.00 50.00 ? 247 LYS A O   1 
ATOM 1673 C CB  . LYS A 1 255 ? 3.276   -24.035 7.503   1.00 50.00 ? 247 LYS A CB  1 
ATOM 1674 N N   . THR A 1 256 ? 4.197   -22.032 9.607   1.00 50.00 ? 248 THR A N   1 
ATOM 1675 C CA  . THR A 1 256 ? 4.693   -21.564 10.909  1.00 50.00 ? 248 THR A CA  1 
ATOM 1676 C C   . THR A 1 256 ? 3.729   -20.560 11.559  1.00 50.00 ? 248 THR A C   1 
ATOM 1677 O O   . THR A 1 256 ? 3.258   -20.771 12.681  1.00 50.00 ? 248 THR A O   1 
ATOM 1678 C CB  . THR A 1 256 ? 6.083   -20.892 10.774  1.00 50.00 ? 248 THR A CB  1 
ATOM 1679 O OG1 . THR A 1 256 ? 6.909   -21.636 9.862   1.00 50.00 ? 248 THR A OG1 1 
ATOM 1680 C CG2 . THR A 1 256 ? 6.766   -20.766 12.129  1.00 50.00 ? 248 THR A CG2 1 
ATOM 1681 N N   . ILE A 1 257 ? 3.422   -19.486 10.838  1.00 50.00 ? 249 ILE A N   1 
ATOM 1682 C CA  . ILE A 1 257 ? 2.528   -18.446 11.359  1.00 50.00 ? 249 ILE A CA  1 
ATOM 1683 C C   . ILE A 1 257 ? 1.093   -18.949 11.622  1.00 50.00 ? 249 ILE A C   1 
ATOM 1684 O O   . ILE A 1 257 ? 0.528   -18.647 12.682  1.00 50.00 ? 249 ILE A O   1 
ATOM 1685 C CB  . ILE A 1 257 ? 2.560   -17.182 10.464  1.00 50.00 ? 249 ILE A CB  1 
ATOM 1686 C CG1 . ILE A 1 257 ? 4.000   -16.663 10.399  1.00 50.00 ? 249 ILE A CG1 1 
ATOM 1687 C CG2 . ILE A 1 257 ? 1.619   -16.090 10.999  1.00 50.00 ? 249 ILE A CG2 1 
ATOM 1688 C CD1 . ILE A 1 257 ? 4.357   -15.980 9.116   1.00 50.00 ? 249 ILE A CD1 1 
ATOM 1689 N N   . LEU A 1 258 ? 0.527   -19.720 10.683  1.00 50.00 ? 250 LEU A N   1 
ATOM 1690 C CA  . LEU A 1 258 ? -0.848  -20.254 10.835  1.00 50.00 ? 250 LEU A CA  1 
ATOM 1691 C C   . LEU A 1 258 ? -0.954  -21.309 11.945  1.00 50.00 ? 250 LEU A C   1 
ATOM 1692 O O   . LEU A 1 258 ? -1.051  -20.969 13.134  1.00 50.00 ? 250 LEU A O   1 
ATOM 1693 C CB  . LEU A 1 258 ? -1.386  -20.814 9.506   1.00 50.00 ? 250 LEU A CB  1 
ATOM 1694 C CG  . LEU A 1 258 ? -1.631  -19.882 8.299   1.00 50.00 ? 250 LEU A CG  1 
ATOM 1695 C CD1 . LEU A 1 258 ? -2.050  -20.678 7.055   1.00 50.00 ? 250 LEU A CD1 1 
ATOM 1696 C CD2 . LEU A 1 258 ? -2.659  -18.766 8.593   1.00 50.00 ? 250 LEU A CD2 1 
# 
loop_
_pdbx_poly_seq_scheme.asym_id 
_pdbx_poly_seq_scheme.entity_id 
_pdbx_poly_seq_scheme.seq_id 
_pdbx_poly_seq_scheme.mon_id 
_pdbx_poly_seq_scheme.ndb_seq_num 
_pdbx_poly_seq_scheme.pdb_seq_num 
_pdbx_poly_seq_scheme.auth_seq_num 
_pdbx_poly_seq_scheme.pdb_mon_id 
_pdbx_poly_seq_scheme.auth_mon_id 
_pdbx_poly_seq_scheme.pdb_strand_id 
_pdbx_poly_seq_scheme.pdb_ins_code 
_pdbx_poly_seq_scheme.hetero 
A 1 1   ALA 1   -7  ?   ?   ?   A . n 
A 1 2   HIS 2   -6  ?   ?   ?   A . n 
A 1 3   HIS 3   -5  ?   ?   ?   A . n 
A 1 4   HIS 4   -4  ?   ?   ?   A . n 
A 1 5   HIS 5   -3  ?   ?   ?   A . n 
A 1 6   HIS 6   -2  ?   ?   ?   A . n 
A 1 7   HIS 7   -1  ?   ?   ?   A . n 
A 1 8   GLY 8   0   ?   ?   ?   A . n 
A 1 9   SER 9   1   ?   ?   ?   A . n 
A 1 10  LYS 10  2   2   LYS LYS A . n 
A 1 11  LEU 11  3   3   LEU LEU A . n 
A 1 12  LYS 12  4   4   LYS LYS A . n 
A 1 13  PHE 13  5   5   PHE PHE A . n 
A 1 14  TRP 14  6   6   TRP TRP A . n 
A 1 15  ARG 15  7   7   ARG ARG A . n 
A 1 16  GLU 16  8   8   GLU GLU A . n 
A 1 17  VAL 17  9   9   VAL VAL A . n 
A 1 18  ALA 18  10  10  ALA ALA A . n 
A 1 19  ILE 19  11  11  ILE ILE A . n 
A 1 20  ASP 20  12  12  ASP ASP A . n 
A 1 21  ILE 21  13  13  ILE ILE A . n 
A 1 22  ILE 22  14  14  ILE ILE A . n 
A 1 23  SER 23  15  15  SER SER A . n 
A 1 24  ASP 24  16  16  ASP ASP A . n 
A 1 25  PHE 25  17  17  PHE PHE A . n 
A 1 26  GLU 26  18  18  GLU GLU A . n 
A 1 27  THR 27  19  19  THR THR A . n 
A 1 28  THR 28  20  20  THR THR A . n 
A 1 29  ILE 29  21  21  ILE ILE A . n 
A 1 30  MET 30  22  22  MET MET A . n 
A 1 31  PRO 31  23  23  PRO PRO A . n 
A 1 32  PHE 32  24  24  PHE PHE A . n 
A 1 33  PHE 33  25  25  PHE PHE A . n 
A 1 34  GLY 34  26  26  GLY GLY A . n 
A 1 35  ASN 35  27  27  ASN ASN A . n 
A 1 36  PRO 36  28  28  PRO PRO A . n 
A 1 37  ASP 37  29  29  ASP ASP A . n 
A 1 38  GLY 38  30  30  GLY GLY A . n 
A 1 39  GLY 39  31  31  GLY GLY A . n 
A 1 40  LYS 40  32  32  LYS LYS A . n 
A 1 41  LEU 41  33  33  LEU LEU A . n 
A 1 42  VAL 42  34  34  VAL VAL A . n 
A 1 43  LYS 43  35  ?   ?   ?   A . n 
A 1 44  ILE 44  36  ?   ?   ?   A . n 
A 1 45  SER 45  37  ?   ?   ?   A . n 
A 1 46  PRO 46  38  ?   ?   ?   A . n 
A 1 47  SER 47  39  ?   ?   ?   A . n 
A 1 48  GLY 48  40  ?   ?   ?   A . n 
A 1 49  ASP 49  41  ?   ?   ?   A . n 
A 1 50  GLU 50  42  ?   ?   ?   A . n 
A 1 51  THR 51  43  ?   ?   ?   A . n 
A 1 52  LYS 52  44  44  LYS LYS A . n 
A 1 53  LEU 53  45  45  LEU LEU A . n 
A 1 54  VAL 54  46  46  VAL VAL A . n 
A 1 55  ASP 55  47  47  ASP ASP A . n 
A 1 56  LYS 56  48  48  LYS LYS A . n 
A 1 57  LEU 57  49  49  LEU LEU A . n 
A 1 58  ALA 58  50  50  ALA ALA A . n 
A 1 59  GLU 59  51  51  GLU GLU A . n 
A 1 60  ASP 60  52  52  ASP ASP A . n 
A 1 61  LEU 61  53  53  LEU LEU A . n 
A 1 62  ILE 62  54  54  ILE ILE A . n 
A 1 63  LEU 63  55  55  LEU LEU A . n 
A 1 64  SER 64  56  56  SER SER A . n 
A 1 65  ARG 65  57  57  ARG ARG A . n 
A 1 66  ILE 66  58  58  ILE ILE A . n 
A 1 67  THR 67  59  59  THR THR A . n 
A 1 68  GLU 68  60  60  GLU GLU A . n 
A 1 69  LEU 69  61  61  LEU LEU A . n 
A 1 70  GLY 70  62  62  GLY GLY A . n 
A 1 71  VAL 71  63  63  VAL VAL A . n 
A 1 72  ASN 72  64  64  ASN ASN A . n 
A 1 73  VAL 73  65  65  VAL VAL A . n 
A 1 74  VAL 74  66  66  VAL VAL A . n 
A 1 75  SER 75  67  67  SER SER A . n 
A 1 76  GLU 76  68  68  GLU GLU A . n 
A 1 77  GLU 77  69  69  GLU GLU A . n 
A 1 78  VAL 78  70  70  VAL VAL A . n 
A 1 79  GLY 79  71  71  GLY GLY A . n 
A 1 80  VAL 80  72  72  VAL VAL A . n 
A 1 81  ILE 81  73  73  ILE ILE A . n 
A 1 82  ASP 82  74  74  ASP ASP A . n 
A 1 83  ASN 83  75  75  ASN ASN A . n 
A 1 84  GLU 84  76  76  GLU GLU A . n 
A 1 85  SER 85  77  77  SER SER A . n 
A 1 86  GLU 86  78  78  GLU GLU A . n 
A 1 87  TYR 87  79  79  TYR TYR A . n 
A 1 88  THR 88  80  80  THR THR A . n 
A 1 89  VAL 89  81  81  VAL VAL A . n 
A 1 90  ILE 90  82  82  ILE ILE A . n 
A 1 91  VAL 91  83  83  VAL VAL A . n 
A 1 92  ASP 92  84  84  ASP ASP A . n 
A 1 93  PRO 93  85  85  PRO PRO A . n 
A 1 94  LEU 94  86  86  LEU LEU A . n 
A 1 95  ASP 95  87  87  ASP ASP A . n 
A 1 96  GLY 96  88  88  GLY GLY A . n 
A 1 97  SER 97  89  89  SER SER A . n 
A 1 98  TYR 98  90  90  TYR TYR A . n 
A 1 99  ASN 99  91  91  ASN ASN A . n 
A 1 100 PHE 100 92  92  PHE PHE A . n 
A 1 101 ILE 101 93  93  ILE ILE A . n 
A 1 102 ALA 102 94  94  ALA ALA A . n 
A 1 103 GLY 103 95  95  GLY GLY A . n 
A 1 104 ILE 104 96  96  ILE ILE A . n 
A 1 105 PRO 105 97  97  PRO PRO A . n 
A 1 106 PHE 106 98  98  PHE PHE A . n 
A 1 107 PHE 107 99  99  PHE PHE A . n 
A 1 108 ALA 108 100 100 ALA ALA A . n 
A 1 109 LEU 109 101 101 LEU LEU A . n 
A 1 110 SER 110 102 102 SER SER A . n 
A 1 111 LEU 111 103 103 LEU LEU A . n 
A 1 112 ALA 112 104 104 ALA ALA A . n 
A 1 113 VAL 113 105 105 VAL VAL A . n 
A 1 114 PHE 114 106 106 PHE PHE A . n 
A 1 115 LYS 115 107 107 LYS LYS A . n 
A 1 116 LYS 116 108 108 LYS LYS A . n 
A 1 117 ASP 117 109 109 ASP ASP A . n 
A 1 118 LYS 118 110 110 LYS LYS A . n 
A 1 119 PRO 119 111 111 PRO PRO A . n 
A 1 120 ILE 120 112 112 ILE ILE A . n 
A 1 121 TYR 121 113 113 TYR TYR A . n 
A 1 122 ALA 122 114 114 ALA ALA A . n 
A 1 123 ILE 123 115 115 ILE ILE A . n 
A 1 124 ILE 124 116 116 ILE ILE A . n 
A 1 125 TYR 125 117 117 TYR TYR A . n 
A 1 126 GLU 126 118 118 GLU GLU A . n 
A 1 127 PRO 127 119 119 PRO PRO A . n 
A 1 128 MET 128 120 120 MET MET A . n 
A 1 129 THR 129 121 121 THR THR A . n 
A 1 130 GLU 130 122 122 GLU GLU A . n 
A 1 131 ARG 131 123 123 ARG ARG A . n 
A 1 132 PHE 132 124 124 PHE PHE A . n 
A 1 133 PHE 133 125 125 PHE PHE A . n 
A 1 134 GLU 134 126 126 GLU GLU A . n 
A 1 135 GLY 135 127 127 GLY GLY A . n 
A 1 136 ILE 136 128 128 ILE ILE A . n 
A 1 137 PRO 137 129 129 PRO PRO A . n 
A 1 138 GLY 138 130 130 GLY GLY A . n 
A 1 139 GLU 139 131 131 GLU GLU A . n 
A 1 140 GLY 140 132 132 GLY GLY A . n 
A 1 141 ALA 141 133 133 ALA ALA A . n 
A 1 142 PHE 142 134 134 PHE PHE A . n 
A 1 143 LEU 143 135 135 LEU LEU A . n 
A 1 144 ASN 144 136 136 ASN ASN A . n 
A 1 145 GLY 145 137 137 GLY GLY A . n 
A 1 146 LYS 146 138 138 LYS LYS A . n 
A 1 147 ARG 147 139 139 ARG ARG A . n 
A 1 148 ILE 148 140 140 ILE ILE A . n 
A 1 149 LYS 149 141 141 LYS LYS A . n 
A 1 150 VAL 150 142 142 VAL VAL A . n 
A 1 151 ARG 151 143 143 ARG ARG A . n 
A 1 152 LYS 152 144 144 LYS LYS A . n 
A 1 153 THR 153 145 ?   ?   ?   A . n 
A 1 154 PRO 154 146 ?   ?   ?   A . n 
A 1 155 ASP 155 147 ?   ?   ?   A . n 
A 1 156 GLU 156 148 ?   ?   ?   A . n 
A 1 157 LYS 157 149 ?   ?   ?   A . n 
A 1 158 PRO 158 150 ?   ?   ?   A . n 
A 1 159 SER 159 151 151 SER SER A . n 
A 1 160 ILE 160 152 152 ILE ILE A . n 
A 1 161 SER 161 153 153 SER SER A . n 
A 1 162 PHE 162 154 154 PHE PHE A . n 
A 1 163 TYR 163 155 155 TYR TYR A . n 
A 1 164 SER 164 156 156 SER SER A . n 
A 1 165 ARG 165 157 157 ARG ARG A . n 
A 1 166 GLY 166 158 158 GLY GLY A . n 
A 1 167 LYS 167 159 159 LYS LYS A . n 
A 1 168 GLY 168 160 160 GLY GLY A . n 
A 1 169 HIS 169 161 161 HIS HIS A . n 
A 1 170 GLU 170 162 162 GLU GLU A . n 
A 1 171 ILE 171 163 163 ILE ILE A . n 
A 1 172 VAL 172 164 164 VAL VAL A . n 
A 1 173 LYS 173 165 165 LYS LYS A . n 
A 1 174 HIS 174 166 166 HIS HIS A . n 
A 1 175 VAL 175 167 167 VAL VAL A . n 
A 1 176 LYS 176 168 168 LYS LYS A . n 
A 1 177 ARG 177 169 169 ARG ARG A . n 
A 1 178 THR 178 170 170 THR THR A . n 
A 1 179 ARG 179 171 171 ARG ARG A . n 
A 1 180 THR 180 172 172 THR THR A . n 
A 1 181 LEU 181 173 173 LEU LEU A . n 
A 1 182 GLY 182 174 174 GLY GLY A . n 
A 1 183 ALA 183 175 175 ALA ALA A . n 
A 1 184 ILE 184 176 176 ILE ILE A . n 
A 1 185 ALA 185 177 177 ALA ALA A . n 
A 1 186 LEU 186 178 178 LEU LEU A . n 
A 1 187 GLU 187 179 179 GLU GLU A . n 
A 1 188 LEU 188 180 180 LEU LEU A . n 
A 1 189 ALA 189 181 181 ALA ALA A . n 
A 1 190 TYR 190 182 182 TYR TYR A . n 
A 1 191 LEU 191 183 183 LEU LEU A . n 
A 1 192 ALA 192 184 184 ALA ALA A . n 
A 1 193 MET 193 185 185 MET MET A . n 
A 1 194 GLY 194 186 186 GLY GLY A . n 
A 1 195 ALA 195 187 187 ALA ALA A . n 
A 1 196 LEU 196 188 188 LEU LEU A . n 
A 1 197 ASP 197 189 189 ASP ASP A . n 
A 1 198 GLY 198 190 190 GLY GLY A . n 
A 1 199 VAL 199 191 191 VAL VAL A . n 
A 1 200 VAL 200 192 192 VAL VAL A . n 
A 1 201 ASP 201 193 193 ASP ASP A . n 
A 1 202 VAL 202 194 194 VAL VAL A . n 
A 1 203 ARG 203 195 195 ARG ARG A . n 
A 1 204 LYS 204 196 196 LYS LYS A . n 
A 1 205 TYR 205 197 197 TYR TYR A . n 
A 1 206 VAL 206 198 198 VAL VAL A . n 
A 1 207 ARG 207 199 199 ARG ARG A . n 
A 1 208 PRO 208 200 200 PRO PRO A . n 
A 1 209 THR 209 201 201 THR THR A . n 
A 1 210 ASP 210 202 202 ASP ASP A . n 
A 1 211 ILE 211 203 203 ILE ILE A . n 
A 1 212 ALA 212 204 204 ALA ALA A . n 
A 1 213 ALA 213 205 205 ALA ALA A . n 
A 1 214 GLY 214 206 206 GLY GLY A . n 
A 1 215 THR 215 207 207 THR THR A . n 
A 1 216 ILE 216 208 208 ILE ILE A . n 
A 1 217 ILE 217 209 209 ILE ILE A . n 
A 1 218 ALA 218 210 210 ALA ALA A . n 
A 1 219 LYS 219 211 211 LYS LYS A . n 
A 1 220 GLU 220 212 212 GLU GLU A . n 
A 1 221 ALA 221 213 213 ALA ALA A . n 
A 1 222 GLY 222 214 214 GLY GLY A . n 
A 1 223 ALA 223 215 215 ALA ALA A . n 
A 1 224 LEU 224 216 216 LEU LEU A . n 
A 1 225 ILE 225 217 217 ILE ILE A . n 
A 1 226 LYS 226 218 218 LYS LYS A . n 
A 1 227 ASP 227 219 219 ASP ASP A . n 
A 1 228 SER 228 220 220 SER SER A . n 
A 1 229 ALA 229 221 221 ALA ALA A . n 
A 1 230 GLY 230 222 222 GLY GLY A . n 
A 1 231 LYS 231 223 223 LYS LYS A . n 
A 1 232 ASP 232 224 224 ASP ASP A . n 
A 1 233 ILE 233 225 225 ILE ILE A . n 
A 1 234 ASP 234 226 226 ASP ASP A . n 
A 1 235 ILE 235 227 227 ILE ILE A . n 
A 1 236 SER 236 228 228 SER SER A . n 
A 1 237 PHE 237 229 229 PHE PHE A . n 
A 1 238 ASN 238 230 230 ASN ASN A . n 
A 1 239 ALA 239 231 231 ALA ALA A . n 
A 1 240 THR 240 232 232 THR THR A . n 
A 1 241 ASP 241 233 233 ASP ASP A . n 
A 1 242 ARG 242 234 234 ARG ARG A . n 
A 1 243 LEU 243 235 235 LEU LEU A . n 
A 1 244 ASP 244 236 236 ASP ASP A . n 
A 1 245 VAL 245 237 237 VAL VAL A . n 
A 1 246 ILE 246 238 238 ILE ILE A . n 
A 1 247 ALA 247 239 239 ALA ALA A . n 
A 1 248 VAL 248 240 240 VAL VAL A . n 
A 1 249 ASN 249 241 241 ASN ASN A . n 
A 1 250 SER 250 242 242 SER SER A . n 
A 1 251 GLU 251 243 243 GLU GLU A . n 
A 1 252 GLU 252 244 244 GLU GLU A . n 
A 1 253 LEU 253 245 245 LEU LEU A . n 
A 1 254 LEU 254 246 246 LEU LEU A . n 
A 1 255 LYS 255 247 247 LYS LYS A . n 
A 1 256 THR 256 248 248 THR THR A . n 
A 1 257 ILE 257 249 249 ILE ILE A . n 
A 1 258 LEU 258 250 250 LEU LEU A . n 
A 1 259 SER 259 251 ?   ?   ?   A . n 
A 1 260 LEU 260 252 ?   ?   ?   A . n 
A 1 261 LEU 261 253 ?   ?   ?   A . n 
A 1 262 GLU 262 254 ?   ?   ?   A . n 
# 
_pdbx_SG_project.id                    1 
_pdbx_SG_project.project_name          'PSI, Protein Structure Initiative' 
_pdbx_SG_project.full_name_of_center   'Southeast Collaboratory for Structural Genomics' 
_pdbx_SG_project.initial_of_center     SECSG 
# 
_pdbx_struct_assembly.id                   1 
_pdbx_struct_assembly.details              author_defined_assembly 
_pdbx_struct_assembly.method_details       ? 
_pdbx_struct_assembly.oligomeric_details   monomeric 
_pdbx_struct_assembly.oligomeric_count     1 
# 
_pdbx_struct_assembly_gen.assembly_id       1 
_pdbx_struct_assembly_gen.oper_expression   1 
_pdbx_struct_assembly_gen.asym_id_list      A 
# 
_pdbx_struct_oper_list.id                   1 
_pdbx_struct_oper_list.type                 'identity operation' 
_pdbx_struct_oper_list.name                 1_555 
_pdbx_struct_oper_list.symmetry_operation   x,y,z 
_pdbx_struct_oper_list.matrix[1][1]         1.0000000000 
_pdbx_struct_oper_list.matrix[1][2]         0.0000000000 
_pdbx_struct_oper_list.matrix[1][3]         0.0000000000 
_pdbx_struct_oper_list.vector[1]            0.0000000000 
_pdbx_struct_oper_list.matrix[2][1]         0.0000000000 
_pdbx_struct_oper_list.matrix[2][2]         1.0000000000 
_pdbx_struct_oper_list.matrix[2][3]         0.0000000000 
_pdbx_struct_oper_list.vector[2]            0.0000000000 
_pdbx_struct_oper_list.matrix[3][1]         0.0000000000 
_pdbx_struct_oper_list.matrix[3][2]         0.0000000000 
_pdbx_struct_oper_list.matrix[3][3]         1.0000000000 
_pdbx_struct_oper_list.vector[3]            0.0000000000 
# 
loop_
_pdbx_audit_revision_history.ordinal 
_pdbx_audit_revision_history.data_content_type 
_pdbx_audit_revision_history.major_revision 
_pdbx_audit_revision_history.minor_revision 
_pdbx_audit_revision_history.revision_date 
1 'Structure model' 1 0 2004-11-30 
2 'Structure model' 1 1 2008-04-30 
3 'Structure model' 1 2 2011-07-13 
4 'Structure model' 1 3 2017-10-11 
5 'Structure model' 1 4 2023-10-25 
# 
_pdbx_audit_revision_details.ordinal             1 
_pdbx_audit_revision_details.revision_ordinal    1 
_pdbx_audit_revision_details.data_content_type   'Structure model' 
_pdbx_audit_revision_details.provider            repository 
_pdbx_audit_revision_details.type                'Initial release' 
_pdbx_audit_revision_details.description         ? 
_pdbx_audit_revision_details.details             ? 
# 
loop_
_pdbx_audit_revision_group.ordinal 
_pdbx_audit_revision_group.revision_ordinal 
_pdbx_audit_revision_group.data_content_type 
_pdbx_audit_revision_group.group 
1 2 'Structure model' 'Version format compliance' 
2 3 'Structure model' 'Version format compliance' 
3 4 'Structure model' 'Refinement description'    
4 5 'Structure model' 'Data collection'           
5 5 'Structure model' 'Database references'       
6 5 'Structure model' 'Refinement description'    
# 
loop_
_pdbx_audit_revision_category.ordinal 
_pdbx_audit_revision_category.revision_ordinal 
_pdbx_audit_revision_category.data_content_type 
_pdbx_audit_revision_category.category 
1 4 'Structure model' software                      
2 5 'Structure model' chem_comp_atom                
3 5 'Structure model' chem_comp_bond                
4 5 'Structure model' database_2                    
5 5 'Structure model' pdbx_initial_refinement_model 
6 5 'Structure model' struct_ref_seq_dif            
# 
loop_
_pdbx_audit_revision_item.ordinal 
_pdbx_audit_revision_item.revision_ordinal 
_pdbx_audit_revision_item.data_content_type 
_pdbx_audit_revision_item.item 
1  4 'Structure model' '_software.classification'            
2  4 'Structure model' '_software.contact_author'            
3  4 'Structure model' '_software.contact_author_email'      
4  4 'Structure model' '_software.date'                      
5  4 'Structure model' '_software.language'                  
6  4 'Structure model' '_software.location'                  
7  4 'Structure model' '_software.name'                      
8  4 'Structure model' '_software.type'                      
9  4 'Structure model' '_software.version'                   
10 5 'Structure model' '_database_2.pdbx_DOI'                
11 5 'Structure model' '_database_2.pdbx_database_accession' 
12 5 'Structure model' '_struct_ref_seq_dif.details'         
# 
_phasing.method   mr 
# 
loop_
_software.name 
_software.version 
_software.date 
_software.type 
_software.contact_author 
_software.contact_author_email 
_software.classification 
_software.location 
_software.language 
_software.citation_id 
_software.pdbx_ordinal 
DENZO       .               ?          package 'Zbyszek Otwinowski' zbyszek@mix.swmed.edu    'data reduction'  
http://www.lnls.br/infra/linhasluz/denzo-hkl.htm ?       ? 1 
SCALEPACK   .               ?          package 'Zbyszek Otwinowski' zbyszek@mix.swmed.edu    'data scaling'    
http://www.lnls.br/infra/linhasluz/denzo-hkl.htm ?       ? 2 
REFMAC      refmac_5.2.0005 24/04/2001 program 'Murshudov, G.N.'    ccp4@dl.ac.uk            refinement        
http://www.ccp4.ac.uk/main.html                  Fortran ? 3 
PDB_EXTRACT 1.0             02/20/2004 program H.Yang               sw-help@rcsb.rutgers.edu 'data extraction' 
http://pdb.rutgers.edu/software/                 C/C++   ? 4 
MAR345      .               ?          ?       ?                    ?                        'data collection' ? ?       ? 5 
AMoRE       .               ?          ?       ?                    ?                        phasing           ? ?       ? 6 
# 
loop_
_pdbx_validate_torsion.id 
_pdbx_validate_torsion.PDB_model_num 
_pdbx_validate_torsion.auth_comp_id 
_pdbx_validate_torsion.auth_asym_id 
_pdbx_validate_torsion.auth_seq_id 
_pdbx_validate_torsion.PDB_ins_code 
_pdbx_validate_torsion.label_alt_id 
_pdbx_validate_torsion.phi 
_pdbx_validate_torsion.psi 
1  1 LYS A 4   ? ? -39.89  -38.55  
2  1 PRO A 97  ? ? -84.13  47.52   
3  1 LYS A 108 ? ? 64.84   -109.13 
4  1 GLU A 131 ? ? -152.16 -27.06  
5  1 LYS A 159 ? ? -46.24  179.36  
6  1 LYS A 165 ? ? -68.11  11.56   
7  1 LYS A 196 ? ? -119.55 56.96   
8  1 LYS A 218 ? ? -120.47 -166.66 
9  1 ALA A 221 ? ? -63.30  -79.24  
10 1 PHE A 229 ? ? -86.68  40.88   
# 
_pdbx_validate_peptide_omega.id               1 
_pdbx_validate_peptide_omega.PDB_model_num    1 
_pdbx_validate_peptide_omega.auth_comp_id_1   HIS 
_pdbx_validate_peptide_omega.auth_asym_id_1   A 
_pdbx_validate_peptide_omega.auth_seq_id_1    161 
_pdbx_validate_peptide_omega.PDB_ins_code_1   ? 
_pdbx_validate_peptide_omega.label_alt_id_1   ? 
_pdbx_validate_peptide_omega.auth_comp_id_2   GLU 
_pdbx_validate_peptide_omega.auth_asym_id_2   A 
_pdbx_validate_peptide_omega.auth_seq_id_2    162 
_pdbx_validate_peptide_omega.PDB_ins_code_2   ? 
_pdbx_validate_peptide_omega.label_alt_id_2   ? 
_pdbx_validate_peptide_omega.omega            136.59 
# 
loop_
_pdbx_unobs_or_zero_occ_atoms.id 
_pdbx_unobs_or_zero_occ_atoms.PDB_model_num 
_pdbx_unobs_or_zero_occ_atoms.polymer_flag 
_pdbx_unobs_or_zero_occ_atoms.occupancy_flag 
_pdbx_unobs_or_zero_occ_atoms.auth_asym_id 
_pdbx_unobs_or_zero_occ_atoms.auth_comp_id 
_pdbx_unobs_or_zero_occ_atoms.auth_seq_id 
_pdbx_unobs_or_zero_occ_atoms.PDB_ins_code 
_pdbx_unobs_or_zero_occ_atoms.auth_atom_id 
_pdbx_unobs_or_zero_occ_atoms.label_alt_id 
_pdbx_unobs_or_zero_occ_atoms.label_asym_id 
_pdbx_unobs_or_zero_occ_atoms.label_comp_id 
_pdbx_unobs_or_zero_occ_atoms.label_seq_id 
_pdbx_unobs_or_zero_occ_atoms.label_atom_id 
1   1 Y 1 A LYS 2   ? CD  ? A LYS 10  CD  
2   1 Y 1 A LYS 2   ? CE  ? A LYS 10  CE  
3   1 Y 1 A LYS 2   ? NZ  ? A LYS 10  NZ  
4   1 Y 1 A LYS 4   ? CD  ? A LYS 12  CD  
5   1 Y 1 A LYS 4   ? CE  ? A LYS 12  CE  
6   1 Y 1 A LYS 4   ? NZ  ? A LYS 12  NZ  
7   1 Y 1 A GLU 8   ? CG  ? A GLU 16  CG  
8   1 Y 1 A GLU 8   ? CD  ? A GLU 16  CD  
9   1 Y 1 A GLU 8   ? OE1 ? A GLU 16  OE1 
10  1 Y 1 A GLU 8   ? OE2 ? A GLU 16  OE2 
11  1 Y 1 A LYS 32  ? CE  ? A LYS 40  CE  
12  1 Y 1 A LYS 32  ? NZ  ? A LYS 40  NZ  
13  1 Y 1 A LYS 44  ? CE  ? A LYS 52  CE  
14  1 Y 1 A LYS 44  ? NZ  ? A LYS 52  NZ  
15  1 Y 1 A LYS 48  ? NZ  ? A LYS 56  NZ  
16  1 Y 1 A GLU 51  ? OE1 ? A GLU 59  OE1 
17  1 Y 1 A GLU 51  ? OE2 ? A GLU 59  OE2 
18  1 Y 1 A ILE 58  ? CD1 ? A ILE 66  CD1 
19  1 Y 1 A GLU 68  ? OE1 ? A GLU 76  OE1 
20  1 Y 1 A GLU 76  ? CB  ? A GLU 84  CB  
21  1 Y 1 A GLU 76  ? CG  ? A GLU 84  CG  
22  1 Y 1 A GLU 76  ? CD  ? A GLU 84  CD  
23  1 Y 1 A GLU 76  ? OE1 ? A GLU 84  OE1 
24  1 Y 1 A GLU 76  ? OE2 ? A GLU 84  OE2 
25  1 Y 1 A LEU 101 ? CG  ? A LEU 109 CG  
26  1 Y 1 A LEU 101 ? CD1 ? A LEU 109 CD1 
27  1 Y 1 A LEU 101 ? CD2 ? A LEU 109 CD2 
28  1 Y 1 A LYS 110 ? CG  ? A LYS 118 CG  
29  1 Y 1 A LYS 110 ? CD  ? A LYS 118 CD  
30  1 Y 1 A LYS 110 ? CE  ? A LYS 118 CE  
31  1 Y 1 A LYS 110 ? NZ  ? A LYS 118 NZ  
32  1 Y 1 A LYS 138 ? CD  ? A LYS 146 CD  
33  1 Y 1 A LYS 138 ? CE  ? A LYS 146 CE  
34  1 Y 1 A LYS 138 ? NZ  ? A LYS 146 NZ  
35  1 Y 1 A ARG 139 ? CG  ? A ARG 147 CG  
36  1 Y 1 A ARG 139 ? CD  ? A ARG 147 CD  
37  1 Y 1 A ARG 139 ? NE  ? A ARG 147 NE  
38  1 Y 1 A ARG 139 ? CZ  ? A ARG 147 CZ  
39  1 Y 1 A ARG 139 ? NH1 ? A ARG 147 NH1 
40  1 Y 1 A ARG 139 ? NH2 ? A ARG 147 NH2 
41  1 Y 1 A LYS 141 ? CG  ? A LYS 149 CG  
42  1 Y 1 A LYS 141 ? CD  ? A LYS 149 CD  
43  1 Y 1 A LYS 141 ? CE  ? A LYS 149 CE  
44  1 Y 1 A LYS 141 ? NZ  ? A LYS 149 NZ  
45  1 Y 1 A LYS 144 ? CG  ? A LYS 152 CG  
46  1 Y 1 A LYS 144 ? CD  ? A LYS 152 CD  
47  1 Y 1 A LYS 144 ? CE  ? A LYS 152 CE  
48  1 Y 1 A LYS 144 ? NZ  ? A LYS 152 NZ  
49  1 Y 1 A ARG 157 ? CG  ? A ARG 165 CG  
50  1 Y 1 A ARG 157 ? CD  ? A ARG 165 CD  
51  1 Y 1 A ARG 157 ? NE  ? A ARG 165 NE  
52  1 Y 1 A ARG 157 ? CZ  ? A ARG 165 CZ  
53  1 Y 1 A ARG 157 ? NH1 ? A ARG 165 NH1 
54  1 Y 1 A ARG 157 ? NH2 ? A ARG 165 NH2 
55  1 Y 1 A LYS 159 ? CG  ? A LYS 167 CG  
56  1 Y 1 A LYS 159 ? CD  ? A LYS 167 CD  
57  1 Y 1 A LYS 159 ? CE  ? A LYS 167 CE  
58  1 Y 1 A LYS 159 ? NZ  ? A LYS 167 NZ  
59  1 Y 1 A HIS 161 ? CG  ? A HIS 169 CG  
60  1 Y 1 A HIS 161 ? ND1 ? A HIS 169 ND1 
61  1 Y 1 A HIS 161 ? CD2 ? A HIS 169 CD2 
62  1 Y 1 A HIS 161 ? CE1 ? A HIS 169 CE1 
63  1 Y 1 A HIS 161 ? NE2 ? A HIS 169 NE2 
64  1 Y 1 A GLU 162 ? CG  ? A GLU 170 CG  
65  1 Y 1 A GLU 162 ? CD  ? A GLU 170 CD  
66  1 Y 1 A GLU 162 ? OE1 ? A GLU 170 OE1 
67  1 Y 1 A GLU 162 ? OE2 ? A GLU 170 OE2 
68  1 Y 1 A ILE 163 ? CD1 ? A ILE 171 CD1 
69  1 Y 1 A LYS 165 ? CG  ? A LYS 173 CG  
70  1 Y 1 A LYS 165 ? CD  ? A LYS 173 CD  
71  1 Y 1 A LYS 165 ? CE  ? A LYS 173 CE  
72  1 Y 1 A LYS 165 ? NZ  ? A LYS 173 NZ  
73  1 Y 1 A HIS 166 ? CG  ? A HIS 174 CG  
74  1 Y 1 A HIS 166 ? ND1 ? A HIS 174 ND1 
75  1 Y 1 A HIS 166 ? CD2 ? A HIS 174 CD2 
76  1 Y 1 A HIS 166 ? CE1 ? A HIS 174 CE1 
77  1 Y 1 A HIS 166 ? NE2 ? A HIS 174 NE2 
78  1 Y 1 A VAL 167 ? CG2 ? A VAL 175 CG2 
79  1 Y 1 A LYS 168 ? CG  ? A LYS 176 CG  
80  1 Y 1 A LYS 168 ? CD  ? A LYS 176 CD  
81  1 Y 1 A LYS 168 ? CE  ? A LYS 176 CE  
82  1 Y 1 A LYS 168 ? NZ  ? A LYS 176 NZ  
83  1 Y 1 A ALA 177 ? CB  ? A ALA 185 CB  
84  1 Y 1 A LYS 196 ? CG  ? A LYS 204 CG  
85  1 Y 1 A LYS 196 ? CD  ? A LYS 204 CD  
86  1 Y 1 A LYS 196 ? CE  ? A LYS 204 CE  
87  1 Y 1 A LYS 196 ? NZ  ? A LYS 204 NZ  
88  1 Y 1 A TYR 197 ? CG  ? A TYR 205 CG  
89  1 Y 1 A TYR 197 ? CD1 ? A TYR 205 CD1 
90  1 Y 1 A TYR 197 ? CD2 ? A TYR 205 CD2 
91  1 Y 1 A TYR 197 ? CE1 ? A TYR 205 CE1 
92  1 Y 1 A TYR 197 ? CE2 ? A TYR 205 CE2 
93  1 Y 1 A TYR 197 ? CZ  ? A TYR 205 CZ  
94  1 Y 1 A TYR 197 ? OH  ? A TYR 205 OH  
95  1 Y 1 A THR 207 ? CG2 ? A THR 215 CG2 
96  1 Y 1 A LYS 211 ? CG  ? A LYS 219 CG  
97  1 Y 1 A LYS 211 ? CD  ? A LYS 219 CD  
98  1 Y 1 A LYS 211 ? CE  ? A LYS 219 CE  
99  1 Y 1 A LYS 211 ? NZ  ? A LYS 219 NZ  
100 1 Y 1 A ALA 215 ? CB  ? A ALA 223 CB  
101 1 Y 1 A LYS 218 ? CG  ? A LYS 226 CG  
102 1 Y 1 A LYS 218 ? CD  ? A LYS 226 CD  
103 1 Y 1 A LYS 218 ? CE  ? A LYS 226 CE  
104 1 Y 1 A LYS 218 ? NZ  ? A LYS 226 NZ  
105 1 Y 1 A LYS 223 ? CB  ? A LYS 231 CB  
106 1 Y 1 A LYS 223 ? CG  ? A LYS 231 CG  
107 1 Y 1 A LYS 223 ? CD  ? A LYS 231 CD  
108 1 Y 1 A LYS 223 ? CE  ? A LYS 231 CE  
109 1 Y 1 A LYS 223 ? NZ  ? A LYS 231 NZ  
110 1 Y 1 A ILE 225 ? CD1 ? A ILE 233 CD1 
111 1 Y 1 A ASP 226 ? OD1 ? A ASP 234 OD1 
112 1 Y 1 A ARG 234 ? NE  ? A ARG 242 NE  
113 1 Y 1 A ARG 234 ? CZ  ? A ARG 242 CZ  
114 1 Y 1 A ARG 234 ? NH1 ? A ARG 242 NH1 
115 1 Y 1 A ARG 234 ? NH2 ? A ARG 242 NH2 
116 1 Y 1 A GLU 244 ? CG  ? A GLU 252 CG  
117 1 Y 1 A GLU 244 ? CD  ? A GLU 252 CD  
118 1 Y 1 A GLU 244 ? OE1 ? A GLU 252 OE1 
119 1 Y 1 A GLU 244 ? OE2 ? A GLU 252 OE2 
120 1 Y 1 A LYS 247 ? CG  ? A LYS 255 CG  
121 1 Y 1 A LYS 247 ? CD  ? A LYS 255 CD  
122 1 Y 1 A LYS 247 ? CE  ? A LYS 255 CE  
123 1 Y 1 A LYS 247 ? NZ  ? A LYS 255 NZ  
# 
loop_
_pdbx_unobs_or_zero_occ_residues.id 
_pdbx_unobs_or_zero_occ_residues.PDB_model_num 
_pdbx_unobs_or_zero_occ_residues.polymer_flag 
_pdbx_unobs_or_zero_occ_residues.occupancy_flag 
_pdbx_unobs_or_zero_occ_residues.auth_asym_id 
_pdbx_unobs_or_zero_occ_residues.auth_comp_id 
_pdbx_unobs_or_zero_occ_residues.auth_seq_id 
_pdbx_unobs_or_zero_occ_residues.PDB_ins_code 
_pdbx_unobs_or_zero_occ_residues.label_asym_id 
_pdbx_unobs_or_zero_occ_residues.label_comp_id 
_pdbx_unobs_or_zero_occ_residues.label_seq_id 
1  1 Y 1 A ALA -7  ? A ALA 1   
2  1 Y 1 A HIS -6  ? A HIS 2   
3  1 Y 1 A HIS -5  ? A HIS 3   
4  1 Y 1 A HIS -4  ? A HIS 4   
5  1 Y 1 A HIS -3  ? A HIS 5   
6  1 Y 1 A HIS -2  ? A HIS 6   
7  1 Y 1 A HIS -1  ? A HIS 7   
8  1 Y 1 A GLY 0   ? A GLY 8   
9  1 Y 1 A SER 1   ? A SER 9   
10 1 Y 1 A LYS 35  ? A LYS 43  
11 1 Y 1 A ILE 36  ? A ILE 44  
12 1 Y 1 A SER 37  ? A SER 45  
13 1 Y 1 A PRO 38  ? A PRO 46  
14 1 Y 1 A SER 39  ? A SER 47  
15 1 Y 1 A GLY 40  ? A GLY 48  
16 1 Y 1 A ASP 41  ? A ASP 49  
17 1 Y 1 A GLU 42  ? A GLU 50  
18 1 Y 1 A THR 43  ? A THR 51  
19 1 Y 1 A THR 145 ? A THR 153 
20 1 Y 1 A PRO 146 ? A PRO 154 
21 1 Y 1 A ASP 147 ? A ASP 155 
22 1 Y 1 A GLU 148 ? A GLU 156 
23 1 Y 1 A LYS 149 ? A LYS 157 
24 1 Y 1 A PRO 150 ? A PRO 158 
25 1 Y 1 A SER 251 ? A SER 259 
26 1 Y 1 A LEU 252 ? A LEU 260 
27 1 Y 1 A LEU 253 ? A LEU 261 
28 1 Y 1 A GLU 254 ? A GLU 262 
# 
loop_
_chem_comp_atom.comp_id 
_chem_comp_atom.atom_id 
_chem_comp_atom.type_symbol 
_chem_comp_atom.pdbx_aromatic_flag 
_chem_comp_atom.pdbx_stereo_config 
_chem_comp_atom.pdbx_ordinal 
ALA N    N N N 1   
ALA CA   C N S 2   
ALA C    C N N 3   
ALA O    O N N 4   
ALA CB   C N N 5   
ALA OXT  O N N 6   
ALA H    H N N 7   
ALA H2   H N N 8   
ALA HA   H N N 9   
ALA HB1  H N N 10  
ALA HB2  H N N 11  
ALA HB3  H N N 12  
ALA HXT  H N N 13  
ARG N    N N N 14  
ARG CA   C N S 15  
ARG C    C N N 16  
ARG O    O N N 17  
ARG CB   C N N 18  
ARG CG   C N N 19  
ARG CD   C N N 20  
ARG NE   N N N 21  
ARG CZ   C N N 22  
ARG NH1  N N N 23  
ARG NH2  N N N 24  
ARG OXT  O N N 25  
ARG H    H N N 26  
ARG H2   H N N 27  
ARG HA   H N N 28  
ARG HB2  H N N 29  
ARG HB3  H N N 30  
ARG HG2  H N N 31  
ARG HG3  H N N 32  
ARG HD2  H N N 33  
ARG HD3  H N N 34  
ARG HE   H N N 35  
ARG HH11 H N N 36  
ARG HH12 H N N 37  
ARG HH21 H N N 38  
ARG HH22 H N N 39  
ARG HXT  H N N 40  
ASN N    N N N 41  
ASN CA   C N S 42  
ASN C    C N N 43  
ASN O    O N N 44  
ASN CB   C N N 45  
ASN CG   C N N 46  
ASN OD1  O N N 47  
ASN ND2  N N N 48  
ASN OXT  O N N 49  
ASN H    H N N 50  
ASN H2   H N N 51  
ASN HA   H N N 52  
ASN HB2  H N N 53  
ASN HB3  H N N 54  
ASN HD21 H N N 55  
ASN HD22 H N N 56  
ASN HXT  H N N 57  
ASP N    N N N 58  
ASP CA   C N S 59  
ASP C    C N N 60  
ASP O    O N N 61  
ASP CB   C N N 62  
ASP CG   C N N 63  
ASP OD1  O N N 64  
ASP OD2  O N N 65  
ASP OXT  O N N 66  
ASP H    H N N 67  
ASP H2   H N N 68  
ASP HA   H N N 69  
ASP HB2  H N N 70  
ASP HB3  H N N 71  
ASP HD2  H N N 72  
ASP HXT  H N N 73  
GLU N    N N N 74  
GLU CA   C N S 75  
GLU C    C N N 76  
GLU O    O N N 77  
GLU CB   C N N 78  
GLU CG   C N N 79  
GLU CD   C N N 80  
GLU OE1  O N N 81  
GLU OE2  O N N 82  
GLU OXT  O N N 83  
GLU H    H N N 84  
GLU H2   H N N 85  
GLU HA   H N N 86  
GLU HB2  H N N 87  
GLU HB3  H N N 88  
GLU HG2  H N N 89  
GLU HG3  H N N 90  
GLU HE2  H N N 91  
GLU HXT  H N N 92  
GLY N    N N N 93  
GLY CA   C N N 94  
GLY C    C N N 95  
GLY O    O N N 96  
GLY OXT  O N N 97  
GLY H    H N N 98  
GLY H2   H N N 99  
GLY HA2  H N N 100 
GLY HA3  H N N 101 
GLY HXT  H N N 102 
HIS N    N N N 103 
HIS CA   C N S 104 
HIS C    C N N 105 
HIS O    O N N 106 
HIS CB   C N N 107 
HIS CG   C Y N 108 
HIS ND1  N Y N 109 
HIS CD2  C Y N 110 
HIS CE1  C Y N 111 
HIS NE2  N Y N 112 
HIS OXT  O N N 113 
HIS H    H N N 114 
HIS H2   H N N 115 
HIS HA   H N N 116 
HIS HB2  H N N 117 
HIS HB3  H N N 118 
HIS HD1  H N N 119 
HIS HD2  H N N 120 
HIS HE1  H N N 121 
HIS HE2  H N N 122 
HIS HXT  H N N 123 
ILE N    N N N 124 
ILE CA   C N S 125 
ILE C    C N N 126 
ILE O    O N N 127 
ILE CB   C N S 128 
ILE CG1  C N N 129 
ILE CG2  C N N 130 
ILE CD1  C N N 131 
ILE OXT  O N N 132 
ILE H    H N N 133 
ILE H2   H N N 134 
ILE HA   H N N 135 
ILE HB   H N N 136 
ILE HG12 H N N 137 
ILE HG13 H N N 138 
ILE HG21 H N N 139 
ILE HG22 H N N 140 
ILE HG23 H N N 141 
ILE HD11 H N N 142 
ILE HD12 H N N 143 
ILE HD13 H N N 144 
ILE HXT  H N N 145 
LEU N    N N N 146 
LEU CA   C N S 147 
LEU C    C N N 148 
LEU O    O N N 149 
LEU CB   C N N 150 
LEU CG   C N N 151 
LEU CD1  C N N 152 
LEU CD2  C N N 153 
LEU OXT  O N N 154 
LEU H    H N N 155 
LEU H2   H N N 156 
LEU HA   H N N 157 
LEU HB2  H N N 158 
LEU HB3  H N N 159 
LEU HG   H N N 160 
LEU HD11 H N N 161 
LEU HD12 H N N 162 
LEU HD13 H N N 163 
LEU HD21 H N N 164 
LEU HD22 H N N 165 
LEU HD23 H N N 166 
LEU HXT  H N N 167 
LYS N    N N N 168 
LYS CA   C N S 169 
LYS C    C N N 170 
LYS O    O N N 171 
LYS CB   C N N 172 
LYS CG   C N N 173 
LYS CD   C N N 174 
LYS CE   C N N 175 
LYS NZ   N N N 176 
LYS OXT  O N N 177 
LYS H    H N N 178 
LYS H2   H N N 179 
LYS HA   H N N 180 
LYS HB2  H N N 181 
LYS HB3  H N N 182 
LYS HG2  H N N 183 
LYS HG3  H N N 184 
LYS HD2  H N N 185 
LYS HD3  H N N 186 
LYS HE2  H N N 187 
LYS HE3  H N N 188 
LYS HZ1  H N N 189 
LYS HZ2  H N N 190 
LYS HZ3  H N N 191 
LYS HXT  H N N 192 
MET N    N N N 193 
MET CA   C N S 194 
MET C    C N N 195 
MET O    O N N 196 
MET CB   C N N 197 
MET CG   C N N 198 
MET SD   S N N 199 
MET CE   C N N 200 
MET OXT  O N N 201 
MET H    H N N 202 
MET H2   H N N 203 
MET HA   H N N 204 
MET HB2  H N N 205 
MET HB3  H N N 206 
MET HG2  H N N 207 
MET HG3  H N N 208 
MET HE1  H N N 209 
MET HE2  H N N 210 
MET HE3  H N N 211 
MET HXT  H N N 212 
PHE N    N N N 213 
PHE CA   C N S 214 
PHE C    C N N 215 
PHE O    O N N 216 
PHE CB   C N N 217 
PHE CG   C Y N 218 
PHE CD1  C Y N 219 
PHE CD2  C Y N 220 
PHE CE1  C Y N 221 
PHE CE2  C Y N 222 
PHE CZ   C Y N 223 
PHE OXT  O N N 224 
PHE H    H N N 225 
PHE H2   H N N 226 
PHE HA   H N N 227 
PHE HB2  H N N 228 
PHE HB3  H N N 229 
PHE HD1  H N N 230 
PHE HD2  H N N 231 
PHE HE1  H N N 232 
PHE HE2  H N N 233 
PHE HZ   H N N 234 
PHE HXT  H N N 235 
PRO N    N N N 236 
PRO CA   C N S 237 
PRO C    C N N 238 
PRO O    O N N 239 
PRO CB   C N N 240 
PRO CG   C N N 241 
PRO CD   C N N 242 
PRO OXT  O N N 243 
PRO H    H N N 244 
PRO HA   H N N 245 
PRO HB2  H N N 246 
PRO HB3  H N N 247 
PRO HG2  H N N 248 
PRO HG3  H N N 249 
PRO HD2  H N N 250 
PRO HD3  H N N 251 
PRO HXT  H N N 252 
SER N    N N N 253 
SER CA   C N S 254 
SER C    C N N 255 
SER O    O N N 256 
SER CB   C N N 257 
SER OG   O N N 258 
SER OXT  O N N 259 
SER H    H N N 260 
SER H2   H N N 261 
SER HA   H N N 262 
SER HB2  H N N 263 
SER HB3  H N N 264 
SER HG   H N N 265 
SER HXT  H N N 266 
THR N    N N N 267 
THR CA   C N S 268 
THR C    C N N 269 
THR O    O N N 270 
THR CB   C N R 271 
THR OG1  O N N 272 
THR CG2  C N N 273 
THR OXT  O N N 274 
THR H    H N N 275 
THR H2   H N N 276 
THR HA   H N N 277 
THR HB   H N N 278 
THR HG1  H N N 279 
THR HG21 H N N 280 
THR HG22 H N N 281 
THR HG23 H N N 282 
THR HXT  H N N 283 
TRP N    N N N 284 
TRP CA   C N S 285 
TRP C    C N N 286 
TRP O    O N N 287 
TRP CB   C N N 288 
TRP CG   C Y N 289 
TRP CD1  C Y N 290 
TRP CD2  C Y N 291 
TRP NE1  N Y N 292 
TRP CE2  C Y N 293 
TRP CE3  C Y N 294 
TRP CZ2  C Y N 295 
TRP CZ3  C Y N 296 
TRP CH2  C Y N 297 
TRP OXT  O N N 298 
TRP H    H N N 299 
TRP H2   H N N 300 
TRP HA   H N N 301 
TRP HB2  H N N 302 
TRP HB3  H N N 303 
TRP HD1  H N N 304 
TRP HE1  H N N 305 
TRP HE3  H N N 306 
TRP HZ2  H N N 307 
TRP HZ3  H N N 308 
TRP HH2  H N N 309 
TRP HXT  H N N 310 
TYR N    N N N 311 
TYR CA   C N S 312 
TYR C    C N N 313 
TYR O    O N N 314 
TYR CB   C N N 315 
TYR CG   C Y N 316 
TYR CD1  C Y N 317 
TYR CD2  C Y N 318 
TYR CE1  C Y N 319 
TYR CE2  C Y N 320 
TYR CZ   C Y N 321 
TYR OH   O N N 322 
TYR OXT  O N N 323 
TYR H    H N N 324 
TYR H2   H N N 325 
TYR HA   H N N 326 
TYR HB2  H N N 327 
TYR HB3  H N N 328 
TYR HD1  H N N 329 
TYR HD2  H N N 330 
TYR HE1  H N N 331 
TYR HE2  H N N 332 
TYR HH   H N N 333 
TYR HXT  H N N 334 
VAL N    N N N 335 
VAL CA   C N S 336 
VAL C    C N N 337 
VAL O    O N N 338 
VAL CB   C N N 339 
VAL CG1  C N N 340 
VAL CG2  C N N 341 
VAL OXT  O N N 342 
VAL H    H N N 343 
VAL H2   H N N 344 
VAL HA   H N N 345 
VAL HB   H N N 346 
VAL HG11 H N N 347 
VAL HG12 H N N 348 
VAL HG13 H N N 349 
VAL HG21 H N N 350 
VAL HG22 H N N 351 
VAL HG23 H N N 352 
VAL HXT  H N N 353 
# 
loop_
_chem_comp_bond.comp_id 
_chem_comp_bond.atom_id_1 
_chem_comp_bond.atom_id_2 
_chem_comp_bond.value_order 
_chem_comp_bond.pdbx_aromatic_flag 
_chem_comp_bond.pdbx_stereo_config 
_chem_comp_bond.pdbx_ordinal 
ALA N   CA   sing N N 1   
ALA N   H    sing N N 2   
ALA N   H2   sing N N 3   
ALA CA  C    sing N N 4   
ALA CA  CB   sing N N 5   
ALA CA  HA   sing N N 6   
ALA C   O    doub N N 7   
ALA C   OXT  sing N N 8   
ALA CB  HB1  sing N N 9   
ALA CB  HB2  sing N N 10  
ALA CB  HB3  sing N N 11  
ALA OXT HXT  sing N N 12  
ARG N   CA   sing N N 13  
ARG N   H    sing N N 14  
ARG N   H2   sing N N 15  
ARG CA  C    sing N N 16  
ARG CA  CB   sing N N 17  
ARG CA  HA   sing N N 18  
ARG C   O    doub N N 19  
ARG C   OXT  sing N N 20  
ARG CB  CG   sing N N 21  
ARG CB  HB2  sing N N 22  
ARG CB  HB3  sing N N 23  
ARG CG  CD   sing N N 24  
ARG CG  HG2  sing N N 25  
ARG CG  HG3  sing N N 26  
ARG CD  NE   sing N N 27  
ARG CD  HD2  sing N N 28  
ARG CD  HD3  sing N N 29  
ARG NE  CZ   sing N N 30  
ARG NE  HE   sing N N 31  
ARG CZ  NH1  sing N N 32  
ARG CZ  NH2  doub N N 33  
ARG NH1 HH11 sing N N 34  
ARG NH1 HH12 sing N N 35  
ARG NH2 HH21 sing N N 36  
ARG NH2 HH22 sing N N 37  
ARG OXT HXT  sing N N 38  
ASN N   CA   sing N N 39  
ASN N   H    sing N N 40  
ASN N   H2   sing N N 41  
ASN CA  C    sing N N 42  
ASN CA  CB   sing N N 43  
ASN CA  HA   sing N N 44  
ASN C   O    doub N N 45  
ASN C   OXT  sing N N 46  
ASN CB  CG   sing N N 47  
ASN CB  HB2  sing N N 48  
ASN CB  HB3  sing N N 49  
ASN CG  OD1  doub N N 50  
ASN CG  ND2  sing N N 51  
ASN ND2 HD21 sing N N 52  
ASN ND2 HD22 sing N N 53  
ASN OXT HXT  sing N N 54  
ASP N   CA   sing N N 55  
ASP N   H    sing N N 56  
ASP N   H2   sing N N 57  
ASP CA  C    sing N N 58  
ASP CA  CB   sing N N 59  
ASP CA  HA   sing N N 60  
ASP C   O    doub N N 61  
ASP C   OXT  sing N N 62  
ASP CB  CG   sing N N 63  
ASP CB  HB2  sing N N 64  
ASP CB  HB3  sing N N 65  
ASP CG  OD1  doub N N 66  
ASP CG  OD2  sing N N 67  
ASP OD2 HD2  sing N N 68  
ASP OXT HXT  sing N N 69  
GLU N   CA   sing N N 70  
GLU N   H    sing N N 71  
GLU N   H2   sing N N 72  
GLU CA  C    sing N N 73  
GLU CA  CB   sing N N 74  
GLU CA  HA   sing N N 75  
GLU C   O    doub N N 76  
GLU C   OXT  sing N N 77  
GLU CB  CG   sing N N 78  
GLU CB  HB2  sing N N 79  
GLU CB  HB3  sing N N 80  
GLU CG  CD   sing N N 81  
GLU CG  HG2  sing N N 82  
GLU CG  HG3  sing N N 83  
GLU CD  OE1  doub N N 84  
GLU CD  OE2  sing N N 85  
GLU OE2 HE2  sing N N 86  
GLU OXT HXT  sing N N 87  
GLY N   CA   sing N N 88  
GLY N   H    sing N N 89  
GLY N   H2   sing N N 90  
GLY CA  C    sing N N 91  
GLY CA  HA2  sing N N 92  
GLY CA  HA3  sing N N 93  
GLY C   O    doub N N 94  
GLY C   OXT  sing N N 95  
GLY OXT HXT  sing N N 96  
HIS N   CA   sing N N 97  
HIS N   H    sing N N 98  
HIS N   H2   sing N N 99  
HIS CA  C    sing N N 100 
HIS CA  CB   sing N N 101 
HIS CA  HA   sing N N 102 
HIS C   O    doub N N 103 
HIS C   OXT  sing N N 104 
HIS CB  CG   sing N N 105 
HIS CB  HB2  sing N N 106 
HIS CB  HB3  sing N N 107 
HIS CG  ND1  sing Y N 108 
HIS CG  CD2  doub Y N 109 
HIS ND1 CE1  doub Y N 110 
HIS ND1 HD1  sing N N 111 
HIS CD2 NE2  sing Y N 112 
HIS CD2 HD2  sing N N 113 
HIS CE1 NE2  sing Y N 114 
HIS CE1 HE1  sing N N 115 
HIS NE2 HE2  sing N N 116 
HIS OXT HXT  sing N N 117 
ILE N   CA   sing N N 118 
ILE N   H    sing N N 119 
ILE N   H2   sing N N 120 
ILE CA  C    sing N N 121 
ILE CA  CB   sing N N 122 
ILE CA  HA   sing N N 123 
ILE C   O    doub N N 124 
ILE C   OXT  sing N N 125 
ILE CB  CG1  sing N N 126 
ILE CB  CG2  sing N N 127 
ILE CB  HB   sing N N 128 
ILE CG1 CD1  sing N N 129 
ILE CG1 HG12 sing N N 130 
ILE CG1 HG13 sing N N 131 
ILE CG2 HG21 sing N N 132 
ILE CG2 HG22 sing N N 133 
ILE CG2 HG23 sing N N 134 
ILE CD1 HD11 sing N N 135 
ILE CD1 HD12 sing N N 136 
ILE CD1 HD13 sing N N 137 
ILE OXT HXT  sing N N 138 
LEU N   CA   sing N N 139 
LEU N   H    sing N N 140 
LEU N   H2   sing N N 141 
LEU CA  C    sing N N 142 
LEU CA  CB   sing N N 143 
LEU CA  HA   sing N N 144 
LEU C   O    doub N N 145 
LEU C   OXT  sing N N 146 
LEU CB  CG   sing N N 147 
LEU CB  HB2  sing N N 148 
LEU CB  HB3  sing N N 149 
LEU CG  CD1  sing N N 150 
LEU CG  CD2  sing N N 151 
LEU CG  HG   sing N N 152 
LEU CD1 HD11 sing N N 153 
LEU CD1 HD12 sing N N 154 
LEU CD1 HD13 sing N N 155 
LEU CD2 HD21 sing N N 156 
LEU CD2 HD22 sing N N 157 
LEU CD2 HD23 sing N N 158 
LEU OXT HXT  sing N N 159 
LYS N   CA   sing N N 160 
LYS N   H    sing N N 161 
LYS N   H2   sing N N 162 
LYS CA  C    sing N N 163 
LYS CA  CB   sing N N 164 
LYS CA  HA   sing N N 165 
LYS C   O    doub N N 166 
LYS C   OXT  sing N N 167 
LYS CB  CG   sing N N 168 
LYS CB  HB2  sing N N 169 
LYS CB  HB3  sing N N 170 
LYS CG  CD   sing N N 171 
LYS CG  HG2  sing N N 172 
LYS CG  HG3  sing N N 173 
LYS CD  CE   sing N N 174 
LYS CD  HD2  sing N N 175 
LYS CD  HD3  sing N N 176 
LYS CE  NZ   sing N N 177 
LYS CE  HE2  sing N N 178 
LYS CE  HE3  sing N N 179 
LYS NZ  HZ1  sing N N 180 
LYS NZ  HZ2  sing N N 181 
LYS NZ  HZ3  sing N N 182 
LYS OXT HXT  sing N N 183 
MET N   CA   sing N N 184 
MET N   H    sing N N 185 
MET N   H2   sing N N 186 
MET CA  C    sing N N 187 
MET CA  CB   sing N N 188 
MET CA  HA   sing N N 189 
MET C   O    doub N N 190 
MET C   OXT  sing N N 191 
MET CB  CG   sing N N 192 
MET CB  HB2  sing N N 193 
MET CB  HB3  sing N N 194 
MET CG  SD   sing N N 195 
MET CG  HG2  sing N N 196 
MET CG  HG3  sing N N 197 
MET SD  CE   sing N N 198 
MET CE  HE1  sing N N 199 
MET CE  HE2  sing N N 200 
MET CE  HE3  sing N N 201 
MET OXT HXT  sing N N 202 
PHE N   CA   sing N N 203 
PHE N   H    sing N N 204 
PHE N   H2   sing N N 205 
PHE CA  C    sing N N 206 
PHE CA  CB   sing N N 207 
PHE CA  HA   sing N N 208 
PHE C   O    doub N N 209 
PHE C   OXT  sing N N 210 
PHE CB  CG   sing N N 211 
PHE CB  HB2  sing N N 212 
PHE CB  HB3  sing N N 213 
PHE CG  CD1  doub Y N 214 
PHE CG  CD2  sing Y N 215 
PHE CD1 CE1  sing Y N 216 
PHE CD1 HD1  sing N N 217 
PHE CD2 CE2  doub Y N 218 
PHE CD2 HD2  sing N N 219 
PHE CE1 CZ   doub Y N 220 
PHE CE1 HE1  sing N N 221 
PHE CE2 CZ   sing Y N 222 
PHE CE2 HE2  sing N N 223 
PHE CZ  HZ   sing N N 224 
PHE OXT HXT  sing N N 225 
PRO N   CA   sing N N 226 
PRO N   CD   sing N N 227 
PRO N   H    sing N N 228 
PRO CA  C    sing N N 229 
PRO CA  CB   sing N N 230 
PRO CA  HA   sing N N 231 
PRO C   O    doub N N 232 
PRO C   OXT  sing N N 233 
PRO CB  CG   sing N N 234 
PRO CB  HB2  sing N N 235 
PRO CB  HB3  sing N N 236 
PRO CG  CD   sing N N 237 
PRO CG  HG2  sing N N 238 
PRO CG  HG3  sing N N 239 
PRO CD  HD2  sing N N 240 
PRO CD  HD3  sing N N 241 
PRO OXT HXT  sing N N 242 
SER N   CA   sing N N 243 
SER N   H    sing N N 244 
SER N   H2   sing N N 245 
SER CA  C    sing N N 246 
SER CA  CB   sing N N 247 
SER CA  HA   sing N N 248 
SER C   O    doub N N 249 
SER C   OXT  sing N N 250 
SER CB  OG   sing N N 251 
SER CB  HB2  sing N N 252 
SER CB  HB3  sing N N 253 
SER OG  HG   sing N N 254 
SER OXT HXT  sing N N 255 
THR N   CA   sing N N 256 
THR N   H    sing N N 257 
THR N   H2   sing N N 258 
THR CA  C    sing N N 259 
THR CA  CB   sing N N 260 
THR CA  HA   sing N N 261 
THR C   O    doub N N 262 
THR C   OXT  sing N N 263 
THR CB  OG1  sing N N 264 
THR CB  CG2  sing N N 265 
THR CB  HB   sing N N 266 
THR OG1 HG1  sing N N 267 
THR CG2 HG21 sing N N 268 
THR CG2 HG22 sing N N 269 
THR CG2 HG23 sing N N 270 
THR OXT HXT  sing N N 271 
TRP N   CA   sing N N 272 
TRP N   H    sing N N 273 
TRP N   H2   sing N N 274 
TRP CA  C    sing N N 275 
TRP CA  CB   sing N N 276 
TRP CA  HA   sing N N 277 
TRP C   O    doub N N 278 
TRP C   OXT  sing N N 279 
TRP CB  CG   sing N N 280 
TRP CB  HB2  sing N N 281 
TRP CB  HB3  sing N N 282 
TRP CG  CD1  doub Y N 283 
TRP CG  CD2  sing Y N 284 
TRP CD1 NE1  sing Y N 285 
TRP CD1 HD1  sing N N 286 
TRP CD2 CE2  doub Y N 287 
TRP CD2 CE3  sing Y N 288 
TRP NE1 CE2  sing Y N 289 
TRP NE1 HE1  sing N N 290 
TRP CE2 CZ2  sing Y N 291 
TRP CE3 CZ3  doub Y N 292 
TRP CE3 HE3  sing N N 293 
TRP CZ2 CH2  doub Y N 294 
TRP CZ2 HZ2  sing N N 295 
TRP CZ3 CH2  sing Y N 296 
TRP CZ3 HZ3  sing N N 297 
TRP CH2 HH2  sing N N 298 
TRP OXT HXT  sing N N 299 
TYR N   CA   sing N N 300 
TYR N   H    sing N N 301 
TYR N   H2   sing N N 302 
TYR CA  C    sing N N 303 
TYR CA  CB   sing N N 304 
TYR CA  HA   sing N N 305 
TYR C   O    doub N N 306 
TYR C   OXT  sing N N 307 
TYR CB  CG   sing N N 308 
TYR CB  HB2  sing N N 309 
TYR CB  HB3  sing N N 310 
TYR CG  CD1  doub Y N 311 
TYR CG  CD2  sing Y N 312 
TYR CD1 CE1  sing Y N 313 
TYR CD1 HD1  sing N N 314 
TYR CD2 CE2  doub Y N 315 
TYR CD2 HD2  sing N N 316 
TYR CE1 CZ   doub Y N 317 
TYR CE1 HE1  sing N N 318 
TYR CE2 CZ   sing Y N 319 
TYR CE2 HE2  sing N N 320 
TYR CZ  OH   sing N N 321 
TYR OH  HH   sing N N 322 
TYR OXT HXT  sing N N 323 
VAL N   CA   sing N N 324 
VAL N   H    sing N N 325 
VAL N   H2   sing N N 326 
VAL CA  C    sing N N 327 
VAL CA  CB   sing N N 328 
VAL CA  HA   sing N N 329 
VAL C   O    doub N N 330 
VAL C   OXT  sing N N 331 
VAL CB  CG1  sing N N 332 
VAL CB  CG2  sing N N 333 
VAL CB  HB   sing N N 334 
VAL CG1 HG11 sing N N 335 
VAL CG1 HG12 sing N N 336 
VAL CG1 HG13 sing N N 337 
VAL CG2 HG21 sing N N 338 
VAL CG2 HG22 sing N N 339 
VAL CG2 HG23 sing N N 340 
VAL OXT HXT  sing N N 341 
# 
_pdbx_initial_refinement_model.id               1 
_pdbx_initial_refinement_model.entity_id_list   ? 
_pdbx_initial_refinement_model.type             'experimental model' 
_pdbx_initial_refinement_model.source_name      PDB 
_pdbx_initial_refinement_model.accession_code   1DK4 
_pdbx_initial_refinement_model.details          'PDB entry 1DK4' 
# 
